data_6J75
#
_entry.id   6J75
#
_cell.length_a   103.390
_cell.length_b   132.355
_cell.length_c   159.337
_cell.angle_alpha   90.00
_cell.angle_beta   90.00
_cell.angle_gamma   90.00
#
_symmetry.space_group_name_H-M   'P 21 21 21'
#
loop_
_entity.id
_entity.type
_entity.pdbx_description
1 polymer 'Aldehyde dehydrogenase A'
2 water water
#
_entity_poly.entity_id   1
_entity_poly.type   'polypeptide(L)'
_entity_poly.pdbx_seq_one_letter_code
;MKQYQMYVGGEWIDASNGQTEPVVSPINEEVLAYIQDADASDAERVLAVATTAQKEWAKQPARQRAEVLRKFAQLIRDNK
QYLAELLVKEQGKLLKVALGEVEATSTFIEYACDWARQMDGDIVKSDNANEQIMIHKIPRGVVVAITAWNFPLALAGRKI
GPALVAGNSIVVKPTSETPLATLELGYLAEQAGIPAGVLNIVTGGGRTLGNELVGHRMTNMVSMTGSTPAGQSIIRASAN
NMAHVQLELGGKAPFIVMEDADLEQAAAAALHSRFDNCGQVCTCNERMYVHGAVYDEFMRIFMGKVEAIKVGDPMDPASD
MGPKVNANELAHMEELVAEAVDEGATVLFGGKKLEGPEFEKGFWFEPTVLTNVTQDMTIVHEESFGPILPVIKFDSFDEV
IEYANDSDYGLAAMICTQNMHYINRLLTELESGEIYVNRGHGEQHQGFHNGYKLSGTGGEDGKYGFEQYLEKKTFYINYN
LEHHHHHH
;
_entity_poly.pdbx_strand_id   A,B,C,D
#
# COMPACT_ATOMS: atom_id res chain seq x y z
N GLN A 3 12.28 20.63 -43.03
CA GLN A 3 13.51 20.22 -42.36
C GLN A 3 13.36 20.31 -40.86
N TYR A 4 13.03 19.20 -40.22
CA TYR A 4 12.82 19.25 -38.79
C TYR A 4 14.14 19.47 -38.07
N GLN A 5 14.04 20.02 -36.88
CA GLN A 5 15.18 20.18 -36.01
C GLN A 5 14.98 19.35 -34.75
N MET A 6 15.82 19.55 -33.77
CA MET A 6 15.66 18.85 -32.52
C MET A 6 15.14 19.84 -31.50
N TYR A 7 14.36 19.36 -30.54
CA TYR A 7 13.84 20.20 -29.47
C TYR A 7 14.67 20.04 -28.20
N VAL A 8 15.57 20.98 -27.96
CA VAL A 8 16.52 20.86 -26.88
C VAL A 8 16.57 22.12 -26.03
N GLY A 9 16.30 22.00 -24.74
CA GLY A 9 16.40 23.12 -23.82
C GLY A 9 15.54 24.29 -24.22
N GLY A 10 14.36 24.00 -24.75
CA GLY A 10 13.44 25.04 -25.14
C GLY A 10 13.67 25.61 -26.52
N GLU A 11 14.76 25.23 -27.16
CA GLU A 11 15.07 25.73 -28.50
C GLU A 11 14.94 24.64 -29.56
N TRP A 12 14.87 25.06 -30.82
CA TRP A 12 15.02 24.15 -31.93
C TRP A 12 16.40 24.33 -32.54
N ILE A 13 17.12 23.22 -32.67
CA ILE A 13 18.52 23.23 -33.06
C ILE A 13 18.86 22.12 -34.05
N ASP A 14 20.04 22.24 -34.65
CA ASP A 14 20.52 21.22 -35.57
C ASP A 14 21.45 20.27 -34.86
N ALA A 15 21.49 19.04 -35.33
CA ALA A 15 22.59 18.15 -35.00
C ALA A 15 23.91 18.84 -35.32
N SER A 16 24.87 18.79 -34.41
CA SER A 16 26.13 19.47 -34.63
C SER A 16 26.95 18.80 -35.73
N ASN A 17 26.68 17.53 -35.99
CA ASN A 17 27.37 16.82 -37.06
C ASN A 17 26.80 17.19 -38.44
N GLY A 18 25.77 18.04 -38.44
CA GLY A 18 25.15 18.55 -39.64
C GLY A 18 24.49 17.53 -40.54
N GLN A 19 24.23 16.34 -40.03
CA GLN A 19 23.66 15.28 -40.87
C GLN A 19 22.14 15.28 -40.86
N THR A 20 21.55 14.98 -42.02
CA THR A 20 20.11 14.87 -42.12
C THR A 20 19.71 13.57 -42.78
N GLU A 21 18.40 13.33 -42.86
CA GLU A 21 17.87 12.04 -43.25
C GLU A 21 16.41 12.19 -43.61
N PRO A 22 15.95 11.55 -44.70
CA PRO A 22 14.53 11.61 -45.05
C PRO A 22 13.69 10.73 -44.15
N VAL A 23 12.41 11.06 -44.02
CA VAL A 23 11.47 10.16 -43.39
C VAL A 23 10.52 9.72 -44.48
N VAL A 24 10.42 8.42 -44.70
CA VAL A 24 9.71 7.96 -45.87
C VAL A 24 8.42 7.27 -45.47
N SER A 25 7.33 7.55 -46.21
CA SER A 25 6.05 6.92 -45.95
C SER A 25 5.94 5.51 -46.51
N PRO A 26 5.52 4.56 -45.67
CA PRO A 26 5.37 3.16 -46.09
C PRO A 26 4.19 2.95 -47.03
N ILE A 27 3.31 3.95 -47.12
CA ILE A 27 2.14 3.85 -47.98
C ILE A 27 2.52 3.90 -49.45
N ASN A 28 3.36 4.87 -49.80
CA ASN A 28 3.68 5.15 -51.20
C ASN A 28 5.13 5.59 -51.42
N GLU A 29 5.94 5.53 -50.37
CA GLU A 29 7.37 5.78 -50.44
C GLU A 29 7.75 7.24 -50.70
N GLU A 30 6.79 8.15 -50.62
CA GLU A 30 7.12 9.57 -50.75
C GLU A 30 7.89 10.06 -49.52
N VAL A 31 8.74 11.05 -49.73
CA VAL A 31 9.44 11.69 -48.63
C VAL A 31 8.54 12.71 -47.99
N LEU A 32 8.29 12.54 -46.69
CA LEU A 32 7.39 13.39 -45.95
C LEU A 32 8.09 14.64 -45.42
N ALA A 33 9.35 14.46 -45.03
CA ALA A 33 10.19 15.54 -44.52
C ALA A 33 11.60 15.05 -44.24
N TYR A 34 12.41 15.95 -43.72
CA TYR A 34 13.78 15.62 -43.35
C TYR A 34 13.99 15.85 -41.84
N ILE A 35 14.78 14.98 -41.21
CA ILE A 35 15.11 15.11 -39.79
C ILE A 35 16.61 15.19 -39.57
N GLN A 36 17.03 15.67 -38.39
CA GLN A 36 18.43 15.65 -38.02
C GLN A 36 18.84 14.21 -37.82
N ASP A 37 20.11 13.90 -38.07
CA ASP A 37 20.63 12.57 -37.82
C ASP A 37 21.86 12.73 -36.94
N ALA A 38 21.62 13.08 -35.68
CA ALA A 38 22.70 13.39 -34.75
C ALA A 38 23.46 12.13 -34.37
N ASP A 39 24.68 12.32 -33.86
CA ASP A 39 25.47 11.23 -33.32
C ASP A 39 25.84 11.53 -31.88
N ALA A 40 26.89 10.89 -31.37
CA ALA A 40 27.15 10.92 -29.94
C ALA A 40 27.68 12.25 -29.46
N SER A 41 27.98 13.15 -30.39
CA SER A 41 28.55 14.43 -29.98
C SER A 41 27.50 15.34 -29.37
N ASP A 42 26.23 15.01 -29.59
CA ASP A 42 25.13 15.86 -29.11
C ASP A 42 24.55 15.36 -27.79
N ALA A 43 25.05 14.25 -27.28
CA ALA A 43 24.52 13.68 -26.04
C ALA A 43 24.76 14.55 -24.81
N GLU A 44 26.01 14.84 -24.50
CA GLU A 44 26.38 15.66 -23.36
C GLU A 44 25.55 16.92 -23.25
N ARG A 45 25.29 17.54 -24.40
CA ARG A 45 24.67 18.85 -24.43
C ARG A 45 23.21 18.82 -24.02
N VAL A 46 22.46 17.87 -24.59
CA VAL A 46 21.04 17.77 -24.29
C VAL A 46 20.85 17.20 -22.89
N LEU A 47 21.69 16.25 -22.49
CA LEU A 47 21.60 15.69 -21.14
C LEU A 47 21.93 16.75 -20.11
N ALA A 48 22.82 17.68 -20.47
CA ALA A 48 23.20 18.74 -19.55
C ALA A 48 22.05 19.73 -19.31
N VAL A 49 21.29 20.06 -20.34
CA VAL A 49 20.17 20.98 -20.16
C VAL A 49 19.07 20.26 -19.40
N ALA A 50 18.89 18.97 -19.63
CA ALA A 50 17.91 18.18 -18.89
C ALA A 50 18.25 18.13 -17.41
N THR A 51 19.52 17.89 -17.11
CA THR A 51 19.97 17.86 -15.74
C THR A 51 19.70 19.18 -15.03
N THR A 52 20.00 20.28 -15.70
CA THR A 52 19.81 21.60 -15.12
C THR A 52 18.33 21.96 -14.94
N ALA A 53 17.50 21.67 -15.94
CA ALA A 53 16.09 21.99 -15.86
C ALA A 53 15.39 21.15 -14.80
N GLN A 54 15.92 19.95 -14.57
CA GLN A 54 15.36 19.02 -13.62
C GLN A 54 15.50 19.48 -12.17
N LYS A 55 16.57 20.22 -11.86
CA LYS A 55 16.78 20.69 -10.50
C LYS A 55 15.62 21.56 -10.02
N GLU A 56 15.15 22.45 -10.88
CA GLU A 56 14.08 23.35 -10.50
C GLU A 56 12.71 22.69 -10.68
N TRP A 57 12.61 21.84 -11.70
CA TRP A 57 11.38 21.13 -11.96
C TRP A 57 11.04 20.21 -10.79
N ALA A 58 12.06 19.58 -10.21
CA ALA A 58 11.86 18.68 -9.08
C ALA A 58 11.36 19.40 -7.85
N LYS A 59 11.72 20.67 -7.70
CA LYS A 59 11.37 21.39 -6.48
C LYS A 59 9.96 21.99 -6.49
N GLN A 60 9.30 21.95 -7.64
CA GLN A 60 7.89 22.28 -7.76
C GLN A 60 7.05 21.26 -7.02
N PRO A 61 5.98 21.69 -6.34
CA PRO A 61 5.02 20.72 -5.82
C PRO A 61 4.46 19.86 -6.93
N ALA A 62 4.36 18.57 -6.71
CA ALA A 62 3.86 17.64 -7.71
C ALA A 62 2.51 18.05 -8.29
N ARG A 63 1.67 18.66 -7.47
CA ARG A 63 0.36 19.15 -7.89
C ARG A 63 0.52 20.14 -9.05
N GLN A 64 1.59 20.92 -9.02
CA GLN A 64 1.82 21.94 -10.03
C GLN A 64 2.40 21.34 -11.30
N ARG A 65 3.18 20.28 -11.15
CA ARG A 65 3.72 19.59 -12.30
C ARG A 65 2.59 18.91 -13.05
N ALA A 66 1.65 18.32 -12.32
CA ALA A 66 0.52 17.67 -12.96
C ALA A 66 -0.37 18.68 -13.68
N GLU A 67 -0.47 19.88 -13.12
CA GLU A 67 -1.24 20.92 -13.75
C GLU A 67 -0.68 21.24 -15.14
N VAL A 68 0.63 21.40 -15.22
CA VAL A 68 1.27 21.66 -16.49
C VAL A 68 1.05 20.51 -17.49
N LEU A 69 1.15 19.28 -17.02
CA LEU A 69 1.11 18.16 -17.94
C LEU A 69 -0.28 17.84 -18.39
N ARG A 70 -1.28 18.18 -17.59
CA ARG A 70 -2.66 18.01 -18.00
C ARG A 70 -2.98 18.95 -19.15
N LYS A 71 -2.50 20.19 -19.06
CA LYS A 71 -2.51 21.15 -20.19
C LYS A 71 -1.83 20.61 -21.45
N PHE A 72 -0.64 20.02 -21.27
CA PHE A 72 0.08 19.37 -22.35
C PHE A 72 -0.77 18.30 -22.99
N ALA A 73 -1.42 17.49 -22.15
CA ALA A 73 -2.23 16.37 -22.62
C ALA A 73 -3.39 16.85 -23.45
N GLN A 74 -3.98 17.98 -23.07
CA GLN A 74 -5.16 18.46 -23.76
C GLN A 74 -4.80 19.08 -25.09
N LEU A 75 -3.65 19.76 -25.15
CA LEU A 75 -3.15 20.34 -26.40
C LEU A 75 -2.94 19.25 -27.45
N ILE A 76 -2.47 18.10 -27.02
CA ILE A 76 -2.30 16.96 -27.90
C ILE A 76 -3.65 16.56 -28.47
N ARG A 77 -4.63 16.42 -27.60
CA ARG A 77 -5.99 16.08 -28.02
C ARG A 77 -6.59 17.16 -28.95
N ASP A 78 -6.27 18.42 -28.71
CA ASP A 78 -6.70 19.50 -29.57
C ASP A 78 -6.20 19.26 -30.99
N ASN A 79 -4.98 18.76 -31.11
CA ASN A 79 -4.38 18.59 -32.41
C ASN A 79 -4.42 17.17 -32.88
N LYS A 80 -5.39 16.42 -32.36
CA LYS A 80 -5.59 15.02 -32.66
C LYS A 80 -5.65 14.72 -34.16
N GLN A 81 -6.39 15.51 -34.92
CA GLN A 81 -6.61 15.16 -36.32
C GLN A 81 -5.34 15.31 -37.11
N TYR A 82 -4.55 16.33 -36.78
CA TYR A 82 -3.30 16.59 -37.47
C TYR A 82 -2.27 15.52 -37.18
N LEU A 83 -2.16 15.16 -35.91
CA LEU A 83 -1.17 14.21 -35.42
C LEU A 83 -1.48 12.83 -35.90
N ALA A 84 -2.76 12.51 -36.02
CA ALA A 84 -3.17 11.17 -36.42
C ALA A 84 -2.88 10.94 -37.89
N GLU A 85 -3.12 11.95 -38.71
CA GLU A 85 -2.87 11.81 -40.15
C GLU A 85 -1.37 11.79 -40.43
N LEU A 86 -0.62 12.49 -39.61
CA LEU A 86 0.83 12.48 -39.70
C LEU A 86 1.38 11.08 -39.35
N LEU A 87 0.77 10.44 -38.35
CA LEU A 87 1.13 9.07 -38.02
C LEU A 87 0.76 8.11 -39.12
N VAL A 88 -0.40 8.31 -39.73
CA VAL A 88 -0.84 7.41 -40.79
C VAL A 88 0.16 7.46 -41.94
N LYS A 89 0.62 8.66 -42.27
CA LYS A 89 1.57 8.81 -43.37
C LYS A 89 2.97 8.28 -43.05
N GLU A 90 3.52 8.60 -41.87
CA GLU A 90 4.90 8.21 -41.57
C GLU A 90 5.04 6.75 -41.13
N GLN A 91 3.98 6.17 -40.58
CA GLN A 91 4.09 4.82 -40.03
C GLN A 91 3.16 3.83 -40.71
N GLY A 92 1.99 4.29 -41.16
CA GLY A 92 1.14 3.48 -42.01
C GLY A 92 -0.01 2.74 -41.37
N LYS A 93 -0.35 3.11 -40.14
CA LYS A 93 -1.50 2.53 -39.47
C LYS A 93 -2.77 3.14 -39.98
N LEU A 94 -3.86 2.39 -39.88
CA LEU A 94 -5.19 2.89 -40.24
C LEU A 94 -5.50 4.20 -39.52
N LEU A 95 -6.28 5.05 -40.15
CA LEU A 95 -6.60 6.33 -39.54
C LEU A 95 -7.30 6.16 -38.20
N LYS A 96 -8.29 5.28 -38.11
CA LYS A 96 -9.05 5.11 -36.87
C LYS A 96 -8.14 4.62 -35.75
N VAL A 97 -7.12 3.85 -36.12
CA VAL A 97 -6.14 3.34 -35.17
C VAL A 97 -5.17 4.43 -34.74
N ALA A 98 -4.95 5.41 -35.61
CA ALA A 98 -4.02 6.48 -35.30
C ALA A 98 -4.66 7.44 -34.33
N LEU A 99 -5.94 7.68 -34.54
CA LEU A 99 -6.73 8.51 -33.63
C LEU A 99 -6.74 7.88 -32.24
N GLY A 100 -6.85 6.56 -32.19
CA GLY A 100 -6.70 5.85 -30.94
C GLY A 100 -5.36 6.04 -30.28
N GLU A 101 -4.30 6.10 -31.10
CA GLU A 101 -2.96 6.30 -30.57
C GLU A 101 -2.76 7.72 -30.04
N VAL A 102 -3.28 8.71 -30.73
CA VAL A 102 -3.11 10.06 -30.23
C VAL A 102 -3.89 10.21 -28.91
N GLU A 103 -5.08 9.64 -28.87
CA GLU A 103 -5.87 9.71 -27.65
C GLU A 103 -5.15 9.01 -26.50
N ALA A 104 -4.52 7.87 -26.80
CA ALA A 104 -3.76 7.12 -25.82
C ALA A 104 -2.52 7.88 -25.37
N THR A 105 -2.00 8.74 -26.23
CA THR A 105 -0.88 9.57 -25.86
C THR A 105 -1.31 10.54 -24.78
N SER A 106 -2.51 11.07 -24.92
CA SER A 106 -3.04 12.01 -23.95
C SER A 106 -3.46 11.32 -22.66
N THR A 107 -4.07 10.15 -22.77
CA THR A 107 -4.53 9.46 -21.58
C THR A 107 -3.37 8.91 -20.77
N PHE A 108 -2.29 8.51 -21.43
CA PHE A 108 -1.08 8.08 -20.73
C PHE A 108 -0.55 9.17 -19.80
N ILE A 109 -0.52 10.41 -20.29
CA ILE A 109 -0.06 11.54 -19.49
C ILE A 109 -1.08 11.89 -18.41
N GLU A 110 -2.35 11.70 -18.73
CA GLU A 110 -3.40 12.00 -17.78
C GLU A 110 -3.42 10.97 -16.66
N TYR A 111 -3.30 9.69 -17.00
CA TYR A 111 -3.20 8.66 -15.97
C TYR A 111 -2.01 8.86 -15.03
N ALA A 112 -0.91 9.40 -15.53
CA ALA A 112 0.22 9.63 -14.64
C ALA A 112 -0.05 10.83 -13.72
N CYS A 113 -0.76 11.82 -14.24
CA CYS A 113 -1.13 13.00 -13.47
C CYS A 113 -2.04 12.67 -12.29
N ASP A 114 -2.77 11.56 -12.38
CA ASP A 114 -3.56 11.08 -11.25
C ASP A 114 -2.69 10.65 -10.09
N TRP A 115 -1.41 10.42 -10.34
CA TRP A 115 -0.53 9.88 -9.31
C TRP A 115 0.21 10.97 -8.57
N ALA A 116 0.04 12.19 -8.98
CA ALA A 116 0.72 13.31 -8.37
C ALA A 116 0.77 13.44 -6.87
N ARG A 117 -0.35 13.32 -6.18
CA ARG A 117 -0.35 13.50 -4.77
C ARG A 117 -0.47 12.21 -4.05
N GLN A 118 0.07 11.19 -4.66
CA GLN A 118 0.04 9.85 -4.21
C GLN A 118 1.37 9.20 -4.43
N MET A 119 2.43 9.93 -4.23
CA MET A 119 3.75 9.41 -4.38
C MET A 119 4.24 9.26 -2.98
N ASP A 120 3.48 8.53 -2.22
CA ASP A 120 3.73 8.34 -0.83
C ASP A 120 4.97 7.66 -0.42
N GLY A 121 5.65 8.22 0.56
CA GLY A 121 6.81 7.56 1.12
C GLY A 121 6.37 6.88 2.41
N ASP A 122 7.25 6.14 3.07
CA ASP A 122 6.86 5.38 4.24
C ASP A 122 7.52 5.86 5.52
N ILE A 123 6.73 5.91 6.58
CA ILE A 123 7.23 6.10 7.93
C ILE A 123 7.32 4.74 8.62
N VAL A 124 8.51 4.33 8.99
CA VAL A 124 8.71 2.96 9.39
C VAL A 124 9.07 2.91 10.86
N LYS A 125 8.58 1.88 11.56
CA LYS A 125 8.78 1.81 12.99
C LYS A 125 10.18 1.31 13.30
N SER A 126 10.92 2.09 14.07
CA SER A 126 12.30 1.78 14.42
C SER A 126 12.38 0.84 15.62
N ASP A 127 13.46 0.07 15.70
CA ASP A 127 13.71 -0.81 16.83
C ASP A 127 14.24 -0.03 18.01
N ASN A 128 14.63 1.21 17.76
CA ASN A 128 15.17 2.07 18.80
C ASN A 128 14.18 3.13 19.25
N ALA A 129 14.10 3.34 20.55
CA ALA A 129 13.24 4.39 21.08
C ALA A 129 13.74 5.76 20.62
N ASN A 130 12.80 6.68 20.46
CA ASN A 130 13.09 8.03 19.99
C ASN A 130 13.89 8.06 18.70
N GLU A 131 13.42 7.29 17.73
CA GLU A 131 14.02 7.27 16.42
C GLU A 131 12.92 7.15 15.38
N GLN A 132 13.08 7.91 14.30
CA GLN A 132 12.18 7.79 13.17
C GLN A 132 12.91 7.20 11.99
N ILE A 133 12.23 6.36 11.23
CA ILE A 133 12.78 5.92 9.97
C ILE A 133 11.88 6.46 8.87
N MET A 134 12.48 7.10 7.87
CA MET A 134 11.72 7.76 6.82
C MET A 134 12.17 7.28 5.48
N ILE A 135 11.32 6.58 4.74
CA ILE A 135 11.62 6.29 3.35
C ILE A 135 10.85 7.24 2.42
N HIS A 136 11.53 8.25 1.91
CA HIS A 136 10.91 9.22 1.01
C HIS A 136 10.92 8.71 -0.42
N LYS A 137 10.02 9.23 -1.25
CA LYS A 137 10.10 9.01 -2.70
C LYS A 137 10.56 10.28 -3.38
N ILE A 138 11.59 10.21 -4.21
CA ILE A 138 12.07 11.38 -4.93
C ILE A 138 12.31 11.06 -6.41
N PRO A 139 12.57 12.10 -7.23
CA PRO A 139 12.88 11.76 -8.62
C PRO A 139 14.27 11.15 -8.77
N ARG A 140 14.46 10.34 -9.81
CA ARG A 140 15.78 9.84 -10.16
C ARG A 140 16.68 10.96 -10.67
N GLY A 141 16.23 11.63 -11.72
CA GLY A 141 16.93 12.77 -12.26
C GLY A 141 16.55 12.95 -13.72
N VAL A 142 17.33 12.33 -14.60
CA VAL A 142 17.09 12.44 -16.02
C VAL A 142 16.77 11.08 -16.63
N VAL A 143 15.64 11.00 -17.30
CA VAL A 143 15.20 9.79 -17.96
C VAL A 143 15.46 9.90 -19.46
N VAL A 144 16.01 8.85 -20.06
CA VAL A 144 16.11 8.78 -21.50
C VAL A 144 15.05 7.81 -22.03
N ALA A 145 14.25 8.24 -22.99
CA ALA A 145 13.19 7.41 -23.55
C ALA A 145 13.47 7.05 -25.00
N ILE A 146 13.45 5.77 -25.31
CA ILE A 146 13.65 5.30 -26.66
C ILE A 146 12.34 4.73 -27.14
N THR A 147 11.85 5.16 -28.28
CA THR A 147 10.54 4.69 -28.69
C THR A 147 10.59 3.99 -30.04
N ALA A 148 9.65 3.08 -30.27
CA ALA A 148 9.70 2.24 -31.45
C ALA A 148 8.75 2.72 -32.52
N TRP A 149 8.79 2.09 -33.68
CA TRP A 149 7.97 2.54 -34.79
C TRP A 149 6.60 1.89 -34.87
N ASN A 150 6.25 1.05 -33.89
CA ASN A 150 4.93 0.42 -33.93
C ASN A 150 3.86 1.41 -33.50
N PHE A 151 4.13 2.10 -32.40
CA PHE A 151 3.27 3.15 -31.89
C PHE A 151 4.09 4.28 -31.33
N PRO A 152 4.85 4.98 -32.18
CA PRO A 152 5.85 5.94 -31.70
C PRO A 152 5.28 7.00 -30.79
N LEU A 153 4.13 7.59 -31.12
CA LEU A 153 3.59 8.69 -30.33
C LEU A 153 3.03 8.25 -28.98
N ALA A 154 2.30 7.14 -28.94
CA ALA A 154 1.78 6.64 -27.67
C ALA A 154 2.91 6.23 -26.75
N LEU A 155 3.99 5.69 -27.32
CA LEU A 155 5.13 5.26 -26.54
C LEU A 155 5.81 6.44 -25.87
N ALA A 156 5.83 7.57 -26.54
CA ALA A 156 6.32 8.80 -25.95
C ALA A 156 5.43 9.22 -24.77
N GLY A 157 4.12 9.17 -24.96
CA GLY A 157 3.22 9.56 -23.88
C GLY A 157 3.37 8.66 -22.68
N ARG A 158 3.49 7.37 -22.94
CA ARG A 158 3.62 6.34 -21.93
C ARG A 158 4.79 6.58 -20.99
N LYS A 159 5.79 7.30 -21.46
CA LYS A 159 7.01 7.51 -20.69
C LYS A 159 7.14 8.94 -20.22
N ILE A 160 6.77 9.89 -21.07
CA ILE A 160 6.82 11.32 -20.71
C ILE A 160 5.98 11.59 -19.46
N GLY A 161 4.74 11.12 -19.50
CA GLY A 161 3.84 11.26 -18.37
C GLY A 161 4.41 10.91 -17.01
N PRO A 162 4.64 9.62 -16.76
CA PRO A 162 5.25 9.19 -15.50
C PRO A 162 6.57 9.90 -15.16
N ALA A 163 7.45 10.07 -16.14
CA ALA A 163 8.76 10.64 -15.85
C ALA A 163 8.61 12.04 -15.34
N LEU A 164 7.75 12.82 -15.97
CA LEU A 164 7.66 14.23 -15.68
C LEU A 164 6.86 14.47 -14.38
N VAL A 165 5.73 13.80 -14.22
CA VAL A 165 4.95 13.96 -13.00
C VAL A 165 5.79 13.64 -11.76
N ALA A 166 6.60 12.60 -11.86
CA ALA A 166 7.47 12.16 -10.78
C ALA A 166 8.56 13.16 -10.46
N GLY A 167 8.78 14.12 -11.36
CA GLY A 167 9.74 15.17 -11.07
C GLY A 167 11.06 15.05 -11.79
N ASN A 168 11.15 14.12 -12.73
CA ASN A 168 12.30 14.00 -13.61
C ASN A 168 12.18 14.94 -14.82
N SER A 169 13.29 15.17 -15.51
CA SER A 169 13.21 15.67 -16.87
C SER A 169 13.46 14.48 -17.81
N ILE A 170 13.12 14.65 -19.08
CA ILE A 170 13.24 13.54 -20.01
C ILE A 170 13.94 13.97 -21.30
N VAL A 171 14.64 13.02 -21.91
CA VAL A 171 15.16 13.13 -23.26
C VAL A 171 14.56 12.00 -24.08
N VAL A 172 13.71 12.33 -25.05
CA VAL A 172 13.06 11.29 -25.86
C VAL A 172 13.77 11.14 -27.20
N LYS A 173 14.19 9.93 -27.53
CA LYS A 173 14.72 9.68 -28.87
C LYS A 173 13.81 8.77 -29.67
N PRO A 174 12.88 9.35 -30.43
CA PRO A 174 12.00 8.51 -31.23
C PRO A 174 12.80 7.83 -32.33
N THR A 175 12.43 6.61 -32.73
CA THR A 175 13.09 5.96 -33.85
C THR A 175 13.10 6.88 -35.05
N SER A 176 14.14 6.79 -35.88
CA SER A 176 14.26 7.67 -37.03
C SER A 176 13.28 7.28 -38.13
N GLU A 177 12.84 6.03 -38.08
CA GLU A 177 11.84 5.51 -39.00
C GLU A 177 10.51 6.26 -38.94
N THR A 178 10.10 6.66 -37.74
CA THR A 178 8.81 7.34 -37.55
C THR A 178 8.82 8.41 -36.45
N PRO A 179 9.50 9.55 -36.68
CA PRO A 179 9.70 10.52 -35.61
C PRO A 179 8.84 11.77 -35.66
N LEU A 180 8.08 11.98 -36.72
CA LEU A 180 7.55 13.32 -36.99
C LEU A 180 6.47 13.76 -36.01
N ALA A 181 5.46 12.92 -35.81
CA ALA A 181 4.42 13.20 -34.84
C ALA A 181 5.04 13.42 -33.46
N THR A 182 6.12 12.71 -33.17
CA THR A 182 6.76 12.85 -31.88
C THR A 182 7.44 14.22 -31.77
N LEU A 183 8.10 14.65 -32.85
CA LEU A 183 8.78 15.94 -32.88
C LEU A 183 7.77 17.08 -32.76
N GLU A 184 6.57 16.85 -33.29
CA GLU A 184 5.50 17.82 -33.18
C GLU A 184 5.05 18.06 -31.73
N LEU A 185 5.35 17.15 -30.82
CA LEU A 185 5.09 17.39 -29.40
C LEU A 185 5.93 18.54 -28.88
N GLY A 186 7.10 18.74 -29.46
CA GLY A 186 7.98 19.81 -29.03
C GLY A 186 7.27 21.13 -28.97
N TYR A 187 6.50 21.44 -30.02
CA TYR A 187 5.73 22.68 -30.09
C TYR A 187 4.65 22.69 -29.03
N LEU A 188 4.01 21.55 -28.84
CA LEU A 188 2.91 21.43 -27.89
C LEU A 188 3.42 21.60 -26.48
N ALA A 189 4.65 21.17 -26.24
CA ALA A 189 5.28 21.35 -24.95
C ALA A 189 5.44 22.83 -24.61
N GLU A 190 5.79 23.64 -25.60
CA GLU A 190 5.93 25.07 -25.38
C GLU A 190 4.58 25.77 -25.26
N GLN A 191 3.60 25.33 -26.03
CA GLN A 191 2.25 25.83 -25.86
C GLN A 191 1.67 25.49 -24.48
N ALA A 192 2.22 24.48 -23.82
CA ALA A 192 1.74 24.05 -22.50
C ALA A 192 2.50 24.71 -21.38
N GLY A 193 3.67 25.24 -21.71
CA GLY A 193 4.51 25.88 -20.72
C GLY A 193 5.37 24.91 -19.95
N ILE A 194 5.64 23.74 -20.52
CA ILE A 194 6.67 22.90 -19.95
C ILE A 194 7.96 23.69 -20.02
N PRO A 195 8.63 23.89 -18.88
CA PRO A 195 9.84 24.72 -18.86
C PRO A 195 10.97 24.20 -19.73
N ALA A 196 11.77 25.13 -20.23
CA ALA A 196 12.80 24.80 -21.18
C ALA A 196 13.77 23.82 -20.58
N GLY A 197 13.99 22.70 -21.27
CA GLY A 197 14.94 21.70 -20.83
C GLY A 197 14.32 20.49 -20.16
N VAL A 198 13.08 20.62 -19.69
CA VAL A 198 12.44 19.54 -18.97
C VAL A 198 12.00 18.44 -19.94
N LEU A 199 11.57 18.83 -21.13
CA LEU A 199 11.21 17.86 -22.15
C LEU A 199 12.05 18.12 -23.38
N ASN A 200 12.88 17.15 -23.75
CA ASN A 200 13.74 17.27 -24.93
C ASN A 200 13.54 16.13 -25.92
N ILE A 201 13.52 16.45 -27.20
CA ILE A 201 13.32 15.44 -28.23
C ILE A 201 14.44 15.48 -29.24
N VAL A 202 15.16 14.37 -29.39
CA VAL A 202 16.30 14.32 -30.30
C VAL A 202 16.18 13.14 -31.25
N THR A 203 16.82 13.23 -32.40
CA THR A 203 16.81 12.16 -33.38
C THR A 203 18.23 11.88 -33.86
N GLY A 204 18.54 10.62 -34.12
CA GLY A 204 19.86 10.28 -34.58
C GLY A 204 20.09 8.79 -34.74
N GLY A 205 21.36 8.42 -34.75
CA GLY A 205 21.77 7.04 -34.95
C GLY A 205 21.74 6.24 -33.66
N GLY A 206 21.22 5.02 -33.76
CA GLY A 206 21.03 4.19 -32.58
C GLY A 206 22.30 3.78 -31.89
N ARG A 207 23.33 3.51 -32.67
CA ARG A 207 24.62 3.05 -32.13
C ARG A 207 25.54 4.23 -31.83
N THR A 208 25.08 5.44 -32.12
CA THR A 208 25.87 6.63 -31.84
C THR A 208 25.23 7.47 -30.76
N LEU A 209 24.21 8.22 -31.13
CA LEU A 209 23.49 9.07 -30.18
C LEU A 209 22.80 8.22 -29.12
N GLY A 210 22.01 7.26 -29.56
CA GLY A 210 21.32 6.38 -28.64
C GLY A 210 22.23 5.75 -27.62
N ASN A 211 23.26 5.06 -28.08
CA ASN A 211 24.15 4.35 -27.17
C ASN A 211 24.87 5.29 -26.20
N GLU A 212 25.10 6.53 -26.64
CA GLU A 212 25.80 7.49 -25.80
C GLU A 212 24.86 8.00 -24.70
N LEU A 213 23.58 8.13 -25.04
CA LEU A 213 22.57 8.60 -24.11
C LEU A 213 22.34 7.62 -22.95
N VAL A 214 22.05 6.37 -23.31
CA VAL A 214 21.69 5.37 -22.32
C VAL A 214 22.81 4.98 -21.35
N GLY A 215 24.08 5.12 -21.77
CA GLY A 215 25.18 4.71 -20.92
C GLY A 215 25.85 5.86 -20.20
N HIS A 216 25.33 7.06 -20.39
CA HIS A 216 25.96 8.29 -19.91
C HIS A 216 25.78 8.51 -18.41
N ARG A 217 26.76 9.12 -17.77
CA ARG A 217 26.72 9.32 -16.32
C ARG A 217 25.60 10.26 -15.87
N MET A 218 25.13 11.11 -16.77
CA MET A 218 24.05 12.03 -16.44
C MET A 218 22.66 11.38 -16.59
N THR A 219 22.62 10.16 -17.09
CA THR A 219 21.37 9.45 -17.30
C THR A 219 21.05 8.59 -16.11
N ASN A 220 19.85 8.70 -15.57
CA ASN A 220 19.48 7.96 -14.38
C ASN A 220 18.56 6.81 -14.66
N MET A 221 17.87 6.89 -15.78
CA MET A 221 16.94 5.84 -16.12
C MET A 221 16.75 5.78 -17.62
N VAL A 222 16.61 4.58 -18.16
CA VAL A 222 16.31 4.38 -19.57
C VAL A 222 15.01 3.62 -19.68
N SER A 223 14.03 4.19 -20.37
CA SER A 223 12.80 3.47 -20.66
C SER A 223 12.72 3.27 -22.16
N MET A 224 12.58 2.03 -22.61
CA MET A 224 12.75 1.75 -24.01
C MET A 224 11.83 0.64 -24.53
N THR A 225 11.37 0.80 -25.76
CA THR A 225 10.62 -0.24 -26.45
C THR A 225 11.35 -0.57 -27.73
N GLY A 226 11.46 -1.85 -28.05
CA GLY A 226 12.12 -2.23 -29.28
C GLY A 226 12.41 -3.70 -29.37
N SER A 227 13.56 -4.02 -29.94
CA SER A 227 13.95 -5.41 -30.13
C SER A 227 14.76 -5.91 -28.96
N THR A 228 14.74 -7.22 -28.76
CA THR A 228 15.53 -7.84 -27.70
C THR A 228 17.03 -7.57 -27.84
N PRO A 229 17.59 -7.63 -29.06
CA PRO A 229 19.01 -7.27 -29.12
C PRO A 229 19.30 -5.83 -28.75
N ALA A 230 18.50 -4.89 -29.23
CA ALA A 230 18.69 -3.49 -28.87
C ALA A 230 18.59 -3.29 -27.37
N GLY A 231 17.68 -4.02 -26.74
CA GLY A 231 17.53 -4.02 -25.30
C GLY A 231 18.74 -4.55 -24.55
N GLN A 232 19.31 -5.64 -25.04
CA GLN A 232 20.49 -6.20 -24.41
C GLN A 232 21.65 -5.21 -24.52
N SER A 233 21.70 -4.47 -25.62
CA SER A 233 22.73 -3.46 -25.76
C SER A 233 22.59 -2.35 -24.73
N ILE A 234 21.36 -2.02 -24.39
CA ILE A 234 21.10 -0.97 -23.44
C ILE A 234 21.47 -1.46 -22.04
N ILE A 235 21.24 -2.74 -21.76
CA ILE A 235 21.60 -3.30 -20.47
C ILE A 235 23.11 -3.24 -20.29
N ARG A 236 23.88 -3.62 -21.30
CA ARG A 236 25.35 -3.53 -21.24
C ARG A 236 25.79 -2.10 -21.01
N ALA A 237 25.18 -1.19 -21.76
CA ALA A 237 25.47 0.22 -21.66
C ALA A 237 25.24 0.74 -20.25
N SER A 238 24.18 0.25 -19.60
CA SER A 238 23.78 0.73 -18.28
C SER A 238 24.78 0.34 -17.20
N ALA A 239 25.69 -0.55 -17.51
CA ALA A 239 26.75 -0.91 -16.58
C ALA A 239 27.59 0.31 -16.21
N ASN A 240 27.67 1.28 -17.11
CA ASN A 240 28.52 2.45 -16.94
C ASN A 240 27.96 3.47 -15.96
N ASN A 241 26.64 3.54 -15.85
CA ASN A 241 26.01 4.57 -15.05
C ASN A 241 25.08 4.04 -13.95
N MET A 242 24.72 2.77 -14.07
CA MET A 242 23.82 2.09 -13.14
C MET A 242 22.44 2.69 -13.18
N ALA A 243 22.10 3.20 -14.36
CA ALA A 243 20.76 3.63 -14.65
C ALA A 243 19.80 2.47 -14.49
N HIS A 244 18.61 2.79 -13.99
CA HIS A 244 17.53 1.83 -13.94
C HIS A 244 17.02 1.66 -15.35
N VAL A 245 16.71 0.44 -15.74
CA VAL A 245 16.45 0.14 -17.12
C VAL A 245 15.11 -0.58 -17.23
N GLN A 246 14.23 -0.01 -18.04
CA GLN A 246 12.87 -0.52 -18.19
C GLN A 246 12.63 -0.81 -19.66
N LEU A 247 12.44 -2.08 -20.02
CA LEU A 247 12.40 -2.48 -21.42
C LEU A 247 11.20 -3.34 -21.81
N GLU A 248 10.63 -3.03 -22.97
CA GLU A 248 9.59 -3.87 -23.57
C GLU A 248 10.14 -4.34 -24.90
N LEU A 249 10.39 -5.63 -25.01
CA LEU A 249 11.11 -6.13 -26.17
C LEU A 249 10.32 -7.16 -26.97
N GLY A 250 10.99 -8.22 -27.39
CA GLY A 250 10.35 -9.20 -28.25
C GLY A 250 9.18 -9.93 -27.62
N GLY A 251 8.31 -10.47 -28.46
CA GLY A 251 7.21 -11.27 -28.02
C GLY A 251 6.85 -12.36 -29.00
N LYS A 252 6.31 -13.47 -28.50
CA LYS A 252 5.81 -14.53 -29.35
C LYS A 252 4.56 -15.10 -28.70
N ALA A 253 3.56 -14.25 -28.52
CA ALA A 253 2.35 -14.59 -27.78
C ALA A 253 1.55 -15.72 -28.40
N PRO A 254 1.29 -16.78 -27.62
CA PRO A 254 0.36 -17.83 -28.01
C PRO A 254 -1.09 -17.37 -27.90
N PHE A 255 -1.93 -17.72 -28.87
CA PHE A 255 -3.37 -17.57 -28.74
C PHE A 255 -3.93 -18.97 -28.66
N ILE A 256 -4.59 -19.30 -27.56
CA ILE A 256 -4.99 -20.68 -27.35
C ILE A 256 -6.50 -20.84 -27.35
N VAL A 257 -6.98 -21.73 -28.20
CA VAL A 257 -8.41 -22.00 -28.31
C VAL A 257 -8.72 -23.37 -27.71
N MET A 258 -9.27 -23.39 -26.50
CA MET A 258 -9.59 -24.66 -25.85
C MET A 258 -10.89 -25.26 -26.38
N GLU A 259 -11.09 -26.54 -26.06
CA GLU A 259 -12.18 -27.33 -26.61
C GLU A 259 -13.58 -26.80 -26.28
N ASP A 260 -13.69 -25.95 -25.26
CA ASP A 260 -14.99 -25.48 -24.77
C ASP A 260 -15.16 -23.97 -24.96
N ALA A 261 -14.30 -23.38 -25.76
CA ALA A 261 -14.36 -21.97 -26.10
C ALA A 261 -15.59 -21.64 -26.93
N ASP A 262 -16.02 -20.40 -26.79
CA ASP A 262 -16.99 -19.80 -27.67
C ASP A 262 -16.24 -19.46 -28.94
N LEU A 263 -16.50 -20.21 -30.00
CA LEU A 263 -15.68 -20.15 -31.21
C LEU A 263 -15.77 -18.83 -31.96
N GLU A 264 -16.97 -18.28 -32.04
CA GLU A 264 -17.19 -16.99 -32.68
C GLU A 264 -16.46 -15.86 -31.94
N GLN A 265 -16.50 -15.89 -30.62
CA GLN A 265 -15.77 -14.91 -29.82
C GLN A 265 -14.25 -15.03 -29.99
N ALA A 266 -13.78 -16.27 -30.00
CA ALA A 266 -12.35 -16.58 -30.09
C ALA A 266 -11.78 -16.25 -31.46
N ALA A 267 -12.58 -16.45 -32.51
CA ALA A 267 -12.10 -16.18 -33.86
C ALA A 267 -11.95 -14.67 -34.07
N ALA A 268 -12.88 -13.92 -33.47
CA ALA A 268 -12.88 -12.47 -33.50
C ALA A 268 -11.70 -11.89 -32.74
N ALA A 269 -11.39 -12.48 -31.60
CA ALA A 269 -10.32 -11.99 -30.76
C ALA A 269 -8.97 -12.34 -31.35
N ALA A 270 -8.89 -13.50 -31.98
CA ALA A 270 -7.67 -13.99 -32.59
C ALA A 270 -7.36 -13.21 -33.86
N LEU A 271 -8.43 -12.90 -34.62
CA LEU A 271 -8.31 -12.15 -35.85
C LEU A 271 -7.62 -10.82 -35.61
N HIS A 272 -8.09 -10.05 -34.64
CA HIS A 272 -7.55 -8.72 -34.46
C HIS A 272 -6.25 -8.78 -33.67
N SER A 273 -6.08 -9.77 -32.80
CA SER A 273 -4.85 -9.86 -32.04
C SER A 273 -3.63 -10.16 -32.92
N ARG A 274 -3.85 -10.80 -34.06
CA ARG A 274 -2.77 -11.01 -35.01
C ARG A 274 -2.63 -9.85 -36.00
N PHE A 275 -3.75 -9.31 -36.48
CA PHE A 275 -3.69 -8.40 -37.62
C PHE A 275 -3.86 -6.93 -37.30
N ASP A 276 -4.06 -6.58 -36.04
CA ASP A 276 -4.05 -5.18 -35.63
C ASP A 276 -2.72 -4.58 -36.00
N ASN A 277 -2.75 -3.34 -36.49
CA ASN A 277 -1.53 -2.63 -36.85
C ASN A 277 -0.59 -3.44 -37.76
N CYS A 278 -1.17 -4.27 -38.61
CA CYS A 278 -0.42 -5.06 -39.58
C CYS A 278 0.53 -6.02 -38.89
N GLY A 279 0.14 -6.43 -37.68
CA GLY A 279 0.91 -7.40 -36.93
C GLY A 279 2.02 -6.76 -36.11
N GLN A 280 2.15 -5.45 -36.21
CA GLN A 280 3.24 -4.76 -35.54
C GLN A 280 2.88 -4.30 -34.12
N VAL A 281 2.58 -5.27 -33.26
CA VAL A 281 2.29 -5.01 -31.85
C VAL A 281 3.06 -6.00 -31.00
N CYS A 282 3.62 -5.52 -29.90
CA CYS A 282 4.43 -6.34 -29.00
C CYS A 282 3.65 -7.47 -28.35
N THR A 283 2.33 -7.44 -28.47
CA THR A 283 1.50 -8.42 -27.80
C THR A 283 0.74 -9.31 -28.76
N CYS A 284 1.03 -9.17 -30.06
CA CYS A 284 0.27 -9.87 -31.10
C CYS A 284 0.20 -11.39 -30.97
N ASN A 285 -0.98 -11.93 -31.25
CA ASN A 285 -1.15 -13.34 -31.50
C ASN A 285 -0.16 -13.72 -32.60
N GLU A 286 0.93 -14.37 -32.20
CA GLU A 286 2.01 -14.69 -33.12
C GLU A 286 2.06 -16.16 -33.49
N ARG A 287 1.22 -16.95 -32.82
CA ARG A 287 1.20 -18.39 -32.97
C ARG A 287 -0.13 -18.85 -32.37
N MET A 288 -0.98 -19.50 -33.15
CA MET A 288 -2.29 -19.88 -32.66
C MET A 288 -2.39 -21.38 -32.43
N TYR A 289 -2.92 -21.78 -31.28
CA TYR A 289 -3.12 -23.18 -30.98
C TYR A 289 -4.61 -23.51 -30.87
N VAL A 290 -5.06 -24.44 -31.69
CA VAL A 290 -6.48 -24.78 -31.74
C VAL A 290 -6.69 -26.24 -31.39
N HIS A 291 -7.59 -26.49 -30.45
CA HIS A 291 -7.89 -27.85 -30.01
C HIS A 291 -8.58 -28.65 -31.11
N GLY A 292 -8.13 -29.89 -31.30
CA GLY A 292 -8.56 -30.73 -32.40
C GLY A 292 -10.03 -31.07 -32.44
N ALA A 293 -10.74 -30.81 -31.35
CA ALA A 293 -12.17 -31.10 -31.31
C ALA A 293 -12.96 -29.95 -31.92
N VAL A 294 -12.33 -28.79 -32.07
CA VAL A 294 -13.01 -27.62 -32.60
C VAL A 294 -12.28 -27.03 -33.81
N TYR A 295 -11.26 -27.70 -34.30
CA TYR A 295 -10.40 -27.15 -35.34
C TYR A 295 -11.18 -26.80 -36.61
N ASP A 296 -11.93 -27.75 -37.14
CA ASP A 296 -12.59 -27.56 -38.42
C ASP A 296 -13.56 -26.41 -38.31
N GLU A 297 -14.41 -26.42 -37.29
CA GLU A 297 -15.38 -25.36 -37.13
C GLU A 297 -14.72 -24.03 -36.80
N PHE A 298 -13.73 -24.03 -35.93
CA PHE A 298 -13.04 -22.80 -35.61
C PHE A 298 -12.45 -22.18 -36.86
N MET A 299 -11.94 -23.01 -37.76
CA MET A 299 -11.25 -22.51 -38.93
C MET A 299 -12.19 -22.03 -40.04
N ARG A 300 -13.36 -22.63 -40.23
CA ARG A 300 -14.31 -22.05 -41.18
C ARG A 300 -14.66 -20.62 -40.79
N ILE A 301 -14.83 -20.40 -39.49
CA ILE A 301 -15.17 -19.09 -38.95
C ILE A 301 -14.03 -18.11 -39.05
N PHE A 302 -12.87 -18.52 -38.57
CA PHE A 302 -11.68 -17.68 -38.53
C PHE A 302 -11.24 -17.31 -39.95
N MET A 303 -11.18 -18.30 -40.84
CA MET A 303 -10.75 -18.04 -42.20
C MET A 303 -11.75 -17.19 -42.94
N GLY A 304 -13.01 -17.26 -42.52
CA GLY A 304 -14.05 -16.42 -43.08
C GLY A 304 -13.74 -14.97 -42.80
N LYS A 305 -13.25 -14.69 -41.59
CA LYS A 305 -12.85 -13.35 -41.21
C LYS A 305 -11.57 -12.89 -41.90
N VAL A 306 -10.61 -13.80 -42.08
CA VAL A 306 -9.36 -13.46 -42.74
C VAL A 306 -9.59 -13.13 -44.19
N GLU A 307 -10.44 -13.90 -44.87
CA GLU A 307 -10.77 -13.63 -46.26
C GLU A 307 -11.37 -12.24 -46.45
N ALA A 308 -11.94 -11.66 -45.40
CA ALA A 308 -12.63 -10.39 -45.53
C ALA A 308 -11.77 -9.19 -45.14
N ILE A 309 -10.52 -9.42 -44.77
CA ILE A 309 -9.64 -8.32 -44.44
C ILE A 309 -9.22 -7.59 -45.71
N LYS A 310 -9.64 -6.35 -45.84
CA LYS A 310 -9.27 -5.57 -47.00
C LYS A 310 -7.99 -4.80 -46.73
N VAL A 311 -6.96 -5.10 -47.49
CA VAL A 311 -5.70 -4.39 -47.36
C VAL A 311 -5.67 -3.21 -48.30
N GLY A 312 -5.37 -2.04 -47.77
CA GLY A 312 -5.32 -0.85 -48.59
C GLY A 312 -4.84 0.41 -47.90
N ASP A 313 -5.06 1.54 -48.57
CA ASP A 313 -4.66 2.85 -48.11
C ASP A 313 -5.22 3.05 -46.72
N PRO A 314 -4.34 3.36 -45.76
CA PRO A 314 -4.76 3.51 -44.36
C PRO A 314 -5.68 4.71 -44.11
N MET A 315 -5.64 5.73 -44.97
CA MET A 315 -6.52 6.88 -44.82
C MET A 315 -7.92 6.54 -45.27
N ASP A 316 -8.02 5.52 -46.13
CA ASP A 316 -9.28 4.99 -46.63
C ASP A 316 -9.94 4.21 -45.52
N PRO A 317 -11.17 4.59 -45.15
CA PRO A 317 -11.87 3.94 -44.05
C PRO A 317 -12.21 2.50 -44.33
N ALA A 318 -12.17 2.11 -45.60
CA ALA A 318 -12.53 0.76 -45.98
C ALA A 318 -11.39 -0.23 -45.72
N SER A 319 -10.20 0.29 -45.46
CA SER A 319 -9.04 -0.57 -45.28
C SER A 319 -9.06 -1.20 -43.90
N ASP A 320 -8.84 -2.51 -43.87
CA ASP A 320 -8.82 -3.22 -42.61
C ASP A 320 -7.39 -3.39 -42.14
N MET A 321 -6.45 -3.13 -43.04
CA MET A 321 -5.04 -3.30 -42.76
C MET A 321 -4.19 -2.47 -43.70
N GLY A 322 -3.20 -1.79 -43.16
CA GLY A 322 -2.32 -0.96 -43.95
C GLY A 322 -1.05 -1.69 -44.32
N PRO A 323 -0.01 -0.94 -44.70
CA PRO A 323 1.29 -1.46 -45.14
C PRO A 323 2.25 -1.84 -44.01
N LYS A 324 3.28 -2.61 -44.34
CA LYS A 324 4.39 -2.81 -43.41
C LYS A 324 5.23 -1.56 -43.34
N VAL A 325 6.00 -1.41 -42.28
CA VAL A 325 6.60 -0.13 -41.95
C VAL A 325 7.71 0.32 -42.93
N ASN A 326 8.50 -0.63 -43.42
CA ASN A 326 9.53 -0.31 -44.40
C ASN A 326 9.86 -1.54 -45.23
N ALA A 327 10.91 -1.43 -46.04
CA ALA A 327 11.26 -2.50 -46.98
C ALA A 327 11.96 -3.67 -46.33
N ASN A 328 12.74 -3.42 -45.30
CA ASN A 328 13.44 -4.50 -44.64
C ASN A 328 12.43 -5.41 -43.96
N GLU A 329 11.44 -4.81 -43.34
CA GLU A 329 10.40 -5.56 -42.66
C GLU A 329 9.50 -6.31 -43.63
N LEU A 330 9.35 -5.75 -44.83
CA LEU A 330 8.59 -6.45 -45.85
C LEU A 330 9.34 -7.70 -46.28
N ALA A 331 10.61 -7.53 -46.63
CA ALA A 331 11.47 -8.63 -47.05
C ALA A 331 11.45 -9.77 -46.05
N HIS A 332 11.50 -9.40 -44.77
CA HIS A 332 11.44 -10.34 -43.67
C HIS A 332 10.16 -11.20 -43.69
N MET A 333 9.05 -10.62 -44.12
CA MET A 333 7.83 -11.40 -44.28
C MET A 333 8.07 -12.50 -45.30
N GLU A 334 8.61 -12.12 -46.45
CA GLU A 334 8.84 -13.05 -47.53
C GLU A 334 9.79 -14.17 -47.14
N GLU A 335 10.85 -13.81 -46.42
CA GLU A 335 11.80 -14.79 -45.90
C GLU A 335 11.17 -15.82 -44.97
N LEU A 336 10.39 -15.35 -44.01
CA LEU A 336 9.74 -16.25 -43.05
C LEU A 336 8.77 -17.20 -43.72
N VAL A 337 8.00 -16.69 -44.66
CA VAL A 337 7.03 -17.53 -45.36
C VAL A 337 7.73 -18.58 -46.22
N ALA A 338 8.77 -18.18 -46.93
CA ALA A 338 9.56 -19.10 -47.72
C ALA A 338 10.23 -20.14 -46.84
N GLU A 339 10.64 -19.71 -45.65
CA GLU A 339 11.33 -20.59 -44.72
C GLU A 339 10.37 -21.61 -44.16
N ALA A 340 9.14 -21.19 -43.92
CA ALA A 340 8.10 -22.07 -43.40
C ALA A 340 7.68 -23.14 -44.41
N VAL A 341 7.44 -22.72 -45.65
CA VAL A 341 7.08 -23.66 -46.71
C VAL A 341 8.18 -24.69 -46.90
N ASP A 342 9.41 -24.21 -46.86
CA ASP A 342 10.58 -25.05 -47.00
C ASP A 342 10.67 -26.06 -45.86
N GLU A 343 10.21 -25.65 -44.68
CA GLU A 343 10.20 -26.54 -43.51
C GLU A 343 8.94 -27.38 -43.47
N GLY A 344 8.07 -27.23 -44.46
CA GLY A 344 6.93 -28.12 -44.61
C GLY A 344 5.57 -27.54 -44.32
N ALA A 345 5.52 -26.24 -44.10
CA ALA A 345 4.27 -25.58 -43.76
C ALA A 345 3.35 -25.40 -44.96
N THR A 346 2.06 -25.34 -44.69
CA THR A 346 1.06 -25.09 -45.70
C THR A 346 0.64 -23.62 -45.66
N VAL A 347 0.71 -22.96 -46.81
CA VAL A 347 0.18 -21.62 -46.91
C VAL A 347 -1.30 -21.74 -47.24
N LEU A 348 -2.14 -21.53 -46.24
CA LEU A 348 -3.56 -21.68 -46.42
C LEU A 348 -4.15 -20.47 -47.12
N PHE A 349 -3.65 -19.30 -46.74
CA PHE A 349 -4.10 -18.03 -47.28
C PHE A 349 -2.93 -17.05 -47.26
N GLY A 350 -2.80 -16.25 -48.31
CA GLY A 350 -1.74 -15.25 -48.36
C GLY A 350 -0.36 -15.74 -48.79
N GLY A 351 0.66 -15.11 -48.23
CA GLY A 351 2.04 -15.51 -48.43
C GLY A 351 2.78 -14.68 -49.45
N LYS A 352 2.12 -13.65 -49.96
CA LYS A 352 2.63 -12.86 -51.07
C LYS A 352 2.59 -11.36 -50.81
N LYS A 353 3.50 -10.62 -51.43
CA LYS A 353 3.32 -9.18 -51.56
C LYS A 353 2.06 -8.91 -52.32
N LEU A 354 1.30 -7.88 -51.97
CA LEU A 354 0.15 -7.55 -52.77
C LEU A 354 0.67 -7.09 -54.09
N GLU A 355 -0.07 -7.47 -55.10
CA GLU A 355 0.14 -7.19 -56.48
C GLU A 355 -1.02 -6.32 -56.86
N GLY A 356 -0.85 -5.49 -57.86
CA GLY A 356 -1.91 -4.63 -58.28
C GLY A 356 -1.24 -3.35 -58.58
N PRO A 357 -1.83 -2.57 -59.56
CA PRO A 357 -1.11 -1.34 -59.83
C PRO A 357 -1.27 -0.32 -58.75
N GLU A 358 -2.10 -0.60 -57.76
CA GLU A 358 -2.25 0.35 -56.68
C GLU A 358 -1.13 0.16 -55.69
N PHE A 359 -0.49 -0.99 -55.76
CA PHE A 359 0.58 -1.32 -54.84
C PHE A 359 1.96 -1.36 -55.42
N GLU A 360 2.21 -0.65 -56.51
CA GLU A 360 3.50 -0.55 -57.16
C GLU A 360 4.48 0.20 -56.25
N LYS A 361 3.93 1.14 -55.47
CA LYS A 361 4.68 1.87 -54.47
C LYS A 361 4.23 1.43 -53.07
N GLY A 362 5.13 1.44 -52.10
CA GLY A 362 4.78 1.03 -50.75
C GLY A 362 5.10 -0.43 -50.41
N PHE A 363 4.94 -0.78 -49.14
CA PHE A 363 5.36 -2.08 -48.65
C PHE A 363 4.19 -2.91 -48.18
N TRP A 364 3.70 -3.77 -49.08
CA TRP A 364 2.41 -4.42 -48.87
C TRP A 364 2.51 -5.93 -48.81
N PHE A 365 1.89 -6.53 -47.81
CA PHE A 365 1.88 -7.98 -47.67
C PHE A 365 0.49 -8.49 -47.37
N GLU A 366 0.09 -9.59 -48.00
CA GLU A 366 -1.18 -10.26 -47.73
C GLU A 366 -1.27 -10.82 -46.32
N PRO A 367 -2.46 -10.73 -45.71
CA PRO A 367 -2.70 -11.50 -44.48
C PRO A 367 -2.40 -12.97 -44.75
N THR A 368 -1.70 -13.62 -43.84
CA THR A 368 -1.21 -14.96 -44.11
C THR A 368 -1.46 -15.94 -42.98
N VAL A 369 -2.04 -17.07 -43.34
CA VAL A 369 -2.28 -18.15 -42.39
C VAL A 369 -1.53 -19.39 -42.81
N LEU A 370 -0.70 -19.91 -41.91
CA LEU A 370 0.11 -21.09 -42.16
C LEU A 370 -0.41 -22.25 -41.36
N THR A 371 -0.84 -23.31 -42.04
CA THR A 371 -1.34 -24.46 -41.32
C THR A 371 -0.46 -25.68 -41.47
N ASN A 372 -0.92 -26.80 -40.95
CA ASN A 372 -0.14 -28.02 -40.87
C ASN A 372 1.26 -27.73 -40.31
N VAL A 373 1.29 -26.94 -39.25
CA VAL A 373 2.54 -26.44 -38.67
C VAL A 373 2.87 -27.29 -37.44
N THR A 374 4.16 -27.51 -37.19
CA THR A 374 4.58 -28.26 -36.03
C THR A 374 5.37 -27.35 -35.12
N GLN A 375 5.39 -27.67 -33.83
CA GLN A 375 5.94 -26.77 -32.80
C GLN A 375 7.41 -26.39 -33.00
N ASP A 376 8.18 -27.23 -33.68
CA ASP A 376 9.61 -26.98 -33.82
C ASP A 376 9.97 -26.09 -35.01
N MET A 377 9.01 -25.83 -35.89
CA MET A 377 9.24 -24.94 -37.02
C MET A 377 9.64 -23.54 -36.55
N THR A 378 10.46 -22.86 -37.35
CA THR A 378 11.02 -21.58 -36.95
C THR A 378 9.95 -20.52 -36.74
N ILE A 379 8.88 -20.59 -37.54
CA ILE A 379 7.81 -19.60 -37.49
C ILE A 379 7.11 -19.56 -36.13
N VAL A 380 7.17 -20.68 -35.40
CA VAL A 380 6.53 -20.79 -34.09
C VAL A 380 7.45 -20.22 -33.02
N HIS A 381 8.66 -19.84 -33.39
CA HIS A 381 9.60 -19.35 -32.40
C HIS A 381 10.08 -17.92 -32.66
N GLU A 382 10.30 -17.58 -33.92
CA GLU A 382 10.80 -16.27 -34.25
C GLU A 382 9.69 -15.25 -34.39
N GLU A 383 9.92 -14.06 -33.85
CA GLU A 383 8.91 -13.03 -33.85
C GLU A 383 8.76 -12.51 -35.27
N SER A 384 7.57 -12.64 -35.84
CA SER A 384 7.34 -12.14 -37.17
C SER A 384 7.00 -10.66 -37.15
N PHE A 385 6.24 -10.21 -36.16
CA PHE A 385 5.87 -8.80 -36.06
C PHE A 385 5.19 -8.29 -37.34
N GLY A 386 4.42 -9.14 -37.99
CA GLY A 386 3.79 -8.80 -39.23
C GLY A 386 2.67 -9.78 -39.47
N PRO A 387 1.92 -9.61 -40.56
CA PRO A 387 0.70 -10.37 -40.78
C PRO A 387 0.92 -11.82 -41.18
N ILE A 388 1.64 -12.57 -40.36
CA ILE A 388 1.88 -14.00 -40.59
C ILE A 388 1.50 -14.78 -39.36
N LEU A 389 0.57 -15.71 -39.51
CA LEU A 389 0.06 -16.47 -38.38
C LEU A 389 0.08 -17.96 -38.65
N PRO A 390 0.89 -18.69 -37.88
CA PRO A 390 0.92 -20.15 -37.94
C PRO A 390 -0.07 -20.79 -36.99
N VAL A 391 -0.69 -21.89 -37.41
CA VAL A 391 -1.72 -22.56 -36.61
C VAL A 391 -1.32 -24.00 -36.28
N ILE A 392 -1.37 -24.33 -35.00
CA ILE A 392 -0.96 -25.65 -34.53
C ILE A 392 -2.08 -26.35 -33.79
N LYS A 393 -2.29 -27.62 -34.10
CA LYS A 393 -3.25 -28.46 -33.38
C LYS A 393 -2.66 -28.97 -32.07
N PHE A 394 -3.53 -29.22 -31.10
CA PHE A 394 -3.12 -29.82 -29.84
C PHE A 394 -4.32 -30.57 -29.28
N ASP A 395 -4.10 -31.51 -28.35
CA ASP A 395 -5.20 -32.35 -27.88
C ASP A 395 -5.53 -32.21 -26.40
N SER A 396 -4.64 -31.59 -25.63
CA SER A 396 -4.89 -31.45 -24.21
C SER A 396 -4.22 -30.20 -23.67
N PHE A 397 -4.69 -29.76 -22.51
CA PHE A 397 -4.21 -28.56 -21.85
C PHE A 397 -2.74 -28.65 -21.46
N ASP A 398 -2.32 -29.79 -20.93
CA ASP A 398 -0.91 -29.92 -20.51
C ASP A 398 0.03 -29.79 -21.70
N GLU A 399 -0.43 -30.26 -22.86
CA GLU A 399 0.37 -30.24 -24.06
C GLU A 399 0.55 -28.83 -24.57
N VAL A 400 -0.53 -28.06 -24.59
CA VAL A 400 -0.48 -26.71 -25.11
C VAL A 400 0.27 -25.77 -24.14
N ILE A 401 0.22 -26.07 -22.86
CA ILE A 401 1.01 -25.32 -21.90
C ILE A 401 2.50 -25.55 -22.19
N GLU A 402 2.87 -26.78 -22.52
CA GLU A 402 4.24 -27.07 -22.91
C GLU A 402 4.65 -26.22 -24.09
N TYR A 403 3.84 -26.23 -25.15
CA TYR A 403 4.09 -25.43 -26.34
C TYR A 403 4.26 -23.97 -25.97
N ALA A 404 3.28 -23.46 -25.24
CA ALA A 404 3.27 -22.05 -24.86
C ALA A 404 4.56 -21.61 -24.17
N ASN A 405 5.08 -22.43 -23.27
CA ASN A 405 6.27 -22.05 -22.52
C ASN A 405 7.56 -22.31 -23.28
N ASP A 406 7.44 -23.02 -24.39
CA ASP A 406 8.55 -23.28 -25.29
C ASP A 406 8.89 -22.03 -26.11
N SER A 407 9.62 -21.11 -25.50
CA SER A 407 9.86 -19.81 -26.08
C SER A 407 10.88 -19.04 -25.26
N ASP A 408 11.64 -18.17 -25.91
CA ASP A 408 12.55 -17.28 -25.19
C ASP A 408 11.82 -16.02 -24.81
N TYR A 409 10.53 -15.95 -25.14
CA TYR A 409 9.73 -14.78 -24.80
C TYR A 409 8.62 -15.12 -23.82
N GLY A 410 8.16 -14.12 -23.08
CA GLY A 410 7.09 -14.34 -22.13
C GLY A 410 6.34 -13.09 -21.83
N LEU A 411 5.96 -12.33 -22.85
CA LEU A 411 5.19 -11.13 -22.63
C LEU A 411 3.70 -11.47 -22.57
N ALA A 412 3.02 -11.58 -23.71
CA ALA A 412 1.58 -11.79 -23.65
C ALA A 412 1.17 -13.20 -24.03
N ALA A 413 -0.06 -13.53 -23.68
CA ALA A 413 -0.69 -14.79 -24.05
C ALA A 413 -2.18 -14.61 -24.04
N MET A 414 -2.89 -15.38 -24.86
CA MET A 414 -4.34 -15.32 -24.87
C MET A 414 -4.94 -16.73 -24.89
N ILE A 415 -5.98 -16.93 -24.09
CA ILE A 415 -6.64 -18.21 -24.05
C ILE A 415 -8.15 -18.00 -24.07
N CYS A 416 -8.86 -18.92 -24.72
CA CYS A 416 -10.31 -18.92 -24.72
C CYS A 416 -10.86 -20.22 -24.18
N THR A 417 -11.60 -20.11 -23.09
CA THR A 417 -12.17 -21.27 -22.43
C THR A 417 -13.21 -20.88 -21.40
N GLN A 418 -13.99 -21.86 -20.98
CA GLN A 418 -15.05 -21.65 -20.01
C GLN A 418 -14.70 -22.34 -18.71
N ASN A 419 -13.52 -22.94 -18.68
CA ASN A 419 -13.08 -23.81 -17.61
C ASN A 419 -12.29 -23.09 -16.53
N MET A 420 -12.90 -22.83 -15.37
CA MET A 420 -12.21 -22.14 -14.27
C MET A 420 -10.87 -22.75 -13.94
N HIS A 421 -10.83 -24.06 -13.98
CA HIS A 421 -9.66 -24.76 -13.51
C HIS A 421 -8.47 -24.57 -14.45
N TYR A 422 -8.70 -24.63 -15.76
CA TYR A 422 -7.69 -24.26 -16.73
C TYR A 422 -7.17 -22.86 -16.45
N ILE A 423 -8.08 -21.93 -16.24
CA ILE A 423 -7.73 -20.54 -16.04
C ILE A 423 -6.91 -20.40 -14.77
N ASN A 424 -7.31 -21.11 -13.72
CA ASN A 424 -6.60 -21.05 -12.46
C ASN A 424 -5.19 -21.61 -12.58
N ARG A 425 -5.03 -22.66 -13.38
CA ARG A 425 -3.73 -23.32 -13.51
C ARG A 425 -2.73 -22.43 -14.23
N LEU A 426 -3.21 -21.50 -15.02
CA LEU A 426 -2.34 -20.58 -15.74
C LEU A 426 -1.44 -19.78 -14.80
N LEU A 427 -1.93 -19.52 -13.59
CA LEU A 427 -1.20 -18.73 -12.61
C LEU A 427 0.14 -19.33 -12.28
N THR A 428 0.19 -20.65 -12.22
CA THR A 428 1.41 -21.34 -11.83
C THR A 428 2.09 -22.06 -12.98
N GLU A 429 1.38 -22.27 -14.10
CA GLU A 429 1.88 -23.13 -15.17
C GLU A 429 2.26 -22.43 -16.47
N LEU A 430 1.70 -21.25 -16.72
CA LEU A 430 1.94 -20.54 -17.98
C LEU A 430 2.92 -19.41 -17.78
N GLU A 431 4.05 -19.47 -18.48
CA GLU A 431 5.14 -18.53 -18.25
C GLU A 431 5.06 -17.27 -19.09
N SER A 432 3.91 -16.60 -19.08
CA SER A 432 3.71 -15.31 -19.73
C SER A 432 3.16 -14.28 -18.75
N GLY A 433 3.61 -13.04 -18.86
CA GLY A 433 3.33 -12.02 -17.86
C GLY A 433 2.04 -11.23 -18.00
N GLU A 434 1.48 -11.29 -19.19
CA GLU A 434 0.26 -10.57 -19.50
C GLU A 434 -0.69 -11.50 -20.21
N ILE A 435 -1.64 -12.05 -19.48
CA ILE A 435 -2.53 -13.09 -19.98
C ILE A 435 -3.94 -12.61 -20.22
N TYR A 436 -4.47 -12.83 -21.42
CA TYR A 436 -5.83 -12.43 -21.75
C TYR A 436 -6.76 -13.64 -21.85
N VAL A 437 -7.89 -13.59 -21.15
CA VAL A 437 -8.84 -14.69 -21.14
C VAL A 437 -10.12 -14.29 -21.85
N ASN A 438 -10.51 -15.08 -22.85
CA ASN A 438 -11.78 -14.89 -23.55
C ASN A 438 -11.92 -13.50 -24.17
N ARG A 439 -10.86 -13.06 -24.81
CA ARG A 439 -10.64 -11.66 -25.10
C ARG A 439 -9.31 -11.57 -25.84
N GLY A 440 -9.15 -10.61 -26.75
CA GLY A 440 -7.88 -10.43 -27.44
C GLY A 440 -7.01 -9.42 -26.72
N HIS A 441 -5.89 -9.01 -27.29
CA HIS A 441 -4.94 -8.22 -26.53
C HIS A 441 -5.42 -6.78 -26.37
N GLY A 442 -4.57 -5.93 -25.80
CA GLY A 442 -4.91 -4.55 -25.53
C GLY A 442 -4.99 -4.25 -24.05
N GLU A 443 -3.97 -3.58 -23.54
CA GLU A 443 -3.82 -3.38 -22.11
C GLU A 443 -4.31 -2.00 -21.69
N GLN A 444 -4.35 -1.76 -20.38
CA GLN A 444 -4.87 -0.51 -19.84
C GLN A 444 -3.85 0.20 -18.96
N HIS A 445 -3.91 1.52 -18.93
CA HIS A 445 -2.93 2.35 -18.22
C HIS A 445 -2.69 1.95 -16.79
N GLN A 446 -3.60 1.17 -16.26
CA GLN A 446 -3.73 0.92 -14.83
C GLN A 446 -3.28 -0.49 -14.48
N GLY A 447 -3.08 -1.30 -15.49
CA GLY A 447 -2.52 -2.63 -15.30
C GLY A 447 -1.02 -2.63 -15.14
N PHE A 448 -0.39 -3.76 -15.44
CA PHE A 448 1.06 -3.85 -15.39
C PHE A 448 1.53 -4.60 -16.62
N HIS A 449 2.24 -3.89 -17.49
CA HIS A 449 2.71 -4.45 -18.75
C HIS A 449 4.11 -5.03 -18.53
N ASN A 450 4.16 -6.33 -18.25
CA ASN A 450 5.36 -6.96 -17.74
C ASN A 450 5.65 -8.31 -18.42
N GLY A 451 6.85 -8.45 -18.98
CA GLY A 451 7.21 -9.67 -19.68
C GLY A 451 8.34 -10.45 -19.03
N TYR A 452 8.28 -11.77 -19.17
CA TYR A 452 9.26 -12.67 -18.59
C TYR A 452 10.32 -13.01 -19.60
N LYS A 453 11.36 -13.70 -19.17
CA LYS A 453 12.40 -14.19 -20.06
C LYS A 453 13.05 -13.02 -20.78
N LEU A 454 13.13 -13.07 -22.10
CA LEU A 454 13.83 -12.04 -22.87
C LEU A 454 12.90 -11.00 -23.50
N SER A 455 11.72 -10.84 -22.93
CA SER A 455 10.78 -9.82 -23.40
C SER A 455 10.99 -8.49 -22.70
N GLY A 456 11.90 -8.42 -21.74
CA GLY A 456 12.21 -7.17 -21.09
C GLY A 456 12.42 -7.18 -19.59
N THR A 457 12.69 -5.99 -19.07
CA THR A 457 12.94 -5.81 -17.65
C THR A 457 12.06 -4.68 -17.10
N GLY A 458 11.74 -4.76 -15.81
CA GLY A 458 11.09 -3.67 -15.14
C GLY A 458 9.59 -3.71 -15.17
N GLY A 459 9.02 -3.73 -16.37
CA GLY A 459 7.59 -3.67 -16.52
C GLY A 459 7.10 -2.24 -16.70
N GLU A 460 5.96 -2.08 -17.34
CA GLU A 460 5.45 -0.75 -17.66
C GLU A 460 4.02 -0.58 -17.19
N ASP A 461 3.66 0.66 -16.87
CA ASP A 461 2.29 1.08 -16.55
C ASP A 461 1.82 0.80 -15.12
N GLY A 462 0.72 1.47 -14.75
CA GLY A 462 0.07 1.26 -13.48
C GLY A 462 0.88 1.70 -12.29
N LYS A 463 0.52 1.16 -11.13
CA LYS A 463 1.22 1.44 -9.89
C LYS A 463 2.70 1.10 -9.97
N TYR A 464 3.02 -0.10 -10.44
CA TYR A 464 4.39 -0.60 -10.41
C TYR A 464 5.23 0.03 -11.51
N GLY A 465 4.61 0.40 -12.61
CA GLY A 465 5.31 1.14 -13.63
C GLY A 465 5.76 2.50 -13.15
N PHE A 466 4.82 3.29 -12.64
CA PHE A 466 5.09 4.64 -12.16
C PHE A 466 6.17 4.66 -11.09
N GLU A 467 6.17 3.63 -10.26
CA GLU A 467 7.09 3.51 -9.15
C GLU A 467 8.54 3.54 -9.61
N GLN A 468 8.77 3.07 -10.83
CA GLN A 468 10.11 2.95 -11.34
C GLN A 468 10.73 4.30 -11.67
N TYR A 469 9.90 5.33 -11.85
CA TYR A 469 10.43 6.64 -12.17
C TYR A 469 10.78 7.35 -10.89
N LEU A 470 10.63 6.65 -9.78
CA LEU A 470 10.98 7.22 -8.48
C LEU A 470 12.18 6.53 -7.89
N GLU A 471 12.92 7.27 -7.08
CA GLU A 471 14.03 6.73 -6.35
C GLU A 471 13.63 6.84 -4.88
N LYS A 472 14.27 6.11 -3.99
CA LYS A 472 13.93 6.22 -2.59
C LYS A 472 15.04 6.86 -1.80
N LYS A 473 14.69 7.65 -0.78
CA LYS A 473 15.71 8.20 0.10
C LYS A 473 15.34 7.90 1.55
N THR A 474 16.23 7.20 2.25
CA THR A 474 15.93 6.69 3.58
C THR A 474 16.67 7.45 4.69
N PHE A 475 15.92 7.88 5.70
CA PHE A 475 16.44 8.65 6.83
C PHE A 475 16.30 7.87 8.14
N TYR A 476 17.42 7.70 8.85
CA TYR A 476 17.35 7.28 10.24
C TYR A 476 17.63 8.49 11.12
N ILE A 477 16.63 8.93 11.88
CA ILE A 477 16.79 10.15 12.67
C ILE A 477 16.65 9.87 14.15
N ASN A 478 17.65 10.27 14.93
CA ASN A 478 17.68 9.96 16.34
C ASN A 478 17.44 11.19 17.21
N TYR A 479 16.56 11.02 18.19
CA TYR A 479 16.24 12.06 19.16
C TYR A 479 16.62 11.63 20.58
N GLN B 3 38.64 -29.90 4.97
CA GLN B 3 38.34 -29.96 3.55
C GLN B 3 36.84 -29.89 3.21
N TYR B 4 36.36 -28.68 2.95
CA TYR B 4 34.94 -28.46 2.70
C TYR B 4 34.56 -28.81 1.28
N GLN B 5 33.32 -29.27 1.10
CA GLN B 5 32.78 -29.47 -0.21
C GLN B 5 31.74 -28.39 -0.51
N MET B 6 30.99 -28.58 -1.59
CA MET B 6 29.94 -27.66 -1.96
C MET B 6 28.59 -28.31 -1.70
N TYR B 7 27.66 -27.52 -1.17
CA TYR B 7 26.30 -27.97 -0.86
C TYR B 7 25.43 -27.74 -2.07
N VAL B 8 24.98 -28.82 -2.72
CA VAL B 8 24.22 -28.71 -3.95
C VAL B 8 23.21 -29.84 -4.05
N GLY B 9 21.92 -29.53 -4.08
CA GLY B 9 20.94 -30.56 -4.30
C GLY B 9 20.89 -31.49 -3.12
N GLY B 10 21.21 -30.94 -1.96
CA GLY B 10 21.11 -31.64 -0.69
C GLY B 10 22.31 -32.52 -0.44
N GLU B 11 23.23 -32.53 -1.40
CA GLU B 11 24.42 -33.37 -1.33
C GLU B 11 25.64 -32.52 -1.11
N TRP B 12 26.76 -33.15 -0.80
CA TRP B 12 28.03 -32.45 -0.74
C TRP B 12 28.89 -32.97 -1.86
N ILE B 13 29.35 -32.07 -2.72
CA ILE B 13 30.01 -32.46 -3.96
C ILE B 13 31.34 -31.74 -4.15
N ASP B 14 32.22 -32.35 -4.94
CA ASP B 14 33.48 -31.72 -5.29
C ASP B 14 33.31 -30.83 -6.50
N ALA B 15 34.13 -29.79 -6.59
CA ALA B 15 34.21 -29.06 -7.84
C ALA B 15 34.57 -30.03 -8.96
N SER B 16 34.09 -29.77 -10.17
CA SER B 16 34.39 -30.69 -11.27
C SER B 16 35.79 -30.48 -11.82
N ASN B 17 36.42 -29.34 -11.53
CA ASN B 17 37.78 -29.11 -11.98
C ASN B 17 38.85 -29.63 -11.03
N GLY B 18 38.43 -30.29 -9.95
CA GLY B 18 39.36 -30.88 -9.02
C GLY B 18 40.17 -29.93 -8.15
N GLN B 19 39.85 -28.65 -8.16
CA GLN B 19 40.69 -27.68 -7.49
C GLN B 19 40.17 -27.32 -6.12
N THR B 20 41.09 -26.88 -5.26
CA THR B 20 40.80 -26.49 -3.89
C THR B 20 41.72 -25.35 -3.50
N GLU B 21 41.33 -24.58 -2.49
CA GLU B 21 42.23 -23.55 -1.97
C GLU B 21 42.06 -23.43 -0.47
N PRO B 22 43.06 -22.84 0.20
CA PRO B 22 42.98 -22.68 1.66
C PRO B 22 42.20 -21.48 2.07
N VAL B 23 41.61 -21.53 3.25
CA VAL B 23 41.07 -20.35 3.88
C VAL B 23 41.99 -19.90 5.01
N VAL B 24 42.45 -18.66 4.94
CA VAL B 24 43.48 -18.19 5.84
C VAL B 24 42.97 -17.12 6.81
N SER B 25 43.25 -17.32 8.10
CA SER B 25 42.90 -16.36 9.14
C SER B 25 43.75 -15.09 9.05
N PRO B 26 43.10 -13.93 9.09
CA PRO B 26 43.80 -12.64 9.14
C PRO B 26 44.46 -12.40 10.48
N ILE B 27 44.07 -13.14 11.51
CA ILE B 27 44.61 -12.91 12.86
C ILE B 27 46.05 -13.38 12.98
N ASN B 28 46.32 -14.59 12.52
CA ASN B 28 47.63 -15.20 12.67
C ASN B 28 48.12 -15.95 11.43
N GLU B 29 47.46 -15.69 10.30
CA GLU B 29 47.77 -16.32 9.00
C GLU B 29 47.64 -17.84 9.03
N GLU B 30 46.99 -18.37 10.05
CA GLU B 30 46.71 -19.79 10.13
C GLU B 30 45.83 -20.32 8.99
N VAL B 31 46.13 -21.50 8.47
CA VAL B 31 45.24 -22.15 7.54
C VAL B 31 44.13 -22.85 8.30
N LEU B 32 42.89 -22.40 8.14
CA LEU B 32 41.76 -22.95 8.91
C LEU B 32 41.12 -24.18 8.30
N ALA B 33 41.10 -24.23 6.97
CA ALA B 33 40.48 -25.31 6.24
C ALA B 33 40.69 -25.11 4.75
N TYR B 34 40.30 -26.10 3.96
CA TYR B 34 40.37 -26.03 2.52
C TYR B 34 38.97 -25.98 1.95
N ILE B 35 38.81 -25.34 0.80
CA ILE B 35 37.51 -25.25 0.14
C ILE B 35 37.59 -25.60 -1.35
N GLN B 36 36.45 -25.97 -1.92
CA GLN B 36 36.36 -26.18 -3.35
C GLN B 36 36.60 -24.86 -4.08
N ASP B 37 37.26 -24.94 -5.23
CA ASP B 37 37.58 -23.78 -6.04
C ASP B 37 37.11 -24.04 -7.45
N ALA B 38 35.79 -24.22 -7.57
CA ALA B 38 35.10 -24.52 -8.82
C ALA B 38 35.20 -23.45 -9.88
N ASP B 39 35.11 -23.87 -11.14
CA ASP B 39 35.04 -22.94 -12.26
C ASP B 39 33.66 -22.98 -12.91
N ALA B 40 33.59 -22.47 -14.12
CA ALA B 40 32.33 -22.30 -14.81
C ALA B 40 31.62 -23.60 -15.15
N SER B 41 32.31 -24.73 -15.05
CA SER B 41 31.72 -25.99 -15.49
C SER B 41 30.72 -26.52 -14.49
N ASP B 42 30.66 -25.91 -13.32
CA ASP B 42 29.73 -26.36 -12.31
C ASP B 42 28.49 -25.47 -12.17
N ALA B 43 28.38 -24.44 -13.00
CA ALA B 43 27.31 -23.46 -12.86
C ALA B 43 25.96 -23.96 -13.35
N GLU B 44 25.94 -24.58 -14.53
CA GLU B 44 24.72 -25.09 -15.10
C GLU B 44 24.09 -26.19 -14.25
N ARG B 45 24.92 -27.13 -13.79
CA ARG B 45 24.43 -28.20 -12.92
C ARG B 45 23.75 -27.65 -11.69
N VAL B 46 24.39 -26.67 -11.04
CA VAL B 46 23.85 -26.09 -9.83
C VAL B 46 22.54 -25.36 -10.09
N LEU B 47 22.48 -24.55 -11.15
CA LEU B 47 21.31 -23.75 -11.49
C LEU B 47 20.15 -24.61 -11.90
N ALA B 48 20.48 -25.75 -12.49
CA ALA B 48 19.47 -26.69 -12.95
C ALA B 48 18.86 -27.48 -11.80
N VAL B 49 19.61 -27.79 -10.75
CA VAL B 49 18.98 -28.48 -9.63
C VAL B 49 18.17 -27.46 -8.81
N ALA B 50 18.64 -26.22 -8.80
CA ALA B 50 17.94 -25.17 -8.09
C ALA B 50 16.64 -24.84 -8.82
N THR B 51 16.67 -24.88 -10.15
CA THR B 51 15.48 -24.72 -10.95
C THR B 51 14.46 -25.81 -10.68
N THR B 52 14.91 -27.05 -10.68
CA THR B 52 14.03 -28.18 -10.46
C THR B 52 13.41 -28.15 -9.07
N ALA B 53 14.21 -27.75 -8.10
CA ALA B 53 13.78 -27.73 -6.70
C ALA B 53 12.79 -26.61 -6.42
N GLN B 54 12.82 -25.54 -7.22
CA GLN B 54 11.96 -24.41 -6.97
C GLN B 54 10.53 -24.66 -7.44
N LYS B 55 10.34 -25.50 -8.45
CA LYS B 55 9.00 -25.78 -8.94
C LYS B 55 8.18 -26.41 -7.85
N GLU B 56 8.83 -27.20 -7.02
CA GLU B 56 8.19 -27.90 -5.93
C GLU B 56 8.04 -27.05 -4.68
N TRP B 57 8.99 -26.15 -4.47
CA TRP B 57 9.00 -25.24 -3.33
C TRP B 57 7.86 -24.22 -3.45
N ALA B 58 7.67 -23.70 -4.66
CA ALA B 58 6.62 -22.74 -4.90
C ALA B 58 5.24 -23.34 -4.68
N LYS B 59 5.15 -24.67 -4.70
CA LYS B 59 3.86 -25.34 -4.48
C LYS B 59 3.53 -25.46 -3.00
N GLN B 60 4.52 -25.27 -2.15
CA GLN B 60 4.28 -25.23 -0.72
C GLN B 60 3.77 -23.85 -0.39
N PRO B 61 2.59 -23.78 0.26
CA PRO B 61 2.01 -22.47 0.56
C PRO B 61 2.92 -21.65 1.44
N ALA B 62 2.80 -20.34 1.34
CA ALA B 62 3.79 -19.43 1.87
C ALA B 62 3.92 -19.57 3.38
N ARG B 63 2.80 -19.80 4.06
CA ARG B 63 2.83 -19.89 5.50
C ARG B 63 3.74 -21.04 5.93
N GLN B 64 3.68 -22.14 5.18
CA GLN B 64 4.46 -23.34 5.43
C GLN B 64 5.95 -23.14 5.09
N ARG B 65 6.26 -22.38 4.05
CA ARG B 65 7.64 -22.09 3.73
C ARG B 65 8.27 -21.28 4.85
N ALA B 66 7.48 -20.42 5.47
CA ALA B 66 7.96 -19.57 6.55
C ALA B 66 8.15 -20.36 7.83
N GLU B 67 7.36 -21.40 8.02
CA GLU B 67 7.55 -22.24 9.19
C GLU B 67 8.89 -22.94 9.10
N VAL B 68 9.22 -23.45 7.92
CA VAL B 68 10.49 -24.13 7.69
C VAL B 68 11.66 -23.21 7.96
N LEU B 69 11.57 -21.98 7.46
CA LEU B 69 12.69 -21.06 7.53
C LEU B 69 12.89 -20.42 8.90
N ARG B 70 11.83 -20.35 9.70
CA ARG B 70 11.96 -19.90 11.08
C ARG B 70 12.69 -20.95 11.91
N LYS B 71 12.54 -22.20 11.50
CA LYS B 71 13.23 -23.33 12.11
C LYS B 71 14.70 -23.25 11.77
N PHE B 72 14.99 -23.03 10.49
CA PHE B 72 16.35 -22.78 10.01
C PHE B 72 17.03 -21.65 10.75
N ALA B 73 16.29 -20.58 10.98
CA ALA B 73 16.88 -19.41 11.60
C ALA B 73 17.12 -19.63 13.09
N GLN B 74 16.29 -20.44 13.71
CA GLN B 74 16.54 -20.77 15.11
C GLN B 74 17.75 -21.68 15.22
N LEU B 75 17.81 -22.71 14.36
CA LEU B 75 18.96 -23.61 14.31
C LEU B 75 20.26 -22.82 14.21
N ILE B 76 20.20 -21.72 13.47
CA ILE B 76 21.35 -20.85 13.36
C ILE B 76 21.68 -20.21 14.72
N ARG B 77 20.67 -19.86 15.49
CA ARG B 77 20.91 -19.17 16.74
C ARG B 77 21.43 -20.16 17.80
N ASP B 78 21.04 -21.42 17.66
CA ASP B 78 21.51 -22.48 18.53
C ASP B 78 23.01 -22.61 18.41
N ASN B 79 23.53 -22.48 17.20
CA ASN B 79 24.94 -22.64 16.96
C ASN B 79 25.66 -21.32 16.92
N LYS B 80 25.05 -20.31 17.53
CA LYS B 80 25.57 -18.96 17.57
C LYS B 80 27.06 -18.91 17.91
N GLN B 81 27.45 -19.59 18.98
CA GLN B 81 28.80 -19.47 19.50
C GLN B 81 29.82 -20.12 18.59
N TYR B 82 29.47 -21.26 18.03
CA TYR B 82 30.35 -21.93 17.09
C TYR B 82 30.58 -21.08 15.84
N LEU B 83 29.48 -20.62 15.26
CA LEU B 83 29.52 -19.88 14.01
C LEU B 83 30.17 -18.51 14.18
N ALA B 84 29.94 -17.87 15.31
CA ALA B 84 30.56 -16.57 15.57
C ALA B 84 32.06 -16.73 15.68
N GLU B 85 32.49 -17.74 16.42
CA GLU B 85 33.91 -17.92 16.63
C GLU B 85 34.62 -18.27 15.35
N LEU B 86 33.91 -18.94 14.45
CA LEU B 86 34.46 -19.29 13.14
C LEU B 86 34.58 -18.04 12.30
N LEU B 87 33.64 -17.11 12.44
CA LEU B 87 33.73 -15.86 11.70
C LEU B 87 34.87 -14.99 12.20
N VAL B 88 35.19 -15.08 13.49
CA VAL B 88 36.32 -14.31 13.99
C VAL B 88 37.61 -14.85 13.38
N LYS B 89 37.71 -16.16 13.27
CA LYS B 89 38.90 -16.77 12.72
C LYS B 89 39.04 -16.51 11.23
N GLU B 90 37.98 -16.68 10.45
CA GLU B 90 38.14 -16.59 9.00
C GLU B 90 38.07 -15.18 8.48
N GLN B 91 37.47 -14.27 9.25
CA GLN B 91 37.24 -12.92 8.76
C GLN B 91 37.93 -11.85 9.60
N GLY B 92 38.01 -12.06 10.90
CA GLY B 92 38.81 -11.22 11.76
C GLY B 92 38.05 -10.13 12.47
N LYS B 93 36.73 -10.20 12.47
CA LYS B 93 35.96 -9.23 13.22
C LYS B 93 35.97 -9.61 14.68
N LEU B 94 35.80 -8.62 15.55
CA LEU B 94 35.67 -8.83 16.98
C LEU B 94 34.58 -9.82 17.30
N LEU B 95 34.80 -10.63 18.33
CA LEU B 95 33.85 -11.65 18.73
C LEU B 95 32.45 -11.10 18.95
N LYS B 96 32.33 -9.96 19.63
CA LYS B 96 31.01 -9.39 19.94
C LYS B 96 30.30 -8.98 18.66
N VAL B 97 31.05 -8.47 17.69
CA VAL B 97 30.52 -8.13 16.38
C VAL B 97 30.09 -9.39 15.62
N ALA B 98 30.84 -10.48 15.80
CA ALA B 98 30.47 -11.73 15.16
C ALA B 98 29.21 -12.31 15.78
N LEU B 99 29.09 -12.25 17.10
CA LEU B 99 27.86 -12.66 17.78
C LEU B 99 26.71 -11.83 17.24
N GLY B 100 26.96 -10.54 17.04
CA GLY B 100 26.00 -9.67 16.38
C GLY B 100 25.65 -10.13 14.99
N GLU B 101 26.65 -10.54 14.22
CA GLU B 101 26.43 -10.97 12.84
C GLU B 101 25.63 -12.25 12.74
N VAL B 102 25.90 -13.19 13.63
CA VAL B 102 25.17 -14.45 13.62
C VAL B 102 23.71 -14.21 13.94
N GLU B 103 23.48 -13.33 14.91
CA GLU B 103 22.14 -12.94 15.32
C GLU B 103 21.42 -12.30 14.15
N ALA B 104 22.07 -11.35 13.49
CA ALA B 104 21.50 -10.68 12.32
C ALA B 104 21.18 -11.64 11.19
N THR B 105 21.95 -12.71 11.03
CA THR B 105 21.69 -13.72 10.01
C THR B 105 20.33 -14.34 10.28
N SER B 106 20.01 -14.52 11.55
CA SER B 106 18.72 -15.09 11.91
C SER B 106 17.60 -14.08 11.72
N THR B 107 17.79 -12.89 12.25
CA THR B 107 16.73 -11.91 12.26
C THR B 107 16.36 -11.45 10.85
N PHE B 108 17.34 -11.47 9.94
CA PHE B 108 17.11 -11.26 8.52
C PHE B 108 16.11 -12.30 7.99
N ILE B 109 16.37 -13.55 8.28
CA ILE B 109 15.48 -14.62 7.84
C ILE B 109 14.11 -14.51 8.51
N GLU B 110 14.08 -14.11 9.78
CA GLU B 110 12.83 -13.99 10.51
C GLU B 110 12.03 -12.78 10.03
N TYR B 111 12.70 -11.68 9.67
CA TYR B 111 12.00 -10.55 9.09
C TYR B 111 11.34 -10.93 7.77
N ALA B 112 12.03 -11.70 6.94
CA ALA B 112 11.43 -12.18 5.72
C ALA B 112 10.18 -13.00 6.01
N CYS B 113 10.22 -13.82 7.05
CA CYS B 113 9.10 -14.68 7.38
C CYS B 113 7.86 -13.89 7.77
N ASP B 114 8.07 -12.72 8.37
CA ASP B 114 6.96 -11.83 8.71
C ASP B 114 6.14 -11.47 7.49
N TRP B 115 6.72 -11.67 6.31
CA TRP B 115 6.16 -11.22 5.06
C TRP B 115 5.37 -12.31 4.37
N ALA B 116 5.37 -13.52 4.93
CA ALA B 116 4.83 -14.70 4.27
C ALA B 116 3.38 -14.58 3.79
N ARG B 117 2.54 -13.85 4.51
CA ARG B 117 1.13 -13.81 4.14
C ARG B 117 0.71 -12.40 3.73
N GLN B 118 1.71 -11.53 3.64
CA GLN B 118 1.52 -10.18 3.15
C GLN B 118 2.13 -10.04 1.77
N MET B 119 1.87 -10.99 0.91
CA MET B 119 2.43 -10.99 -0.43
C MET B 119 1.29 -10.71 -1.40
N ASP B 120 0.48 -9.71 -1.06
CA ASP B 120 -0.78 -9.44 -1.75
C ASP B 120 -0.59 -9.03 -3.20
N GLY B 121 -1.53 -9.45 -4.05
CA GLY B 121 -1.61 -8.95 -5.41
C GLY B 121 -2.65 -7.85 -5.51
N ASP B 122 -2.87 -7.30 -6.70
CA ASP B 122 -3.81 -6.21 -6.82
C ASP B 122 -4.97 -6.54 -7.75
N ILE B 123 -6.17 -6.23 -7.30
CA ILE B 123 -7.37 -6.29 -8.13
C ILE B 123 -7.66 -4.90 -8.64
N VAL B 124 -7.49 -4.72 -9.94
CA VAL B 124 -7.56 -3.42 -10.58
C VAL B 124 -8.90 -3.23 -11.29
N LYS B 125 -9.48 -2.04 -11.14
CA LYS B 125 -10.73 -1.67 -11.79
C LYS B 125 -10.57 -1.60 -13.29
N SER B 126 -11.44 -2.24 -14.05
CA SER B 126 -11.33 -2.15 -15.50
C SER B 126 -12.14 -1.01 -16.08
N ASP B 127 -11.72 -0.54 -17.24
CA ASP B 127 -12.48 0.42 -18.02
C ASP B 127 -13.57 -0.31 -18.75
N ASN B 128 -13.49 -1.65 -18.76
CA ASN B 128 -14.47 -2.45 -19.47
C ASN B 128 -15.52 -3.00 -18.51
N ALA B 129 -16.75 -3.07 -19.00
CA ALA B 129 -17.93 -3.26 -18.16
C ALA B 129 -17.85 -4.49 -17.28
N ASN B 130 -17.50 -5.62 -17.87
CA ASN B 130 -17.60 -6.88 -17.15
C ASN B 130 -16.25 -7.63 -17.13
N GLU B 131 -15.21 -6.96 -16.67
CA GLU B 131 -13.87 -7.50 -16.82
C GLU B 131 -13.03 -7.33 -15.57
N GLN B 132 -12.31 -8.39 -15.20
CA GLN B 132 -11.44 -8.32 -14.06
C GLN B 132 -10.00 -8.18 -14.50
N ILE B 133 -9.29 -7.22 -13.91
CA ILE B 133 -7.84 -7.13 -14.06
C ILE B 133 -7.16 -7.54 -12.76
N MET B 134 -6.31 -8.56 -12.83
CA MET B 134 -5.66 -9.12 -11.64
C MET B 134 -4.17 -9.11 -11.77
N ILE B 135 -3.48 -8.45 -10.84
CA ILE B 135 -2.01 -8.53 -10.81
C ILE B 135 -1.50 -9.40 -9.66
N HIS B 136 -1.13 -10.64 -9.96
CA HIS B 136 -0.61 -11.57 -8.97
C HIS B 136 0.87 -11.38 -8.68
N LYS B 137 1.30 -11.82 -7.50
CA LYS B 137 2.72 -11.87 -7.16
C LYS B 137 3.12 -13.32 -7.11
N ILE B 138 4.14 -13.70 -7.89
CA ILE B 138 4.61 -15.08 -7.93
C ILE B 138 6.12 -15.08 -7.76
N PRO B 139 6.73 -16.27 -7.64
CA PRO B 139 8.19 -16.26 -7.53
C PRO B 139 8.85 -15.94 -8.86
N ARG B 140 10.05 -15.35 -8.81
CA ARG B 140 10.85 -15.19 -10.00
C ARG B 140 11.33 -16.55 -10.47
N GLY B 141 11.97 -17.27 -9.56
CA GLY B 141 12.53 -18.57 -9.88
C GLY B 141 13.82 -18.84 -9.14
N VAL B 142 14.94 -18.58 -9.80
CA VAL B 142 16.22 -18.88 -9.22
C VAL B 142 17.03 -17.63 -8.98
N VAL B 143 17.49 -17.48 -7.74
CA VAL B 143 18.24 -16.32 -7.32
C VAL B 143 19.68 -16.72 -7.07
N VAL B 144 20.61 -15.97 -7.64
CA VAL B 144 22.02 -16.19 -7.38
C VAL B 144 22.45 -15.15 -6.36
N ALA B 145 23.01 -15.59 -5.23
CA ALA B 145 23.44 -14.62 -4.22
C ALA B 145 24.96 -14.61 -4.10
N ILE B 146 25.55 -13.43 -4.20
CA ILE B 146 26.99 -13.26 -4.09
C ILE B 146 27.28 -12.44 -2.86
N THR B 147 28.07 -12.97 -1.93
CA THR B 147 28.27 -12.24 -0.68
C THR B 147 29.72 -11.80 -0.48
N ALA B 148 29.92 -10.72 0.24
CA ALA B 148 31.24 -10.14 0.38
C ALA B 148 31.91 -10.57 1.68
N TRP B 149 33.21 -10.32 1.80
CA TRP B 149 33.95 -10.76 2.96
C TRP B 149 33.89 -9.82 4.16
N ASN B 150 33.03 -8.82 4.12
CA ASN B 150 32.86 -7.94 5.30
C ASN B 150 31.87 -8.52 6.33
N PHE B 151 30.76 -9.06 5.86
CA PHE B 151 29.76 -9.73 6.69
C PHE B 151 29.18 -10.91 5.95
N PRO B 152 29.99 -11.95 5.72
CA PRO B 152 29.62 -13.07 4.86
C PRO B 152 28.38 -13.84 5.31
N LEU B 153 28.13 -13.92 6.61
CA LEU B 153 27.00 -14.71 7.05
C LEU B 153 25.72 -13.87 7.06
N ALA B 154 25.79 -12.67 7.60
CA ALA B 154 24.62 -11.81 7.64
C ALA B 154 24.09 -11.54 6.23
N LEU B 155 25.00 -11.28 5.30
CA LEU B 155 24.61 -11.04 3.92
C LEU B 155 23.92 -12.24 3.28
N ALA B 156 24.27 -13.44 3.71
CA ALA B 156 23.59 -14.63 3.19
C ALA B 156 22.17 -14.69 3.73
N GLY B 157 22.00 -14.34 4.99
CA GLY B 157 20.68 -14.33 5.57
C GLY B 157 19.83 -13.26 4.94
N ARG B 158 20.46 -12.14 4.67
CA ARG B 158 19.80 -11.01 4.02
C ARG B 158 19.16 -11.39 2.70
N LYS B 159 19.71 -12.40 2.04
CA LYS B 159 19.27 -12.79 0.72
C LYS B 159 18.48 -14.09 0.75
N ILE B 160 18.87 -15.00 1.63
CA ILE B 160 18.20 -16.29 1.72
C ILE B 160 16.76 -16.14 2.19
N GLY B 161 16.55 -15.32 3.21
CA GLY B 161 15.24 -15.11 3.77
C GLY B 161 14.24 -14.65 2.74
N PRO B 162 14.40 -13.42 2.24
CA PRO B 162 13.50 -12.93 1.21
C PRO B 162 13.31 -13.92 0.07
N ALA B 163 14.41 -14.43 -0.46
CA ALA B 163 14.34 -15.27 -1.64
C ALA B 163 13.45 -16.50 -1.42
N LEU B 164 13.63 -17.20 -0.31
CA LEU B 164 12.96 -18.46 -0.11
C LEU B 164 11.52 -18.29 0.37
N VAL B 165 11.28 -17.29 1.19
CA VAL B 165 9.93 -17.00 1.64
C VAL B 165 9.01 -16.67 0.46
N ALA B 166 9.54 -15.95 -0.52
CA ALA B 166 8.76 -15.58 -1.71
C ALA B 166 8.56 -16.74 -2.66
N GLY B 167 9.19 -17.88 -2.41
CA GLY B 167 9.01 -19.02 -3.28
C GLY B 167 10.13 -19.30 -4.26
N ASN B 168 11.25 -18.61 -4.10
CA ASN B 168 12.38 -18.88 -4.97
C ASN B 168 13.28 -19.96 -4.42
N SER B 169 14.14 -20.51 -5.27
CA SER B 169 15.31 -21.24 -4.79
C SER B 169 16.52 -20.32 -4.93
N ILE B 170 17.57 -20.58 -4.17
CA ILE B 170 18.73 -19.69 -4.18
C ILE B 170 20.01 -20.49 -4.34
N VAL B 171 21.02 -19.87 -4.95
CA VAL B 171 22.36 -20.42 -5.05
C VAL B 171 23.31 -19.41 -4.45
N VAL B 172 23.89 -19.72 -3.30
CA VAL B 172 24.76 -18.77 -2.64
C VAL B 172 26.21 -19.06 -2.96
N LYS B 173 26.90 -18.05 -3.44
CA LYS B 173 28.34 -18.13 -3.63
C LYS B 173 29.00 -17.12 -2.77
N PRO B 174 29.41 -17.54 -1.57
CA PRO B 174 30.21 -16.73 -0.65
C PRO B 174 31.59 -16.47 -1.20
N THR B 175 32.18 -15.33 -0.88
CA THR B 175 33.54 -15.03 -1.32
C THR B 175 34.49 -16.11 -0.84
N SER B 176 35.51 -16.43 -1.62
CA SER B 176 36.44 -17.47 -1.20
C SER B 176 37.30 -17.03 0.00
N GLU B 177 37.38 -15.72 0.26
CA GLU B 177 38.13 -15.23 1.40
C GLU B 177 37.58 -15.72 2.74
N THR B 178 36.28 -15.66 2.89
CA THR B 178 35.63 -16.04 4.11
C THR B 178 34.35 -16.79 3.83
N PRO B 179 34.50 -18.13 3.53
CA PRO B 179 33.24 -18.82 3.25
C PRO B 179 32.79 -19.91 4.20
N LEU B 180 33.60 -20.24 5.17
CA LEU B 180 33.36 -21.33 6.08
C LEU B 180 32.10 -21.36 6.86
N ALA B 181 31.77 -20.27 7.49
CA ALA B 181 30.56 -20.15 8.28
C ALA B 181 29.32 -20.22 7.40
N THR B 182 29.42 -19.71 6.18
CA THR B 182 28.32 -19.80 5.24
C THR B 182 28.07 -21.24 4.81
N LEU B 183 29.14 -21.99 4.55
CA LEU B 183 29.01 -23.38 4.15
C LEU B 183 28.37 -24.20 5.26
N GLU B 184 28.65 -23.84 6.51
CA GLU B 184 28.11 -24.53 7.67
C GLU B 184 26.58 -24.42 7.74
N LEU B 185 26.01 -23.46 7.00
CA LEU B 185 24.58 -23.38 6.88
C LEU B 185 24.02 -24.57 6.14
N GLY B 186 24.85 -25.20 5.30
CA GLY B 186 24.45 -26.40 4.59
C GLY B 186 23.87 -27.46 5.52
N TYR B 187 24.53 -27.69 6.64
CA TYR B 187 24.12 -28.73 7.55
C TYR B 187 22.88 -28.32 8.31
N LEU B 188 22.75 -27.03 8.60
CA LEU B 188 21.61 -26.52 9.32
C LEU B 188 20.37 -26.52 8.43
N ALA B 189 20.57 -26.34 7.15
CA ALA B 189 19.47 -26.37 6.19
C ALA B 189 18.84 -27.75 6.14
N GLU B 190 19.67 -28.78 6.19
CA GLU B 190 19.16 -30.13 6.15
C GLU B 190 18.37 -30.44 7.43
N GLN B 191 18.91 -30.05 8.58
CA GLN B 191 18.23 -30.20 9.88
C GLN B 191 16.88 -29.48 9.90
N ALA B 192 16.82 -28.32 9.24
CA ALA B 192 15.61 -27.51 9.20
C ALA B 192 14.52 -28.06 8.30
N GLY B 193 14.89 -28.96 7.39
CA GLY B 193 13.97 -29.51 6.43
C GLY B 193 13.77 -28.65 5.19
N ILE B 194 14.78 -27.84 4.86
CA ILE B 194 14.77 -27.11 3.59
C ILE B 194 14.97 -28.11 2.48
N PRO B 195 13.97 -28.28 1.59
CA PRO B 195 14.08 -29.36 0.60
C PRO B 195 15.37 -29.26 -0.21
N ALA B 196 15.89 -30.40 -0.64
CA ALA B 196 17.14 -30.44 -1.35
C ALA B 196 17.06 -29.62 -2.63
N GLY B 197 18.03 -28.74 -2.83
CA GLY B 197 18.06 -27.94 -4.04
C GLY B 197 17.52 -26.53 -3.88
N VAL B 198 16.74 -26.29 -2.84
CA VAL B 198 16.18 -24.98 -2.63
C VAL B 198 17.25 -24.05 -2.10
N LEU B 199 18.20 -24.61 -1.37
CA LEU B 199 19.32 -23.82 -0.86
C LEU B 199 20.65 -24.50 -1.19
N ASN B 200 21.43 -23.87 -2.07
CA ASN B 200 22.68 -24.42 -2.54
C ASN B 200 23.82 -23.46 -2.30
N ILE B 201 24.95 -23.97 -1.79
CA ILE B 201 26.09 -23.12 -1.49
C ILE B 201 27.32 -23.62 -2.23
N VAL B 202 27.87 -22.77 -3.10
CA VAL B 202 29.02 -23.14 -3.92
C VAL B 202 30.18 -22.15 -3.74
N THR B 203 31.40 -22.60 -3.98
CA THR B 203 32.57 -21.72 -3.88
C THR B 203 33.45 -21.93 -5.10
N GLY B 204 34.10 -20.86 -5.55
CA GLY B 204 34.87 -20.91 -6.77
C GLY B 204 35.34 -19.54 -7.18
N GLY B 205 35.74 -19.40 -8.44
CA GLY B 205 36.37 -18.18 -8.90
C GLY B 205 35.40 -17.15 -9.45
N GLY B 206 35.60 -15.90 -9.03
CA GLY B 206 34.77 -14.81 -9.51
C GLY B 206 34.61 -14.77 -11.01
N ARG B 207 35.72 -14.76 -11.74
CA ARG B 207 35.68 -14.60 -13.18
C ARG B 207 35.15 -15.82 -13.91
N THR B 208 35.04 -16.96 -13.22
CA THR B 208 34.65 -18.18 -13.89
C THR B 208 33.32 -18.73 -13.40
N LEU B 209 33.28 -19.25 -12.18
CA LEU B 209 32.05 -19.74 -11.62
C LEU B 209 31.03 -18.61 -11.43
N GLY B 210 31.48 -17.56 -10.76
CA GLY B 210 30.62 -16.44 -10.42
C GLY B 210 30.04 -15.80 -11.65
N ASN B 211 30.88 -15.51 -12.62
CA ASN B 211 30.43 -14.90 -13.87
C ASN B 211 29.48 -15.79 -14.65
N GLU B 212 29.68 -17.09 -14.58
CA GLU B 212 28.85 -18.01 -15.34
C GLU B 212 27.46 -18.08 -14.75
N LEU B 213 27.38 -18.00 -13.43
CA LEU B 213 26.12 -18.03 -12.71
C LEU B 213 25.25 -16.81 -13.00
N VAL B 214 25.84 -15.63 -12.89
CA VAL B 214 25.05 -14.40 -12.96
C VAL B 214 24.54 -14.14 -14.38
N GLY B 215 25.26 -14.67 -15.38
CA GLY B 215 24.88 -14.45 -16.75
C GLY B 215 23.97 -15.51 -17.35
N HIS B 216 23.80 -16.61 -16.63
CA HIS B 216 23.13 -17.79 -17.18
C HIS B 216 21.63 -17.59 -17.47
N ARG B 217 21.09 -18.36 -18.40
CA ARG B 217 19.67 -18.30 -18.74
C ARG B 217 18.77 -18.82 -17.63
N MET B 218 19.32 -19.58 -16.68
CA MET B 218 18.48 -20.15 -15.63
C MET B 218 18.38 -19.22 -14.44
N THR B 219 19.18 -18.16 -14.46
CA THR B 219 19.21 -17.20 -13.38
C THR B 219 18.17 -16.10 -13.57
N ASN B 220 17.31 -15.91 -12.58
CA ASN B 220 16.25 -14.90 -12.66
C ASN B 220 16.57 -13.65 -11.88
N MET B 221 17.37 -13.79 -10.84
CA MET B 221 17.78 -12.64 -10.10
C MET B 221 19.17 -12.84 -9.54
N VAL B 222 19.92 -11.76 -9.43
CA VAL B 222 21.23 -11.75 -8.84
C VAL B 222 21.26 -10.74 -7.72
N SER B 223 21.60 -11.16 -6.52
CA SER B 223 21.66 -10.23 -5.40
C SER B 223 23.07 -10.26 -4.84
N MET B 224 23.79 -9.15 -4.94
CA MET B 224 25.24 -9.18 -4.73
C MET B 224 25.74 -8.00 -3.92
N THR B 225 26.70 -8.25 -3.06
CA THR B 225 27.45 -7.20 -2.37
C THR B 225 28.91 -7.33 -2.78
N GLY B 226 29.58 -6.21 -2.98
CA GLY B 226 30.98 -6.22 -3.36
C GLY B 226 31.45 -4.92 -3.97
N SER B 227 32.49 -4.99 -4.79
CA SER B 227 33.06 -3.79 -5.37
C SER B 227 32.22 -3.26 -6.52
N THR B 228 32.40 -1.98 -6.85
CA THR B 228 31.71 -1.39 -7.97
C THR B 228 32.06 -2.10 -9.31
N PRO B 229 33.35 -2.28 -9.63
CA PRO B 229 33.65 -2.98 -10.89
C PRO B 229 33.03 -4.37 -10.98
N ALA B 230 33.02 -5.09 -9.87
CA ALA B 230 32.48 -6.44 -9.87
C ALA B 230 31.00 -6.40 -10.13
N GLY B 231 30.37 -5.29 -9.75
CA GLY B 231 28.95 -5.11 -9.91
C GLY B 231 28.61 -4.75 -11.33
N GLN B 232 29.39 -3.85 -11.92
CA GLN B 232 29.22 -3.45 -13.32
C GLN B 232 29.28 -4.66 -14.22
N SER B 233 30.21 -5.55 -13.89
CA SER B 233 30.43 -6.82 -14.56
C SER B 233 29.19 -7.69 -14.50
N ILE B 234 28.56 -7.71 -13.34
CA ILE B 234 27.32 -8.43 -13.17
C ILE B 234 26.22 -7.82 -14.03
N ILE B 235 26.16 -6.50 -14.06
CA ILE B 235 25.18 -5.82 -14.91
C ILE B 235 25.36 -6.18 -16.38
N ARG B 236 26.60 -6.09 -16.89
CA ARG B 236 26.89 -6.54 -18.25
C ARG B 236 26.42 -7.96 -18.53
N ALA B 237 26.76 -8.87 -17.64
CA ALA B 237 26.42 -10.26 -17.86
C ALA B 237 24.91 -10.47 -17.87
N SER B 238 24.17 -9.62 -17.18
CA SER B 238 22.72 -9.82 -17.10
C SER B 238 22.04 -9.44 -18.42
N ALA B 239 22.80 -8.88 -19.34
CA ALA B 239 22.27 -8.61 -20.67
C ALA B 239 21.85 -9.91 -21.35
N ASN B 240 22.47 -11.01 -20.93
CA ASN B 240 22.24 -12.29 -21.57
C ASN B 240 20.95 -12.95 -21.12
N ASN B 241 20.54 -12.67 -19.88
CA ASN B 241 19.39 -13.36 -19.31
C ASN B 241 18.28 -12.45 -18.86
N MET B 242 18.60 -11.17 -18.75
CA MET B 242 17.69 -10.13 -18.26
C MET B 242 17.19 -10.38 -16.85
N ALA B 243 18.03 -11.03 -16.07
CA ALA B 243 17.82 -11.21 -14.65
C ALA B 243 17.62 -9.86 -13.97
N HIS B 244 16.85 -9.83 -12.90
CA HIS B 244 16.77 -8.64 -12.08
C HIS B 244 18.04 -8.57 -11.24
N VAL B 245 18.60 -7.39 -11.11
CA VAL B 245 19.89 -7.26 -10.50
C VAL B 245 19.85 -6.30 -9.30
N GLN B 246 20.20 -6.83 -8.14
CA GLN B 246 20.14 -6.10 -6.89
C GLN B 246 21.55 -6.02 -6.30
N LEU B 247 22.17 -4.86 -6.39
CA LEU B 247 23.57 -4.74 -6.01
C LEU B 247 23.84 -3.67 -4.97
N GLU B 248 24.62 -4.02 -3.96
CA GLU B 248 25.19 -3.08 -3.00
C GLU B 248 26.70 -2.98 -3.20
N LEU B 249 27.20 -1.82 -3.62
CA LEU B 249 28.58 -1.75 -4.06
C LEU B 249 29.39 -0.72 -3.29
N GLY B 250 30.16 0.08 -4.00
CA GLY B 250 31.02 1.06 -3.36
C GLY B 250 30.32 2.16 -2.61
N GLY B 251 31.09 2.89 -1.81
CA GLY B 251 30.55 3.91 -0.95
C GLY B 251 31.65 4.83 -0.45
N LYS B 252 31.33 6.11 -0.37
CA LYS B 252 32.26 7.09 0.16
C LYS B 252 31.46 8.05 1.02
N ALA B 253 30.89 7.49 2.08
CA ALA B 253 29.94 8.21 2.93
C ALA B 253 30.60 9.33 3.71
N PRO B 254 30.06 10.55 3.61
CA PRO B 254 30.53 11.71 4.38
C PRO B 254 29.93 11.74 5.79
N PHE B 255 30.72 12.12 6.79
CA PHE B 255 30.21 12.36 8.14
C PHE B 255 30.28 13.85 8.46
N ILE B 256 29.15 14.53 8.44
CA ILE B 256 29.14 15.99 8.53
C ILE B 256 28.81 16.51 9.93
N VAL B 257 29.75 17.25 10.51
CA VAL B 257 29.56 17.88 11.79
C VAL B 257 29.27 19.35 11.61
N MET B 258 28.05 19.76 11.95
CA MET B 258 27.65 21.15 11.84
C MET B 258 28.02 21.94 13.07
N GLU B 259 27.90 23.26 12.96
CA GLU B 259 28.30 24.17 14.02
C GLU B 259 27.49 23.97 15.29
N ASP B 260 26.25 23.50 15.14
CA ASP B 260 25.36 23.32 16.28
C ASP B 260 25.23 21.86 16.73
N ALA B 261 26.13 21.01 16.29
CA ALA B 261 26.08 19.61 16.69
C ALA B 261 26.45 19.44 18.15
N ASP B 262 25.90 18.40 18.78
CA ASP B 262 26.40 17.95 20.07
C ASP B 262 27.73 17.24 19.83
N LEU B 263 28.82 17.86 20.28
CA LEU B 263 30.15 17.44 19.87
C LEU B 263 30.55 16.07 20.42
N GLU B 264 30.13 15.76 21.64
CA GLU B 264 30.47 14.48 22.23
C GLU B 264 29.63 13.35 21.62
N GLN B 265 28.38 13.66 21.27
CA GLN B 265 27.54 12.71 20.56
C GLN B 265 28.10 12.44 19.16
N ALA B 266 28.52 13.50 18.49
CA ALA B 266 28.97 13.42 17.11
C ALA B 266 30.29 12.68 17.00
N ALA B 267 31.18 12.92 17.96
CA ALA B 267 32.51 12.35 17.88
C ALA B 267 32.40 10.84 18.07
N ALA B 268 31.45 10.42 18.90
CA ALA B 268 31.26 9.00 19.17
C ALA B 268 30.60 8.31 18.00
N ALA B 269 29.62 8.97 17.40
CA ALA B 269 28.99 8.47 16.18
C ALA B 269 30.04 8.34 15.08
N ALA B 270 30.88 9.36 14.96
CA ALA B 270 31.90 9.39 13.93
C ALA B 270 32.97 8.35 14.17
N LEU B 271 33.25 8.06 15.43
CA LEU B 271 34.27 7.07 15.79
C LEU B 271 33.88 5.68 15.31
N HIS B 272 32.74 5.18 15.76
CA HIS B 272 32.40 3.81 15.42
C HIS B 272 31.96 3.69 13.96
N SER B 273 31.48 4.77 13.36
CA SER B 273 31.09 4.72 11.95
C SER B 273 32.28 4.54 10.99
N ARG B 274 33.47 4.97 11.41
CA ARG B 274 34.65 4.70 10.62
C ARG B 274 35.33 3.40 10.98
N PHE B 275 35.36 3.05 12.27
CA PHE B 275 36.28 2.03 12.72
C PHE B 275 35.65 0.70 13.03
N ASP B 276 34.32 0.65 12.98
CA ASP B 276 33.62 -0.61 13.04
C ASP B 276 34.14 -1.54 11.99
N ASN B 277 34.29 -2.80 12.36
CA ASN B 277 34.73 -3.83 11.45
C ASN B 277 36.00 -3.47 10.68
N CYS B 278 36.87 -2.70 11.32
CA CYS B 278 38.13 -2.24 10.73
C CYS B 278 37.88 -1.42 9.46
N GLY B 279 36.76 -0.72 9.41
CA GLY B 279 36.44 0.17 8.32
C GLY B 279 35.77 -0.54 7.18
N GLN B 280 35.68 -1.86 7.30
CA GLN B 280 35.19 -2.69 6.22
C GLN B 280 33.66 -2.79 6.23
N VAL B 281 32.99 -1.64 6.15
CA VAL B 281 31.53 -1.61 6.11
C VAL B 281 31.09 -0.72 4.94
N CYS B 282 30.09 -1.17 4.19
CA CYS B 282 29.62 -0.44 3.02
C CYS B 282 29.08 0.94 3.35
N THR B 283 28.75 1.16 4.63
CA THR B 283 28.18 2.44 5.06
C THR B 283 29.12 3.25 5.94
N CYS B 284 30.39 2.86 5.96
CA CYS B 284 31.35 3.47 6.85
C CYS B 284 31.55 4.96 6.63
N ASN B 285 31.81 5.65 7.72
CA ASN B 285 32.32 7.00 7.72
C ASN B 285 33.68 7.00 7.01
N GLU B 286 33.70 7.44 5.75
CA GLU B 286 34.90 7.35 4.91
C GLU B 286 35.58 8.68 4.76
N ARG B 287 34.90 9.74 5.17
CA ARG B 287 35.42 11.08 5.03
C ARG B 287 34.66 12.02 5.95
N MET B 288 35.38 12.76 6.80
CA MET B 288 34.74 13.56 7.83
C MET B 288 34.82 15.05 7.53
N TYR B 289 33.69 15.73 7.52
CA TYR B 289 33.68 17.16 7.31
C TYR B 289 33.26 17.83 8.61
N VAL B 290 34.15 18.68 9.14
CA VAL B 290 33.92 19.34 10.40
C VAL B 290 33.85 20.85 10.24
N HIS B 291 32.87 21.48 10.87
CA HIS B 291 32.71 22.90 10.77
C HIS B 291 33.87 23.61 11.47
N GLY B 292 34.30 24.72 10.88
CA GLY B 292 35.43 25.46 11.39
C GLY B 292 35.21 25.96 12.81
N ALA B 293 33.96 26.26 13.13
CA ALA B 293 33.65 26.89 14.40
C ALA B 293 33.74 25.93 15.59
N VAL B 294 33.54 24.65 15.33
CA VAL B 294 33.62 23.64 16.38
C VAL B 294 34.83 22.72 16.20
N TYR B 295 35.68 23.03 15.23
CA TYR B 295 36.75 22.13 14.80
C TYR B 295 37.73 21.76 15.91
N ASP B 296 38.31 22.75 16.58
CA ASP B 296 39.31 22.45 17.59
C ASP B 296 38.73 21.68 18.78
N GLU B 297 37.50 21.98 19.17
CA GLU B 297 36.93 21.28 20.32
C GLU B 297 36.48 19.88 19.94
N PHE B 298 35.93 19.72 18.75
CA PHE B 298 35.49 18.41 18.31
C PHE B 298 36.69 17.48 18.18
N MET B 299 37.77 17.98 17.59
CA MET B 299 38.91 17.13 17.31
C MET B 299 39.63 16.71 18.58
N ARG B 300 39.59 17.56 19.60
CA ARG B 300 40.22 17.18 20.86
C ARG B 300 39.41 16.01 21.45
N ILE B 301 38.08 16.13 21.43
CA ILE B 301 37.19 15.04 21.86
C ILE B 301 37.37 13.77 21.02
N PHE B 302 37.39 13.94 19.70
CA PHE B 302 37.40 12.81 18.79
C PHE B 302 38.73 12.08 18.83
N MET B 303 39.83 12.83 18.78
CA MET B 303 41.17 12.23 18.79
C MET B 303 41.49 11.56 20.11
N GLY B 304 40.76 11.93 21.16
CA GLY B 304 40.88 11.25 22.43
C GLY B 304 40.31 9.85 22.38
N LYS B 305 39.34 9.66 21.48
CA LYS B 305 38.68 8.38 21.35
C LYS B 305 39.47 7.49 20.42
N VAL B 306 40.08 8.09 19.40
CA VAL B 306 40.91 7.34 18.48
C VAL B 306 42.13 6.79 19.19
N GLU B 307 42.75 7.63 20.01
CA GLU B 307 43.92 7.26 20.78
C GLU B 307 43.63 6.14 21.75
N ALA B 308 42.37 6.00 22.15
CA ALA B 308 42.00 4.97 23.12
C ALA B 308 41.55 3.67 22.47
N ILE B 309 41.59 3.61 21.14
CA ILE B 309 41.23 2.38 20.44
C ILE B 309 42.36 1.39 20.57
N LYS B 310 42.05 0.21 21.10
CA LYS B 310 43.06 -0.83 21.20
C LYS B 310 42.93 -1.87 20.09
N VAL B 311 43.98 -2.00 19.29
CA VAL B 311 44.02 -3.01 18.24
C VAL B 311 44.62 -4.28 18.79
N GLY B 312 44.04 -5.43 18.44
CA GLY B 312 44.59 -6.69 18.92
C GLY B 312 43.71 -7.87 18.61
N ASP B 313 43.99 -9.00 19.27
CA ASP B 313 43.26 -10.24 19.06
C ASP B 313 41.75 -9.99 19.16
N PRO B 314 41.00 -10.37 18.11
CA PRO B 314 39.54 -10.15 18.12
C PRO B 314 38.78 -11.06 19.09
N MET B 315 39.42 -12.11 19.59
CA MET B 315 38.80 -12.98 20.59
C MET B 315 38.90 -12.41 21.99
N ASP B 316 39.87 -11.53 22.17
CA ASP B 316 40.06 -10.81 23.42
C ASP B 316 38.99 -9.73 23.57
N PRO B 317 38.23 -9.76 24.67
CA PRO B 317 37.18 -8.75 24.85
C PRO B 317 37.73 -7.32 24.94
N ALA B 318 39.02 -7.21 25.21
CA ALA B 318 39.66 -5.91 25.36
C ALA B 318 39.92 -5.20 24.03
N SER B 319 39.76 -5.91 22.93
CA SER B 319 40.08 -5.34 21.64
C SER B 319 38.93 -4.51 21.10
N ASP B 320 39.30 -3.42 20.42
CA ASP B 320 38.33 -2.48 19.88
C ASP B 320 38.33 -2.59 18.38
N MET B 321 39.41 -3.15 17.86
CA MET B 321 39.54 -3.30 16.42
C MET B 321 40.42 -4.49 16.12
N GLY B 322 40.02 -5.25 15.11
CA GLY B 322 40.78 -6.40 14.68
C GLY B 322 41.61 -6.08 13.47
N PRO B 323 42.02 -7.11 12.74
CA PRO B 323 42.90 -7.01 11.57
C PRO B 323 42.18 -6.71 10.27
N LYS B 324 42.92 -6.36 9.23
CA LYS B 324 42.36 -6.22 7.89
C LYS B 324 42.18 -7.60 7.28
N VAL B 325 41.40 -7.72 6.21
CA VAL B 325 40.95 -9.06 5.80
C VAL B 325 42.09 -9.91 5.21
N ASN B 326 43.01 -9.29 4.49
CA ASN B 326 44.14 -10.01 3.90
C ASN B 326 45.27 -9.06 3.52
N ALA B 327 46.32 -9.61 2.93
CA ALA B 327 47.55 -8.86 2.69
C ALA B 327 47.39 -7.78 1.62
N ASN B 328 46.58 -8.02 0.60
CA ASN B 328 46.33 -7.02 -0.42
C ASN B 328 45.60 -5.81 0.12
N GLU B 329 44.60 -6.06 0.94
CA GLU B 329 43.84 -4.98 1.54
C GLU B 329 44.72 -4.23 2.50
N LEU B 330 45.61 -4.94 3.18
CA LEU B 330 46.59 -4.29 4.06
C LEU B 330 47.52 -3.40 3.25
N ALA B 331 48.01 -3.93 2.14
CA ALA B 331 48.87 -3.19 1.24
C ALA B 331 48.17 -1.95 0.75
N HIS B 332 46.86 -2.06 0.55
CA HIS B 332 46.09 -0.94 0.03
C HIS B 332 46.07 0.22 1.01
N MET B 333 45.98 -0.11 2.29
CA MET B 333 46.01 0.91 3.34
C MET B 333 47.34 1.65 3.28
N GLU B 334 48.43 0.92 3.09
CA GLU B 334 49.74 1.55 2.97
C GLU B 334 49.78 2.44 1.73
N GLU B 335 49.26 1.96 0.62
CA GLU B 335 49.22 2.74 -0.60
C GLU B 335 48.45 4.05 -0.38
N LEU B 336 47.30 3.94 0.26
CA LEU B 336 46.42 5.08 0.42
C LEU B 336 47.02 6.14 1.33
N VAL B 337 47.68 5.73 2.40
CA VAL B 337 48.31 6.69 3.29
C VAL B 337 49.54 7.33 2.65
N ALA B 338 50.30 6.54 1.91
CA ALA B 338 51.46 7.08 1.21
C ALA B 338 51.06 8.12 0.15
N GLU B 339 50.00 7.83 -0.59
CA GLU B 339 49.48 8.73 -1.60
C GLU B 339 48.94 10.02 -0.97
N ALA B 340 48.37 9.92 0.22
CA ALA B 340 47.86 11.09 0.89
C ALA B 340 49.00 12.04 1.31
N VAL B 341 50.11 11.47 1.75
CA VAL B 341 51.28 12.26 2.13
C VAL B 341 51.88 12.90 0.90
N ASP B 342 51.89 12.18 -0.21
CA ASP B 342 52.40 12.69 -1.48
C ASP B 342 51.57 13.82 -2.03
N GLU B 343 50.32 13.89 -1.62
CA GLU B 343 49.40 14.88 -2.16
C GLU B 343 49.35 16.12 -1.29
N GLY B 344 49.99 16.03 -0.12
CA GLY B 344 50.12 17.16 0.78
C GLY B 344 49.42 17.01 2.11
N ALA B 345 48.88 15.83 2.38
CA ALA B 345 48.14 15.62 3.61
C ALA B 345 49.05 15.36 4.80
N THR B 346 48.44 15.43 5.99
CA THR B 346 49.11 15.27 7.26
C THR B 346 48.54 14.06 7.99
N VAL B 347 49.39 13.10 8.35
CA VAL B 347 48.95 12.00 9.19
C VAL B 347 48.98 12.43 10.64
N LEU B 348 47.80 12.63 11.21
CA LEU B 348 47.66 13.15 12.56
C LEU B 348 47.78 12.07 13.62
N PHE B 349 47.43 10.85 13.24
CA PHE B 349 47.56 9.69 14.11
C PHE B 349 47.53 8.44 13.25
N GLY B 350 48.27 7.42 13.66
CA GLY B 350 48.29 6.18 12.92
C GLY B 350 49.14 6.24 11.67
N GLY B 351 48.71 5.53 10.64
CA GLY B 351 49.41 5.52 9.36
C GLY B 351 50.46 4.43 9.17
N LYS B 352 50.60 3.55 10.16
CA LYS B 352 51.61 2.50 10.14
C LYS B 352 50.99 1.15 10.43
N LYS B 353 51.61 0.09 9.93
CA LYS B 353 51.32 -1.27 10.37
C LYS B 353 51.59 -1.38 11.86
N LEU B 354 50.92 -2.30 12.51
CA LEU B 354 51.22 -2.57 13.89
C LEU B 354 52.50 -3.35 13.97
N GLU B 355 53.37 -2.91 14.87
CA GLU B 355 54.60 -3.61 15.18
C GLU B 355 54.57 -4.01 16.66
N GLY B 356 54.97 -5.25 16.87
CA GLY B 356 54.92 -5.84 18.16
C GLY B 356 55.00 -7.32 17.97
N PRO B 357 55.26 -8.03 19.12
CA PRO B 357 55.42 -9.47 18.94
C PRO B 357 54.12 -10.16 18.65
N GLU B 358 53.07 -9.42 18.91
CA GLU B 358 51.73 -9.90 18.72
C GLU B 358 51.26 -9.65 17.34
N PHE B 359 52.05 -8.98 16.53
CA PHE B 359 51.62 -8.63 15.20
C PHE B 359 52.53 -9.04 14.09
N GLU B 360 53.29 -10.08 14.34
CA GLU B 360 54.22 -10.65 13.40
C GLU B 360 53.43 -11.35 12.33
N LYS B 361 52.58 -12.26 12.74
CA LYS B 361 51.72 -12.93 11.81
C LYS B 361 50.44 -12.15 11.87
N GLY B 362 49.77 -11.93 10.76
CA GLY B 362 48.53 -11.20 10.77
C GLY B 362 48.60 -9.88 10.03
N PHE B 363 47.44 -9.34 9.68
CA PHE B 363 47.37 -8.13 8.86
C PHE B 363 46.81 -6.96 9.64
N TRP B 364 47.71 -6.14 10.18
CA TRP B 364 47.35 -5.16 11.18
C TRP B 364 47.73 -3.73 10.78
N PHE B 365 46.73 -2.85 10.76
CA PHE B 365 46.99 -1.45 10.46
C PHE B 365 46.44 -0.58 11.58
N GLU B 366 47.16 0.48 11.93
CA GLU B 366 46.72 1.38 12.99
C GLU B 366 45.48 2.17 12.58
N PRO B 367 44.67 2.58 13.55
CA PRO B 367 43.62 3.56 13.27
C PRO B 367 44.25 4.86 12.79
N THR B 368 43.86 5.33 11.61
CA THR B 368 44.56 6.42 10.93
C THR B 368 43.65 7.63 10.64
N VAL B 369 44.11 8.81 11.04
CA VAL B 369 43.38 10.06 10.82
C VAL B 369 44.22 11.07 10.04
N LEU B 370 43.69 11.54 8.92
CA LEU B 370 44.40 12.48 8.06
C LEU B 370 43.82 13.87 8.19
N THR B 371 44.67 14.88 8.35
CA THR B 371 44.23 16.26 8.45
C THR B 371 44.92 17.07 7.37
N ASN B 372 44.68 18.38 7.35
CA ASN B 372 45.13 19.24 6.26
C ASN B 372 44.89 18.64 4.89
N VAL B 373 43.73 18.02 4.70
CA VAL B 373 43.40 17.48 3.38
C VAL B 373 42.42 18.42 2.70
N THR B 374 42.48 18.43 1.38
CA THR B 374 41.58 19.26 0.61
C THR B 374 40.63 18.33 -0.15
N GLN B 375 39.55 18.89 -0.69
CA GLN B 375 38.48 18.08 -1.27
C GLN B 375 38.91 17.32 -2.54
N ASP B 376 39.96 17.79 -3.21
CA ASP B 376 40.38 17.13 -4.44
C ASP B 376 41.34 15.95 -4.23
N MET B 377 41.78 15.71 -3.00
CA MET B 377 42.72 14.61 -2.76
C MET B 377 42.07 13.26 -2.98
N THR B 378 42.87 12.30 -3.43
CA THR B 378 42.35 11.00 -3.83
C THR B 378 41.62 10.29 -2.69
N ILE B 379 42.14 10.44 -1.48
CA ILE B 379 41.61 9.75 -0.32
C ILE B 379 40.19 10.17 0.06
N VAL B 380 39.75 11.28 -0.53
CA VAL B 380 38.42 11.85 -0.34
C VAL B 380 37.44 11.31 -1.40
N HIS B 381 37.98 10.65 -2.42
CA HIS B 381 37.19 10.18 -3.53
C HIS B 381 37.21 8.68 -3.74
N GLU B 382 38.28 8.03 -3.32
CA GLU B 382 38.37 6.57 -3.42
C GLU B 382 38.04 5.89 -2.10
N GLU B 383 37.18 4.88 -2.16
CA GLU B 383 36.82 4.11 -0.98
C GLU B 383 38.04 3.40 -0.46
N SER B 384 38.27 3.51 0.84
CA SER B 384 39.41 2.86 1.47
C SER B 384 38.99 1.51 2.02
N PHE B 385 37.81 1.46 2.62
CA PHE B 385 37.28 0.23 3.17
C PHE B 385 38.20 -0.31 4.26
N GLY B 386 38.78 0.60 5.03
CA GLY B 386 39.68 0.25 6.11
C GLY B 386 39.81 1.44 7.02
N PRO B 387 40.65 1.33 8.06
CA PRO B 387 40.68 2.31 9.14
C PRO B 387 41.46 3.59 8.84
N ILE B 388 41.11 4.27 7.75
CA ILE B 388 41.74 5.53 7.36
C ILE B 388 40.69 6.63 7.25
N LEU B 389 40.84 7.71 8.01
CA LEU B 389 39.84 8.78 7.98
C LEU B 389 40.40 10.18 7.70
N PRO B 390 40.11 10.73 6.50
CA PRO B 390 40.41 12.13 6.19
C PRO B 390 39.43 13.11 6.82
N VAL B 391 39.94 14.25 7.25
CA VAL B 391 39.11 15.30 7.83
C VAL B 391 39.25 16.59 7.03
N ILE B 392 38.13 17.20 6.66
CA ILE B 392 38.06 18.43 5.89
C ILE B 392 37.28 19.50 6.65
N LYS B 393 37.81 20.73 6.72
CA LYS B 393 37.07 21.86 7.31
C LYS B 393 36.13 22.49 6.32
N PHE B 394 35.02 23.03 6.81
CA PHE B 394 34.12 23.80 5.96
C PHE B 394 33.51 24.91 6.81
N ASP B 395 33.01 25.96 6.17
CA ASP B 395 32.47 27.11 6.89
C ASP B 395 30.96 27.29 6.77
N SER B 396 30.34 26.59 5.83
CA SER B 396 28.91 26.77 5.61
C SER B 396 28.24 25.47 5.17
N PHE B 397 26.91 25.44 5.29
CA PHE B 397 26.15 24.29 4.88
C PHE B 397 26.21 24.06 3.36
N ASP B 398 26.13 25.14 2.57
CA ASP B 398 26.15 25.02 1.12
C ASP B 398 27.46 24.43 0.62
N GLU B 399 28.54 24.81 1.29
CA GLU B 399 29.87 24.33 0.95
C GLU B 399 29.98 22.81 1.12
N VAL B 400 29.54 22.30 2.26
CA VAL B 400 29.70 20.87 2.56
C VAL B 400 28.74 19.98 1.76
N ILE B 401 27.62 20.53 1.30
CA ILE B 401 26.74 19.77 0.43
C ILE B 401 27.43 19.54 -0.90
N GLU B 402 28.16 20.54 -1.39
CA GLU B 402 28.91 20.38 -2.61
C GLU B 402 29.98 19.31 -2.44
N TYR B 403 30.70 19.36 -1.32
CA TYR B 403 31.70 18.35 -1.02
C TYR B 403 31.11 16.94 -0.99
N ALA B 404 30.01 16.79 -0.26
CA ALA B 404 29.31 15.53 -0.19
C ALA B 404 28.96 14.99 -1.56
N ASN B 405 28.35 15.81 -2.40
CA ASN B 405 27.87 15.31 -3.67
C ASN B 405 28.96 15.15 -4.72
N ASP B 406 30.14 15.69 -4.43
CA ASP B 406 31.31 15.51 -5.28
C ASP B 406 31.84 14.09 -5.10
N SER B 407 31.13 13.13 -5.68
CA SER B 407 31.42 11.73 -5.44
C SER B 407 30.79 10.88 -6.51
N ASP B 408 31.36 9.71 -6.75
CA ASP B 408 30.74 8.74 -7.66
C ASP B 408 29.91 7.73 -6.88
N TYR B 409 29.85 7.93 -5.58
CA TYR B 409 29.11 7.06 -4.68
C TYR B 409 28.00 7.82 -3.97
N GLY B 410 26.98 7.10 -3.56
CA GLY B 410 25.86 7.74 -2.89
C GLY B 410 25.02 6.82 -2.05
N LEU B 411 25.64 6.03 -1.20
CA LEU B 411 24.88 5.14 -0.34
C LEU B 411 24.60 5.83 0.98
N ALA B 412 25.50 5.73 1.95
CA ALA B 412 25.26 6.33 3.25
C ALA B 412 25.82 7.73 3.40
N ALA B 413 25.42 8.39 4.47
CA ALA B 413 25.89 9.73 4.84
C ALA B 413 25.39 10.00 6.23
N MET B 414 26.19 10.68 7.03
CA MET B 414 25.80 10.99 8.40
C MET B 414 25.94 12.48 8.64
N ILE B 415 25.03 13.06 9.40
CA ILE B 415 25.15 14.47 9.74
C ILE B 415 24.69 14.68 11.17
N CYS B 416 25.39 15.58 11.88
CA CYS B 416 25.05 15.90 13.25
C CYS B 416 24.72 17.36 13.34
N THR B 417 23.50 17.65 13.74
CA THR B 417 23.02 19.01 13.80
C THR B 417 21.76 19.06 14.62
N GLN B 418 21.44 20.25 15.13
CA GLN B 418 20.22 20.41 15.89
C GLN B 418 19.25 21.21 15.05
N ASN B 419 19.71 21.59 13.87
CA ASN B 419 18.97 22.47 12.96
C ASN B 419 18.09 21.69 12.00
N MET B 420 16.79 21.68 12.26
CA MET B 420 15.90 20.82 11.53
C MET B 420 15.71 21.30 10.11
N HIS B 421 16.14 22.51 9.85
CA HIS B 421 16.03 23.09 8.53
C HIS B 421 17.13 22.60 7.66
N TYR B 422 18.29 22.38 8.23
CA TYR B 422 19.37 21.72 7.52
C TYR B 422 18.92 20.32 7.15
N ILE B 423 18.26 19.66 8.09
CA ILE B 423 17.91 18.28 7.92
C ILE B 423 16.87 18.12 6.82
N ASN B 424 15.95 19.06 6.72
CA ASN B 424 14.95 18.99 5.68
C ASN B 424 15.57 19.21 4.31
N ARG B 425 16.58 20.08 4.25
CA ARG B 425 17.16 20.43 2.96
C ARG B 425 17.90 19.26 2.34
N LEU B 426 18.32 18.31 3.17
CA LEU B 426 19.00 17.11 2.70
C LEU B 426 18.11 16.28 1.80
N LEU B 427 16.80 16.40 1.96
CA LEU B 427 15.86 15.64 1.16
C LEU B 427 16.04 15.94 -0.32
N THR B 428 16.24 17.20 -0.65
CA THR B 428 16.36 17.59 -2.05
C THR B 428 17.81 17.88 -2.46
N GLU B 429 18.69 18.16 -1.49
CA GLU B 429 20.02 18.62 -1.83
C GLU B 429 21.18 17.62 -1.61
N LEU B 430 20.98 16.59 -0.79
CA LEU B 430 22.05 15.61 -0.57
C LEU B 430 21.86 14.35 -1.42
N GLU B 431 22.83 14.06 -2.28
CA GLU B 431 22.73 12.93 -3.20
C GLU B 431 23.21 11.61 -2.60
N SER B 432 22.59 11.22 -1.48
CA SER B 432 22.87 9.95 -0.83
C SER B 432 21.58 9.23 -0.48
N GLY B 433 21.58 7.91 -0.59
CA GLY B 433 20.37 7.14 -0.41
C GLY B 433 20.01 6.76 1.02
N GLU B 434 20.98 6.78 1.92
CA GLU B 434 20.76 6.38 3.29
C GLU B 434 21.39 7.38 4.22
N ILE B 435 20.57 8.14 4.93
CA ILE B 435 21.06 9.27 5.70
C ILE B 435 20.86 9.07 7.19
N TYR B 436 21.91 9.25 7.97
CA TYR B 436 21.81 9.09 9.39
C TYR B 436 21.94 10.43 10.10
N VAL B 437 20.97 10.79 10.92
CA VAL B 437 21.01 12.08 11.61
C VAL B 437 21.27 11.96 13.12
N ASN B 438 22.32 12.63 13.59
CA ASN B 438 22.65 12.64 15.01
C ASN B 438 22.89 11.24 15.58
N ARG B 439 23.36 10.36 14.72
CA ARG B 439 23.74 9.01 15.11
C ARG B 439 24.71 8.47 14.08
N GLY B 440 25.27 7.28 14.31
CA GLY B 440 26.14 6.66 13.33
C GLY B 440 25.40 5.64 12.50
N HIS B 441 26.12 4.97 11.60
CA HIS B 441 25.51 4.03 10.66
C HIS B 441 24.97 2.78 11.34
N GLY B 442 24.28 1.93 10.57
CA GLY B 442 23.62 0.76 11.11
C GLY B 442 22.14 0.69 10.78
N GLU B 443 21.81 -0.11 9.77
CA GLU B 443 20.47 -0.13 9.22
C GLU B 443 19.64 -1.21 9.86
N GLN B 444 18.33 -1.17 9.63
CA GLN B 444 17.42 -2.14 10.20
C GLN B 444 16.63 -2.85 9.09
N HIS B 445 16.12 -4.02 9.40
CA HIS B 445 15.58 -4.88 8.36
C HIS B 445 14.36 -4.29 7.66
N GLN B 446 13.67 -3.36 8.31
CA GLN B 446 12.45 -2.78 7.76
C GLN B 446 12.69 -1.50 6.95
N GLY B 447 13.93 -1.02 6.97
CA GLY B 447 14.29 0.13 6.18
C GLY B 447 14.47 -0.20 4.71
N PHE B 448 15.11 0.72 4.00
CA PHE B 448 15.48 0.48 2.61
C PHE B 448 16.92 0.92 2.37
N HIS B 449 17.77 -0.07 2.16
CA HIS B 449 19.21 0.14 2.04
C HIS B 449 19.53 0.32 0.57
N ASN B 450 19.70 1.56 0.16
CA ASN B 450 19.60 1.94 -1.25
C ASN B 450 20.56 3.05 -1.62
N GLY B 451 21.42 2.81 -2.60
CA GLY B 451 22.43 3.79 -2.99
C GLY B 451 22.26 4.33 -4.39
N TYR B 452 22.68 5.58 -4.57
CA TYR B 452 22.63 6.28 -5.85
C TYR B 452 23.93 6.11 -6.58
N LYS B 453 24.00 6.68 -7.78
CA LYS B 453 25.23 6.71 -8.55
C LYS B 453 25.84 5.32 -8.69
N LEU B 454 27.14 5.16 -8.46
CA LEU B 454 27.79 3.86 -8.63
C LEU B 454 27.80 2.98 -7.39
N SER B 455 26.92 3.25 -6.44
CA SER B 455 26.79 2.44 -5.23
C SER B 455 25.90 1.22 -5.43
N GLY B 456 25.21 1.17 -6.56
CA GLY B 456 24.43 -0.01 -6.88
C GLY B 456 23.04 0.22 -7.44
N THR B 457 22.29 -0.87 -7.51
CA THR B 457 20.99 -0.88 -8.12
C THR B 457 20.01 -1.63 -7.25
N GLY B 458 18.74 -1.28 -7.37
CA GLY B 458 17.69 -2.11 -6.82
C GLY B 458 17.36 -1.76 -5.39
N GLY B 459 18.32 -1.97 -4.50
CA GLY B 459 18.10 -1.67 -3.10
C GLY B 459 17.75 -2.91 -2.31
N GLU B 460 18.14 -2.94 -1.06
CA GLU B 460 17.95 -4.12 -0.23
C GLU B 460 17.14 -3.82 1.02
N ASP B 461 16.55 -4.88 1.57
CA ASP B 461 15.81 -4.83 2.83
C ASP B 461 14.41 -4.26 2.70
N GLY B 462 13.60 -4.50 3.73
CA GLY B 462 12.29 -3.90 3.85
C GLY B 462 11.27 -4.33 2.83
N LYS B 463 10.21 -3.54 2.73
CA LYS B 463 9.12 -3.70 1.77
C LYS B 463 9.59 -3.67 0.32
N TYR B 464 10.44 -2.72 -0.03
CA TYR B 464 10.86 -2.58 -1.43
C TYR B 464 11.95 -3.58 -1.79
N GLY B 465 12.76 -3.95 -0.80
CA GLY B 465 13.74 -5.00 -0.98
C GLY B 465 13.11 -6.37 -1.13
N PHE B 466 12.09 -6.64 -0.34
CA PHE B 466 11.41 -7.92 -0.43
C PHE B 466 10.67 -8.01 -1.74
N GLU B 467 10.10 -6.89 -2.18
CA GLU B 467 9.36 -6.81 -3.43
C GLU B 467 10.16 -7.35 -4.62
N GLN B 468 11.48 -7.17 -4.60
CA GLN B 468 12.29 -7.51 -5.76
C GLN B 468 12.47 -9.00 -5.93
N TYR B 469 12.09 -9.78 -4.91
CA TYR B 469 12.19 -11.22 -5.02
C TYR B 469 10.90 -11.78 -5.64
N LEU B 470 10.11 -10.91 -6.23
CA LEU B 470 8.82 -11.28 -6.77
C LEU B 470 8.64 -10.81 -8.22
N GLU B 471 7.98 -11.65 -8.99
CA GLU B 471 7.48 -11.27 -10.30
C GLU B 471 6.01 -10.95 -10.18
N LYS B 472 5.50 -10.17 -11.12
CA LYS B 472 4.08 -9.99 -11.23
C LYS B 472 3.58 -10.76 -12.43
N LYS B 473 2.28 -11.05 -12.44
CA LYS B 473 1.65 -11.70 -13.57
C LYS B 473 0.29 -11.07 -13.71
N THR B 474 0.04 -10.44 -14.85
CA THR B 474 -1.19 -9.70 -15.07
C THR B 474 -2.24 -10.52 -15.82
N PHE B 475 -3.48 -10.42 -15.37
CA PHE B 475 -4.60 -11.07 -16.05
C PHE B 475 -5.66 -10.06 -16.50
N TYR B 476 -6.16 -10.24 -17.71
CA TYR B 476 -7.34 -9.52 -18.17
C TYR B 476 -8.40 -10.55 -18.47
N ILE B 477 -9.35 -10.73 -17.56
CA ILE B 477 -10.38 -11.74 -17.77
C ILE B 477 -11.71 -11.12 -18.13
N ASN B 478 -12.26 -11.50 -19.27
CA ASN B 478 -13.51 -10.94 -19.73
C ASN B 478 -14.71 -11.87 -19.54
N TYR B 479 -15.82 -11.31 -19.04
CA TYR B 479 -17.08 -12.05 -18.90
C TYR B 479 -18.25 -11.35 -19.64
N GLN C 3 -13.08 -21.17 42.25
CA GLN C 3 -13.42 -19.74 42.43
C GLN C 3 -12.40 -18.74 41.83
N TYR C 4 -12.72 -18.23 40.65
CA TYR C 4 -11.81 -17.38 39.91
C TYR C 4 -11.94 -15.90 40.26
N GLN C 5 -10.86 -15.15 40.04
CA GLN C 5 -10.92 -13.70 40.16
C GLN C 5 -10.75 -13.05 38.81
N MET C 6 -10.53 -11.74 38.81
CA MET C 6 -10.40 -10.97 37.58
C MET C 6 -8.95 -10.54 37.42
N TYR C 7 -8.43 -10.58 36.19
CA TYR C 7 -7.04 -10.21 35.97
C TYR C 7 -6.99 -8.74 35.60
N VAL C 8 -6.49 -7.92 36.52
CA VAL C 8 -6.46 -6.46 36.38
C VAL C 8 -5.19 -5.89 36.99
N GLY C 9 -4.50 -5.04 36.25
CA GLY C 9 -3.27 -4.44 36.75
C GLY C 9 -2.18 -5.44 37.10
N GLY C 10 -2.23 -6.61 36.48
CA GLY C 10 -1.27 -7.64 36.81
C GLY C 10 -1.58 -8.41 38.08
N GLU C 11 -2.70 -8.07 38.73
CA GLU C 11 -3.10 -8.78 39.96
C GLU C 11 -4.45 -9.47 39.77
N TRP C 12 -4.77 -10.35 40.70
CA TRP C 12 -6.06 -11.02 40.68
C TRP C 12 -6.95 -10.37 41.74
N ILE C 13 -8.07 -9.80 41.29
CA ILE C 13 -8.87 -8.93 42.15
C ILE C 13 -10.31 -9.36 42.21
N ASP C 14 -11.03 -8.83 43.20
CA ASP C 14 -12.45 -9.17 43.36
C ASP C 14 -13.29 -8.10 42.72
N ALA C 15 -14.49 -8.47 42.31
CA ALA C 15 -15.48 -7.49 41.92
C ALA C 15 -15.81 -6.60 43.12
N SER C 16 -16.07 -5.33 42.90
CA SER C 16 -16.35 -4.43 44.01
C SER C 16 -17.69 -4.72 44.64
N ASN C 17 -18.64 -5.24 43.88
CA ASN C 17 -19.84 -5.76 44.52
C ASN C 17 -19.47 -7.16 44.99
N GLY C 18 -20.26 -7.80 45.82
CA GLY C 18 -19.74 -9.05 46.33
C GLY C 18 -19.93 -10.24 45.41
N GLN C 19 -20.31 -9.98 44.18
CA GLN C 19 -21.04 -10.98 43.44
C GLN C 19 -20.16 -12.04 42.77
N THR C 20 -20.64 -13.28 42.80
CA THR C 20 -20.03 -14.40 42.12
C THR C 20 -21.13 -15.16 41.43
N GLU C 21 -20.74 -16.16 40.66
CA GLU C 21 -21.64 -16.82 39.73
C GLU C 21 -20.96 -18.07 39.21
N PRO C 22 -21.68 -19.20 39.18
CA PRO C 22 -21.08 -20.48 38.76
C PRO C 22 -20.93 -20.62 37.25
N VAL C 23 -19.92 -21.35 36.82
CA VAL C 23 -19.80 -21.70 35.41
C VAL C 23 -20.16 -23.16 35.21
N VAL C 24 -21.15 -23.41 34.35
CA VAL C 24 -21.74 -24.73 34.19
C VAL C 24 -21.44 -25.39 32.83
N SER C 25 -21.00 -26.65 32.86
CA SER C 25 -20.73 -27.45 31.66
C SER C 25 -22.00 -27.95 30.94
N PRO C 26 -22.08 -27.77 29.62
CA PRO C 26 -23.23 -28.20 28.81
C PRO C 26 -23.32 -29.70 28.63
N ILE C 27 -22.24 -30.41 28.95
CA ILE C 27 -22.17 -31.86 28.81
C ILE C 27 -23.02 -32.58 29.86
N ASN C 28 -22.92 -32.15 31.11
CA ASN C 28 -23.57 -32.85 32.22
C ASN C 28 -24.10 -31.92 33.31
N GLU C 29 -24.14 -30.63 33.02
CA GLU C 29 -24.63 -29.60 33.94
C GLU C 29 -23.81 -29.49 35.23
N GLU C 30 -22.62 -30.09 35.22
CA GLU C 30 -21.68 -29.97 36.32
C GLU C 30 -21.17 -28.54 36.51
N VAL C 31 -21.05 -28.10 37.76
CA VAL C 31 -20.41 -26.83 38.05
C VAL C 31 -18.90 -26.97 38.05
N LEU C 32 -18.23 -26.11 37.30
CA LEU C 32 -16.81 -26.25 37.05
C LEU C 32 -15.96 -25.32 37.89
N ALA C 33 -16.53 -24.18 38.27
CA ALA C 33 -15.82 -23.15 39.01
C ALA C 33 -16.77 -22.02 39.27
N TYR C 34 -16.30 -21.00 39.98
CA TYR C 34 -17.07 -19.78 40.16
C TYR C 34 -16.23 -18.62 39.63
N ILE C 35 -16.91 -17.60 39.10
CA ILE C 35 -16.27 -16.38 38.59
C ILE C 35 -16.83 -15.14 39.29
N GLN C 36 -16.13 -14.02 39.16
CA GLN C 36 -16.63 -12.74 39.66
C GLN C 36 -17.74 -12.28 38.75
N ASP C 37 -18.67 -11.50 39.29
CA ASP C 37 -19.84 -11.05 38.53
C ASP C 37 -20.00 -9.55 38.74
N ALA C 38 -18.99 -8.81 38.30
CA ALA C 38 -18.90 -7.38 38.57
C ALA C 38 -20.00 -6.60 37.88
N ASP C 39 -20.25 -5.39 38.37
CA ASP C 39 -21.22 -4.51 37.72
C ASP C 39 -20.51 -3.26 37.23
N ALA C 40 -21.28 -2.23 36.92
CA ALA C 40 -20.75 -1.03 36.27
C ALA C 40 -19.73 -0.26 37.10
N SER C 41 -19.78 -0.41 38.41
CA SER C 41 -18.93 0.41 39.26
C SER C 41 -17.46 0.06 39.06
N ASP C 42 -17.19 -1.18 38.67
CA ASP C 42 -15.82 -1.61 38.45
C ASP C 42 -15.21 -1.24 37.11
N ALA C 43 -15.98 -0.59 36.24
CA ALA C 43 -15.48 -0.27 34.91
C ALA C 43 -14.32 0.71 34.95
N GLU C 44 -14.45 1.77 35.72
CA GLU C 44 -13.47 2.84 35.71
C GLU C 44 -12.12 2.41 36.29
N ARG C 45 -12.08 1.64 37.37
CA ARG C 45 -10.80 1.17 37.92
C ARG C 45 -9.99 0.49 36.82
N VAL C 46 -10.62 -0.50 36.19
CA VAL C 46 -10.00 -1.31 35.16
C VAL C 46 -9.50 -0.49 33.98
N LEU C 47 -10.34 0.36 33.40
CA LEU C 47 -9.92 1.21 32.28
C LEU C 47 -8.84 2.20 32.71
N ALA C 48 -8.87 2.61 33.97
CA ALA C 48 -7.84 3.52 34.44
C ALA C 48 -6.47 2.85 34.50
N VAL C 49 -6.41 1.56 34.87
CA VAL C 49 -5.10 0.92 34.94
C VAL C 49 -4.62 0.58 33.52
N ALA C 50 -5.53 0.17 32.66
CA ALA C 50 -5.21 -0.07 31.26
C ALA C 50 -4.71 1.21 30.60
N THR C 51 -5.26 2.35 30.99
CA THR C 51 -4.84 3.62 30.43
C THR C 51 -3.43 3.94 30.85
N THR C 52 -3.15 3.93 32.14
CA THR C 52 -1.82 4.18 32.65
C THR C 52 -0.76 3.22 32.11
N ALA C 53 -1.13 1.97 31.89
CA ALA C 53 -0.15 0.97 31.45
C ALA C 53 0.11 1.09 29.95
N GLN C 54 -0.89 1.55 29.21
CA GLN C 54 -0.77 1.68 27.77
C GLN C 54 0.30 2.71 27.45
N LYS C 55 0.41 3.74 28.28
CA LYS C 55 1.37 4.82 28.03
C LYS C 55 2.81 4.32 28.04
N GLU C 56 3.12 3.35 28.89
CA GLU C 56 4.48 2.82 28.92
C GLU C 56 4.67 1.78 27.83
N TRP C 57 3.69 0.91 27.65
CA TRP C 57 3.73 -0.13 26.63
C TRP C 57 3.96 0.44 25.25
N ALA C 58 3.36 1.60 24.97
CA ALA C 58 3.50 2.22 23.66
C ALA C 58 4.90 2.78 23.43
N LYS C 59 5.64 2.99 24.52
CA LYS C 59 7.00 3.48 24.41
C LYS C 59 7.95 2.36 24.05
N GLN C 60 7.49 1.13 24.19
CA GLN C 60 8.29 -0.02 23.79
C GLN C 60 8.22 -0.16 22.28
N PRO C 61 9.38 -0.19 21.61
CA PRO C 61 9.39 -0.30 20.15
C PRO C 61 8.66 -1.55 19.65
N ALA C 62 8.10 -1.46 18.46
CA ALA C 62 7.15 -2.44 17.95
C ALA C 62 7.71 -3.86 17.88
N ARG C 63 8.99 -4.02 17.54
CA ARG C 63 9.59 -5.36 17.50
C ARG C 63 9.63 -5.98 18.88
N GLN C 64 9.87 -5.14 19.88
CA GLN C 64 9.95 -5.55 21.26
C GLN C 64 8.61 -6.04 21.76
N ARG C 65 7.54 -5.42 21.30
CA ARG C 65 6.18 -5.83 21.66
C ARG C 65 5.79 -7.13 20.96
N ALA C 66 6.24 -7.29 19.73
CA ALA C 66 5.95 -8.51 18.99
C ALA C 66 6.64 -9.71 19.62
N GLU C 67 7.87 -9.54 20.09
CA GLU C 67 8.59 -10.64 20.71
C GLU C 67 7.90 -11.08 22.00
N VAL C 68 7.36 -10.13 22.73
CA VAL C 68 6.62 -10.43 23.95
C VAL C 68 5.34 -11.21 23.64
N LEU C 69 4.66 -10.83 22.57
CA LEU C 69 3.42 -11.50 22.27
C LEU C 69 3.65 -12.84 21.59
N ARG C 70 4.81 -13.03 20.98
CA ARG C 70 5.15 -14.32 20.42
C ARG C 70 5.43 -15.35 21.51
N LYS C 71 6.02 -14.87 22.60
CA LYS C 71 6.31 -15.69 23.76
C LYS C 71 4.99 -16.08 24.40
N PHE C 72 4.06 -15.15 24.38
CA PHE C 72 2.72 -15.34 24.90
C PHE C 72 2.02 -16.39 24.08
N ALA C 73 2.21 -16.30 22.77
CA ALA C 73 1.53 -17.19 21.84
C ALA C 73 1.99 -18.61 22.00
N GLN C 74 3.25 -18.78 22.34
CA GLN C 74 3.83 -20.11 22.46
C GLN C 74 3.48 -20.73 23.81
N LEU C 75 3.38 -19.90 24.84
CA LEU C 75 2.93 -20.37 26.14
C LEU C 75 1.52 -20.93 26.03
N ILE C 76 0.71 -20.32 25.18
CA ILE C 76 -0.63 -20.82 24.97
C ILE C 76 -0.55 -22.17 24.29
N ARG C 77 0.32 -22.28 23.31
CA ARG C 77 0.46 -23.52 22.59
C ARG C 77 1.05 -24.59 23.49
N ASP C 78 1.98 -24.20 24.38
CA ASP C 78 2.60 -25.14 25.30
C ASP C 78 1.55 -25.81 26.16
N ASN C 79 0.49 -25.08 26.47
CA ASN C 79 -0.60 -25.57 27.32
C ASN C 79 -1.84 -25.95 26.55
N LYS C 80 -1.66 -26.25 25.27
CA LYS C 80 -2.75 -26.61 24.38
C LYS C 80 -3.76 -27.61 24.96
N GLN C 81 -3.27 -28.74 25.45
CA GLN C 81 -4.13 -29.81 25.95
C GLN C 81 -4.96 -29.38 27.14
N TYR C 82 -4.31 -28.68 28.06
CA TYR C 82 -4.98 -28.13 29.23
C TYR C 82 -6.11 -27.19 28.87
N LEU C 83 -5.78 -26.19 28.06
CA LEU C 83 -6.72 -25.17 27.62
C LEU C 83 -7.85 -25.79 26.80
N ALA C 84 -7.50 -26.69 25.89
CA ALA C 84 -8.48 -27.30 25.00
C ALA C 84 -9.50 -28.10 25.78
N GLU C 85 -9.04 -28.87 26.76
CA GLU C 85 -9.96 -29.68 27.55
C GLU C 85 -10.83 -28.82 28.43
N LEU C 86 -10.33 -27.63 28.74
CA LEU C 86 -11.08 -26.71 29.57
C LEU C 86 -12.22 -26.13 28.74
N LEU C 87 -11.91 -25.75 27.50
CA LEU C 87 -12.90 -25.26 26.54
C LEU C 87 -14.00 -26.27 26.28
N VAL C 88 -13.64 -27.55 26.25
CA VAL C 88 -14.62 -28.59 26.03
C VAL C 88 -15.62 -28.64 27.17
N LYS C 89 -15.11 -28.59 28.39
CA LYS C 89 -15.97 -28.72 29.55
C LYS C 89 -16.84 -27.49 29.70
N GLU C 90 -16.29 -26.31 29.52
CA GLU C 90 -17.08 -25.11 29.79
C GLU C 90 -17.98 -24.74 28.60
N GLN C 91 -17.56 -25.07 27.39
CA GLN C 91 -18.30 -24.62 26.22
C GLN C 91 -19.02 -25.73 25.47
N GLY C 92 -18.44 -26.91 25.40
CA GLY C 92 -19.13 -28.06 24.85
C GLY C 92 -18.66 -28.60 23.52
N LYS C 93 -17.78 -27.88 22.85
CA LYS C 93 -17.25 -28.31 21.55
C LYS C 93 -16.45 -29.60 21.59
N LEU C 94 -16.47 -30.36 20.49
CA LEU C 94 -15.63 -31.55 20.33
C LEU C 94 -14.18 -31.24 20.67
N LEU C 95 -13.48 -32.19 21.28
CA LEU C 95 -12.11 -31.95 21.72
C LEU C 95 -11.21 -31.62 20.56
N LYS C 96 -11.39 -32.30 19.42
CA LYS C 96 -10.58 -32.03 18.24
C LYS C 96 -10.80 -30.61 17.74
N VAL C 97 -11.99 -30.07 17.94
CA VAL C 97 -12.28 -28.69 17.58
C VAL C 97 -11.67 -27.72 18.60
N ALA C 98 -11.64 -28.13 19.86
CA ALA C 98 -11.06 -27.33 20.93
C ALA C 98 -9.57 -27.16 20.73
N LEU C 99 -8.90 -28.22 20.29
CA LEU C 99 -7.48 -28.14 19.99
C LEU C 99 -7.25 -27.12 18.90
N GLY C 100 -8.08 -27.21 17.86
CA GLY C 100 -8.07 -26.23 16.81
C GLY C 100 -8.21 -24.81 17.31
N GLU C 101 -9.16 -24.58 18.20
CA GLU C 101 -9.42 -23.25 18.70
C GLU C 101 -8.25 -22.71 19.53
N VAL C 102 -7.61 -23.57 20.30
CA VAL C 102 -6.47 -23.13 21.07
C VAL C 102 -5.34 -22.80 20.09
N GLU C 103 -5.20 -23.57 19.04
CA GLU C 103 -4.12 -23.29 18.08
C GLU C 103 -4.39 -22.00 17.32
N ALA C 104 -5.67 -21.74 17.02
CA ALA C 104 -6.09 -20.51 16.36
C ALA C 104 -5.79 -19.31 17.23
N THR C 105 -5.90 -19.50 18.54
CA THR C 105 -5.63 -18.44 19.49
C THR C 105 -4.19 -17.98 19.36
N SER C 106 -3.28 -18.94 19.28
CA SER C 106 -1.88 -18.65 19.07
C SER C 106 -1.62 -18.03 17.71
N THR C 107 -2.17 -18.62 16.66
CA THR C 107 -1.93 -18.10 15.32
C THR C 107 -2.56 -16.72 15.06
N PHE C 108 -3.68 -16.39 15.72
CA PHE C 108 -4.21 -15.03 15.62
C PHE C 108 -3.16 -14.07 16.13
N ILE C 109 -2.58 -14.38 17.27
CA ILE C 109 -1.56 -13.54 17.87
C ILE C 109 -0.28 -13.47 17.03
N GLU C 110 0.18 -14.63 16.56
CA GLU C 110 1.38 -14.69 15.74
C GLU C 110 1.20 -13.93 14.43
N TYR C 111 0.00 -14.00 13.84
CA TYR C 111 -0.28 -13.28 12.61
C TYR C 111 -0.10 -11.80 12.82
N ALA C 112 -0.59 -11.31 13.95
CA ALA C 112 -0.45 -9.91 14.28
C ALA C 112 1.01 -9.52 14.48
N CYS C 113 1.82 -10.41 15.00
CA CYS C 113 3.21 -10.06 15.24
C CYS C 113 3.95 -9.87 13.93
N ASP C 114 3.53 -10.58 12.89
CA ASP C 114 4.12 -10.40 11.56
C ASP C 114 4.00 -8.96 11.09
N TRP C 115 2.92 -8.29 11.52
CA TRP C 115 2.65 -6.90 11.17
C TRP C 115 3.44 -5.87 11.97
N ALA C 116 4.19 -6.31 12.97
CA ALA C 116 4.84 -5.40 13.91
C ALA C 116 5.71 -4.33 13.25
N ARG C 117 6.64 -4.76 12.41
CA ARG C 117 7.54 -3.82 11.77
C ARG C 117 7.04 -3.41 10.39
N GLN C 118 5.78 -3.66 10.12
CA GLN C 118 5.16 -3.26 8.87
C GLN C 118 3.99 -2.29 9.09
N MET C 119 3.99 -1.62 10.24
CA MET C 119 2.99 -0.62 10.58
C MET C 119 3.37 0.74 9.98
N ASP C 120 3.26 0.85 8.66
CA ASP C 120 3.82 1.99 7.94
C ASP C 120 2.91 3.22 7.91
N GLY C 121 3.45 4.37 8.30
CA GLY C 121 2.80 5.62 8.07
C GLY C 121 3.11 6.14 6.68
N ASP C 122 2.53 7.27 6.30
CA ASP C 122 2.77 7.84 4.99
C ASP C 122 3.54 9.15 5.04
N ILE C 123 4.48 9.31 4.13
CA ILE C 123 5.04 10.62 3.88
C ILE C 123 4.32 11.15 2.67
N VAL C 124 3.58 12.23 2.84
CA VAL C 124 2.73 12.73 1.78
C VAL C 124 3.29 14.01 1.16
N LYS C 125 3.24 14.09 -0.15
CA LYS C 125 3.77 15.25 -0.87
C LYS C 125 2.91 16.48 -0.62
N SER C 126 3.56 17.58 -0.23
CA SER C 126 2.83 18.80 0.08
C SER C 126 2.66 19.74 -1.10
N ASP C 127 1.63 20.58 -1.03
CA ASP C 127 1.39 21.62 -2.01
C ASP C 127 2.24 22.83 -1.71
N ASN C 128 2.94 22.83 -0.60
CA ASN C 128 3.85 23.92 -0.27
C ASN C 128 5.33 23.52 -0.35
N ALA C 129 6.18 24.51 -0.61
CA ALA C 129 7.61 24.26 -0.66
C ALA C 129 8.16 24.16 0.74
N ASN C 130 9.19 23.33 0.90
CA ASN C 130 9.86 23.14 2.18
C ASN C 130 8.91 22.72 3.29
N GLU C 131 7.93 21.90 2.94
CA GLU C 131 6.96 21.44 3.89
C GLU C 131 6.71 19.97 3.73
N GLN C 132 6.56 19.29 4.85
CA GLN C 132 6.32 17.86 4.86
C GLN C 132 5.01 17.50 5.51
N ILE C 133 4.29 16.56 4.92
CA ILE C 133 3.11 16.03 5.56
C ILE C 133 3.42 14.61 6.01
N MET C 134 3.12 14.32 7.26
CA MET C 134 3.50 13.05 7.88
C MET C 134 2.29 12.40 8.51
N ILE C 135 1.86 11.26 8.01
CA ILE C 135 0.71 10.62 8.59
C ILE C 135 1.16 9.38 9.36
N HIS C 136 1.55 9.58 10.60
CA HIS C 136 2.02 8.49 11.44
C HIS C 136 0.89 7.55 11.81
N LYS C 137 1.23 6.31 12.13
CA LYS C 137 0.26 5.42 12.75
C LYS C 137 0.68 5.13 14.16
N ILE C 138 -0.24 5.29 15.09
CA ILE C 138 0.07 5.15 16.50
C ILE C 138 -1.02 4.33 17.17
N PRO C 139 -0.82 3.94 18.43
CA PRO C 139 -1.91 3.26 19.14
C PRO C 139 -3.11 4.16 19.39
N ARG C 140 -4.30 3.56 19.36
CA ARG C 140 -5.52 4.28 19.76
C ARG C 140 -5.50 4.64 21.24
N GLY C 141 -5.14 3.69 22.08
CA GLY C 141 -5.21 3.87 23.51
C GLY C 141 -5.66 2.60 24.19
N VAL C 142 -6.90 2.56 24.67
CA VAL C 142 -7.40 1.37 25.34
C VAL C 142 -8.48 0.68 24.50
N VAL C 143 -8.35 -0.63 24.35
CA VAL C 143 -9.29 -1.45 23.60
C VAL C 143 -10.13 -2.33 24.53
N VAL C 144 -11.45 -2.26 24.40
CA VAL C 144 -12.33 -3.20 25.11
C VAL C 144 -12.75 -4.34 24.19
N ALA C 145 -12.62 -5.58 24.66
CA ALA C 145 -12.86 -6.74 23.83
C ALA C 145 -13.96 -7.60 24.41
N ILE C 146 -15.00 -7.83 23.63
CA ILE C 146 -16.11 -8.64 24.09
C ILE C 146 -16.15 -9.92 23.27
N THR C 147 -16.05 -11.05 23.94
CA THR C 147 -15.95 -12.33 23.26
C THR C 147 -17.19 -13.17 23.51
N ALA C 148 -17.52 -14.07 22.59
CA ALA C 148 -18.76 -14.81 22.68
C ALA C 148 -18.50 -16.25 23.05
N TRP C 149 -19.56 -17.01 23.23
CA TRP C 149 -19.42 -18.36 23.75
C TRP C 149 -19.37 -19.42 22.66
N ASN C 150 -19.14 -19.02 21.42
CA ASN C 150 -18.97 -20.02 20.39
C ASN C 150 -17.49 -20.41 20.29
N PHE C 151 -16.62 -19.41 20.30
CA PHE C 151 -15.17 -19.60 20.34
C PHE C 151 -14.52 -18.58 21.26
N PRO C 152 -14.78 -18.68 22.57
CA PRO C 152 -14.32 -17.65 23.51
C PRO C 152 -12.83 -17.36 23.43
N LEU C 153 -12.01 -18.41 23.37
CA LEU C 153 -10.58 -18.23 23.47
C LEU C 153 -9.95 -17.75 22.16
N ALA C 154 -10.36 -18.33 21.04
CA ALA C 154 -9.85 -17.86 19.75
C ALA C 154 -10.23 -16.40 19.52
N LEU C 155 -11.48 -16.04 19.81
CA LEU C 155 -11.93 -14.66 19.69
C LEU C 155 -11.09 -13.69 20.54
N ALA C 156 -10.58 -14.18 21.66
CA ALA C 156 -9.70 -13.36 22.49
C ALA C 156 -8.39 -13.07 21.78
N GLY C 157 -7.71 -14.12 21.32
CA GLY C 157 -6.43 -13.98 20.67
C GLY C 157 -6.55 -13.15 19.40
N ARG C 158 -7.72 -13.22 18.80
CA ARG C 158 -8.05 -12.51 17.58
C ARG C 158 -8.05 -11.02 17.81
N LYS C 159 -8.23 -10.61 19.06
CA LYS C 159 -8.34 -9.19 19.41
C LYS C 159 -7.13 -8.74 20.21
N ILE C 160 -6.64 -9.61 21.09
CA ILE C 160 -5.50 -9.31 21.93
C ILE C 160 -4.29 -9.07 21.06
N GLY C 161 -4.13 -9.91 20.05
CA GLY C 161 -2.97 -9.88 19.18
C GLY C 161 -2.77 -8.55 18.49
N PRO C 162 -3.69 -8.19 17.59
CA PRO C 162 -3.62 -6.91 16.92
C PRO C 162 -3.52 -5.77 17.91
N ALA C 163 -4.40 -5.74 18.91
CA ALA C 163 -4.42 -4.64 19.87
C ALA C 163 -3.07 -4.41 20.50
N LEU C 164 -2.50 -5.46 21.08
CA LEU C 164 -1.27 -5.31 21.84
C LEU C 164 -0.04 -5.07 20.95
N VAL C 165 -0.02 -5.62 19.74
CA VAL C 165 1.07 -5.34 18.82
C VAL C 165 1.05 -3.87 18.40
N ALA C 166 -0.11 -3.36 18.05
CA ALA C 166 -0.28 -1.95 17.68
C ALA C 166 0.02 -0.99 18.82
N GLY C 167 0.23 -1.51 20.03
CA GLY C 167 0.64 -0.67 21.13
C GLY C 167 -0.47 -0.23 22.06
N ASN C 168 -1.62 -0.87 21.96
CA ASN C 168 -2.73 -0.63 22.88
C ASN C 168 -2.64 -1.49 24.14
N SER C 169 -3.40 -1.11 25.15
CA SER C 169 -3.68 -2.00 26.27
C SER C 169 -5.08 -2.52 26.04
N ILE C 170 -5.43 -3.64 26.66
CA ILE C 170 -6.73 -4.22 26.39
C ILE C 170 -7.43 -4.67 27.68
N VAL C 171 -8.76 -4.61 27.65
CA VAL C 171 -9.63 -5.13 28.69
C VAL C 171 -10.57 -6.14 28.06
N VAL C 172 -10.43 -7.42 28.39
CA VAL C 172 -11.23 -8.45 27.73
C VAL C 172 -12.36 -8.93 28.62
N LYS C 173 -13.60 -8.87 28.13
CA LYS C 173 -14.71 -9.40 28.89
C LYS C 173 -15.29 -10.63 28.22
N PRO C 174 -14.81 -11.81 28.61
CA PRO C 174 -15.35 -13.04 28.05
C PRO C 174 -16.75 -13.23 28.54
N THR C 175 -17.62 -13.82 27.72
CA THR C 175 -18.96 -14.08 28.18
C THR C 175 -18.90 -14.93 29.42
N SER C 176 -19.79 -14.65 30.36
CA SER C 176 -19.80 -15.37 31.63
C SER C 176 -20.12 -16.84 31.43
N GLU C 177 -20.66 -17.14 30.26
CA GLU C 177 -21.10 -18.48 29.91
C GLU C 177 -19.91 -19.42 29.72
N THR C 178 -18.79 -18.89 29.25
CA THR C 178 -17.60 -19.68 28.96
C THR C 178 -16.30 -18.89 29.18
N PRO C 179 -16.00 -18.50 30.43
CA PRO C 179 -14.88 -17.58 30.67
C PRO C 179 -13.57 -18.21 31.12
N LEU C 180 -13.56 -19.50 31.45
CA LEU C 180 -12.45 -20.08 32.20
C LEU C 180 -11.12 -20.20 31.43
N ALA C 181 -11.15 -20.74 30.22
CA ALA C 181 -9.97 -20.78 29.39
C ALA C 181 -9.41 -19.39 29.16
N THR C 182 -10.28 -18.40 29.01
CA THR C 182 -9.82 -17.03 28.80
C THR C 182 -9.12 -16.48 30.04
N LEU C 183 -9.67 -16.78 31.21
CA LEU C 183 -9.09 -16.29 32.45
C LEU C 183 -7.71 -16.88 32.66
N GLU C 184 -7.55 -18.14 32.28
CA GLU C 184 -6.28 -18.83 32.39
C GLU C 184 -5.15 -18.13 31.67
N LEU C 185 -5.50 -17.38 30.62
CA LEU C 185 -4.52 -16.56 29.91
C LEU C 185 -3.80 -15.62 30.84
N GLY C 186 -4.50 -15.16 31.86
CA GLY C 186 -3.96 -14.19 32.78
C GLY C 186 -2.72 -14.70 33.49
N TYR C 187 -2.53 -16.02 33.50
CA TYR C 187 -1.38 -16.61 34.18
C TYR C 187 -0.20 -16.74 33.25
N LEU C 188 -0.46 -16.62 31.96
CA LEU C 188 0.57 -16.77 30.95
C LEU C 188 1.02 -15.39 30.52
N ALA C 189 0.15 -14.41 30.72
CA ALA C 189 0.42 -13.04 30.29
C ALA C 189 1.61 -12.47 31.03
N GLU C 190 1.55 -12.58 32.34
CA GLU C 190 2.63 -12.26 33.23
C GLU C 190 3.96 -12.86 32.75
N GLN C 191 3.96 -14.20 32.59
CA GLN C 191 5.14 -14.96 32.18
C GLN C 191 5.82 -14.45 30.92
N ALA C 192 5.00 -14.06 29.95
CA ALA C 192 5.48 -13.76 28.61
C ALA C 192 6.15 -12.40 28.53
N GLY C 193 5.84 -11.51 29.44
CA GLY C 193 6.45 -10.20 29.46
C GLY C 193 5.45 -9.10 29.20
N ILE C 194 4.16 -9.43 29.27
CA ILE C 194 3.13 -8.43 29.15
C ILE C 194 3.08 -7.67 30.46
N PRO C 195 3.42 -6.38 30.43
CA PRO C 195 3.43 -5.57 31.65
C PRO C 195 2.09 -5.53 32.35
N ALA C 196 2.11 -5.31 33.65
CA ALA C 196 0.87 -5.29 34.41
C ALA C 196 -0.03 -4.16 33.93
N GLY C 197 -1.27 -4.50 33.59
CA GLY C 197 -2.23 -3.52 33.16
C GLY C 197 -2.48 -3.52 31.67
N VAL C 198 -1.57 -4.11 30.91
CA VAL C 198 -1.68 -4.09 29.46
C VAL C 198 -2.67 -5.14 28.99
N LEU C 199 -2.79 -6.23 29.73
CA LEU C 199 -3.83 -7.22 29.44
C LEU C 199 -4.70 -7.43 30.68
N ASN C 200 -5.97 -7.05 30.58
CA ASN C 200 -6.91 -7.24 31.67
C ASN C 200 -8.05 -8.15 31.27
N ILE C 201 -8.50 -8.99 32.20
CA ILE C 201 -9.61 -9.90 31.94
C ILE C 201 -10.64 -9.75 33.04
N VAL C 202 -11.87 -9.39 32.67
CA VAL C 202 -12.92 -9.13 33.64
C VAL C 202 -14.18 -9.93 33.31
N THR C 203 -15.00 -10.19 34.30
CA THR C 203 -16.25 -10.92 34.10
C THR C 203 -17.37 -10.25 34.85
N GLY C 204 -18.55 -10.24 34.24
CA GLY C 204 -19.68 -9.54 34.84
C GLY C 204 -20.91 -9.55 33.97
N GLY C 205 -21.77 -8.59 34.21
CA GLY C 205 -23.04 -8.56 33.53
C GLY C 205 -22.92 -7.78 32.24
N GLY C 206 -23.44 -8.35 31.17
CA GLY C 206 -23.43 -7.66 29.88
C GLY C 206 -24.04 -6.28 29.92
N ARG C 207 -25.23 -6.15 30.52
CA ARG C 207 -25.91 -4.87 30.52
C ARG C 207 -25.50 -3.96 31.68
N THR C 208 -24.52 -4.39 32.46
CA THR C 208 -23.99 -3.55 33.52
C THR C 208 -22.51 -3.26 33.28
N LEU C 209 -21.65 -4.24 33.53
CA LEU C 209 -20.20 -4.05 33.36
C LEU C 209 -19.83 -3.89 31.90
N GLY C 210 -20.36 -4.76 31.06
CA GLY C 210 -20.11 -4.66 29.63
C GLY C 210 -20.47 -3.31 29.05
N ASN C 211 -21.70 -2.87 29.30
CA ASN C 211 -22.20 -1.61 28.77
C ASN C 211 -21.42 -0.39 29.24
N GLU C 212 -20.95 -0.42 30.48
CA GLU C 212 -20.22 0.70 31.02
C GLU C 212 -18.87 0.79 30.35
N LEU C 213 -18.28 -0.37 30.09
CA LEU C 213 -16.97 -0.46 29.45
C LEU C 213 -17.00 0.11 28.04
N VAL C 214 -17.99 -0.31 27.25
CA VAL C 214 -18.02 0.07 25.85
C VAL C 214 -18.39 1.54 25.65
N GLY C 215 -19.07 2.14 26.62
CA GLY C 215 -19.48 3.54 26.51
C GLY C 215 -18.56 4.53 27.19
N HIS C 216 -17.60 4.03 27.97
CA HIS C 216 -16.77 4.87 28.81
C HIS C 216 -15.81 5.76 28.02
N ARG C 217 -15.53 6.94 28.56
CA ARG C 217 -14.66 7.90 27.88
C ARG C 217 -13.21 7.42 27.72
N MET C 218 -12.80 6.50 28.59
CA MET C 218 -11.44 6.00 28.57
C MET C 218 -11.28 4.87 27.54
N THR C 219 -12.39 4.43 26.97
CA THR C 219 -12.36 3.42 25.91
C THR C 219 -12.21 4.03 24.52
N ASN C 220 -11.19 3.58 23.78
CA ASN C 220 -10.97 4.12 22.45
C ASN C 220 -11.54 3.23 21.37
N MET C 221 -11.82 1.98 21.71
CA MET C 221 -12.22 1.00 20.72
C MET C 221 -12.90 -0.20 21.34
N VAL C 222 -13.91 -0.73 20.64
CA VAL C 222 -14.59 -1.94 21.07
C VAL C 222 -14.57 -2.97 19.98
N SER C 223 -13.91 -4.09 20.20
CA SER C 223 -14.06 -5.21 19.28
C SER C 223 -14.90 -6.27 19.96
N MET C 224 -16.07 -6.56 19.40
CA MET C 224 -17.04 -7.42 20.05
C MET C 224 -17.56 -8.45 19.08
N THR C 225 -17.89 -9.63 19.58
CA THR C 225 -18.64 -10.60 18.80
C THR C 225 -19.89 -10.94 19.57
N GLY C 226 -21.03 -11.00 18.89
CA GLY C 226 -22.26 -11.37 19.58
C GLY C 226 -23.47 -11.28 18.68
N SER C 227 -24.62 -10.99 19.30
CA SER C 227 -25.88 -10.92 18.58
C SER C 227 -26.07 -9.55 17.98
N THR C 228 -26.99 -9.41 17.04
CA THR C 228 -27.21 -8.10 16.43
C THR C 228 -27.75 -7.08 17.44
N PRO C 229 -28.74 -7.47 18.27
CA PRO C 229 -29.20 -6.41 19.16
C PRO C 229 -28.17 -6.03 20.23
N ALA C 230 -27.23 -6.91 20.53
CA ALA C 230 -26.16 -6.53 21.45
C ALA C 230 -25.18 -5.64 20.71
N GLY C 231 -25.08 -5.85 19.41
CA GLY C 231 -24.20 -5.04 18.59
C GLY C 231 -24.74 -3.63 18.53
N GLN C 232 -26.05 -3.51 18.43
CA GLN C 232 -26.71 -2.22 18.30
C GLN C 232 -26.69 -1.42 19.58
N SER C 233 -26.61 -2.11 20.69
CA SER C 233 -26.53 -1.48 22.00
C SER C 233 -25.14 -0.86 22.19
N ILE C 234 -24.15 -1.52 21.63
CA ILE C 234 -22.81 -1.00 21.66
C ILE C 234 -22.67 0.24 20.78
N ILE C 235 -23.26 0.22 19.58
CA ILE C 235 -23.20 1.40 18.72
C ILE C 235 -23.84 2.60 19.41
N ARG C 236 -24.98 2.40 20.04
CA ARG C 236 -25.63 3.48 20.81
C ARG C 236 -24.71 4.04 21.88
N ALA C 237 -24.10 3.14 22.65
CA ALA C 237 -23.18 3.52 23.71
C ALA C 237 -21.98 4.27 23.17
N SER C 238 -21.59 3.98 21.93
CA SER C 238 -20.35 4.50 21.41
C SER C 238 -20.48 5.96 21.07
N ALA C 239 -21.70 6.47 21.12
CA ALA C 239 -21.96 7.90 20.93
C ALA C 239 -21.36 8.72 22.04
N ASN C 240 -21.14 8.09 23.19
CA ASN C 240 -20.69 8.78 24.39
C ASN C 240 -19.18 9.01 24.43
N ASN C 241 -18.42 8.08 23.86
CA ASN C 241 -16.97 8.22 23.82
C ASN C 241 -16.43 8.42 22.40
N MET C 242 -17.25 8.05 21.42
CA MET C 242 -16.88 8.11 20.01
C MET C 242 -15.75 7.14 19.73
N ALA C 243 -15.86 5.98 20.35
CA ALA C 243 -14.89 4.91 20.14
C ALA C 243 -15.16 4.22 18.84
N HIS C 244 -14.10 3.69 18.23
CA HIS C 244 -14.24 2.90 17.03
C HIS C 244 -14.82 1.53 17.40
N VAL C 245 -15.84 1.08 16.68
CA VAL C 245 -16.43 -0.20 17.05
C VAL C 245 -16.34 -1.19 15.91
N GLN C 246 -15.76 -2.34 16.22
CA GLN C 246 -15.53 -3.41 15.27
C GLN C 246 -16.38 -4.59 15.70
N LEU C 247 -17.49 -4.84 15.00
CA LEU C 247 -18.49 -5.80 15.47
C LEU C 247 -18.79 -6.94 14.51
N GLU C 248 -18.79 -8.16 15.03
CA GLU C 248 -19.18 -9.33 14.25
C GLU C 248 -20.48 -9.91 14.79
N LEU C 249 -21.57 -9.73 14.07
CA LEU C 249 -22.88 -10.01 14.66
C LEU C 249 -23.64 -11.14 13.96
N GLY C 250 -24.95 -10.99 13.83
CA GLY C 250 -25.80 -12.05 13.34
C GLY C 250 -25.52 -12.47 11.91
N GLY C 251 -25.81 -13.74 11.60
CA GLY C 251 -25.71 -14.23 10.25
C GLY C 251 -26.82 -15.18 9.89
N LYS C 252 -27.21 -15.22 8.61
CA LYS C 252 -28.15 -16.21 8.12
C LYS C 252 -27.68 -16.72 6.78
N ALA C 253 -26.51 -17.33 6.77
CA ALA C 253 -25.80 -17.61 5.54
C ALA C 253 -26.44 -18.68 4.69
N PRO C 254 -26.74 -18.36 3.43
CA PRO C 254 -27.24 -19.35 2.48
C PRO C 254 -26.14 -20.26 1.93
N PHE C 255 -26.48 -21.52 1.73
CA PHE C 255 -25.59 -22.44 1.06
C PHE C 255 -26.27 -22.85 -0.24
N ILE C 256 -25.66 -22.54 -1.37
CA ILE C 256 -26.29 -22.75 -2.67
C ILE C 256 -25.63 -23.85 -3.50
N VAL C 257 -26.47 -24.77 -3.96
CA VAL C 257 -26.05 -25.86 -4.83
C VAL C 257 -26.63 -25.64 -6.21
N MET C 258 -25.79 -25.29 -7.17
CA MET C 258 -26.23 -25.09 -8.55
C MET C 258 -26.36 -26.44 -9.27
N GLU C 259 -26.94 -26.41 -10.45
CA GLU C 259 -27.22 -27.61 -11.24
C GLU C 259 -25.94 -28.33 -11.65
N ASP C 260 -24.84 -27.59 -11.66
CA ASP C 260 -23.59 -28.13 -12.16
C ASP C 260 -22.57 -28.25 -11.06
N ALA C 261 -23.01 -28.33 -9.82
CA ALA C 261 -22.08 -28.57 -8.73
C ALA C 261 -21.59 -30.00 -8.76
N ASP C 262 -20.41 -30.21 -8.21
CA ASP C 262 -19.93 -31.54 -7.81
C ASP C 262 -20.72 -31.90 -6.55
N LEU C 263 -21.63 -32.87 -6.67
CA LEU C 263 -22.63 -33.09 -5.62
C LEU C 263 -22.05 -33.65 -4.32
N GLU C 264 -21.03 -34.50 -4.43
CA GLU C 264 -20.38 -35.04 -3.25
C GLU C 264 -19.56 -33.97 -2.55
N GLN C 265 -18.99 -33.07 -3.31
CA GLN C 265 -18.22 -32.02 -2.74
C GLN C 265 -19.09 -31.06 -2.00
N ALA C 266 -20.22 -30.72 -2.57
CA ALA C 266 -21.13 -29.79 -1.95
C ALA C 266 -21.75 -30.40 -0.72
N ALA C 267 -22.07 -31.69 -0.78
CA ALA C 267 -22.69 -32.35 0.34
C ALA C 267 -21.78 -32.30 1.56
N ALA C 268 -20.52 -32.68 1.38
CA ALA C 268 -19.54 -32.62 2.46
C ALA C 268 -19.30 -31.21 2.97
N ALA C 269 -19.34 -30.24 2.07
CA ALA C 269 -19.12 -28.85 2.47
C ALA C 269 -20.33 -28.25 3.17
N ALA C 270 -21.53 -28.59 2.71
CA ALA C 270 -22.75 -28.11 3.34
C ALA C 270 -22.97 -28.78 4.67
N LEU C 271 -22.47 -30.00 4.79
CA LEU C 271 -22.65 -30.78 6.01
C LEU C 271 -21.94 -30.10 7.17
N HIS C 272 -20.63 -29.88 7.02
CA HIS C 272 -19.90 -29.34 8.14
C HIS C 272 -20.16 -27.85 8.26
N SER C 273 -20.53 -27.18 7.19
CA SER C 273 -20.81 -25.74 7.30
C SER C 273 -22.02 -25.45 8.16
N ARG C 274 -22.94 -26.40 8.27
CA ARG C 274 -24.07 -26.27 9.20
C ARG C 274 -23.75 -26.86 10.56
N PHE C 275 -23.20 -28.07 10.61
CA PHE C 275 -23.12 -28.79 11.88
C PHE C 275 -21.80 -28.67 12.63
N ASP C 276 -20.90 -27.82 12.16
CA ASP C 276 -19.71 -27.50 12.93
C ASP C 276 -20.12 -26.81 14.20
N ASN C 277 -19.46 -27.13 15.31
CA ASN C 277 -19.72 -26.48 16.59
C ASN C 277 -21.20 -26.44 16.94
N CYS C 278 -21.90 -27.55 16.69
CA CYS C 278 -23.33 -27.65 16.93
C CYS C 278 -24.13 -26.52 16.27
N GLY C 279 -23.62 -26.00 15.16
CA GLY C 279 -24.28 -24.92 14.46
C GLY C 279 -23.96 -23.55 15.02
N GLN C 280 -23.14 -23.50 16.06
CA GLN C 280 -22.87 -22.23 16.74
C GLN C 280 -21.65 -21.51 16.14
N VAL C 281 -21.80 -21.07 14.90
CA VAL C 281 -20.75 -20.35 14.17
C VAL C 281 -21.36 -19.19 13.41
N CYS C 282 -20.70 -18.04 13.43
CA CYS C 282 -21.21 -16.84 12.79
C CYS C 282 -21.36 -16.98 11.29
N THR C 283 -20.67 -17.98 10.72
CA THR C 283 -20.60 -18.15 9.29
C THR C 283 -21.39 -19.35 8.80
N CYS C 284 -22.15 -19.97 9.69
CA CYS C 284 -22.78 -21.25 9.40
C CYS C 284 -23.74 -21.25 8.23
N ASN C 285 -23.75 -22.35 7.49
CA ASN C 285 -24.81 -22.64 6.56
C ASN C 285 -26.13 -22.74 7.32
N GLU C 286 -26.93 -21.68 7.23
CA GLU C 286 -28.15 -21.55 8.04
C GLU C 286 -29.40 -21.85 7.23
N ARG C 287 -29.23 -21.98 5.93
CA ARG C 287 -30.31 -22.28 5.02
C ARG C 287 -29.72 -22.81 3.73
N MET C 288 -30.20 -23.94 3.26
CA MET C 288 -29.60 -24.56 2.10
C MET C 288 -30.52 -24.45 0.89
N TYR C 289 -29.98 -23.94 -0.21
CA TYR C 289 -30.72 -23.83 -1.47
C TYR C 289 -30.20 -24.82 -2.50
N VAL C 290 -31.05 -25.74 -2.94
CA VAL C 290 -30.60 -26.80 -3.82
C VAL C 290 -31.39 -26.79 -5.10
N HIS C 291 -30.69 -26.76 -6.22
CA HIS C 291 -31.33 -26.69 -7.53
C HIS C 291 -32.20 -27.91 -7.79
N GLY C 292 -33.37 -27.69 -8.38
CA GLY C 292 -34.32 -28.76 -8.60
C GLY C 292 -33.83 -29.90 -9.46
N ALA C 293 -32.84 -29.63 -10.31
CA ALA C 293 -32.31 -30.64 -11.21
C ALA C 293 -31.41 -31.63 -10.49
N VAL C 294 -30.84 -31.22 -9.37
CA VAL C 294 -29.93 -32.09 -8.61
C VAL C 294 -30.48 -32.50 -7.25
N TYR C 295 -31.67 -32.00 -6.90
CA TYR C 295 -32.23 -32.15 -5.56
C TYR C 295 -32.34 -33.58 -5.04
N ASP C 296 -32.87 -34.49 -5.84
CA ASP C 296 -33.06 -35.86 -5.38
C ASP C 296 -31.72 -36.51 -5.13
N GLU C 297 -30.80 -36.36 -6.08
CA GLU C 297 -29.49 -37.00 -5.98
C GLU C 297 -28.69 -36.38 -4.85
N PHE C 298 -28.67 -35.04 -4.79
CA PHE C 298 -27.96 -34.34 -3.74
C PHE C 298 -28.48 -34.69 -2.36
N MET C 299 -29.80 -34.78 -2.21
CA MET C 299 -30.38 -35.04 -0.90
C MET C 299 -30.07 -36.45 -0.43
N ARG C 300 -30.12 -37.41 -1.35
CA ARG C 300 -29.71 -38.77 -1.02
C ARG C 300 -28.28 -38.79 -0.50
N ILE C 301 -27.37 -38.06 -1.13
CA ILE C 301 -26.00 -38.00 -0.64
C ILE C 301 -25.91 -37.27 0.69
N PHE C 302 -26.56 -36.12 0.76
CA PHE C 302 -26.44 -35.23 1.91
C PHE C 302 -27.07 -35.86 3.14
N MET C 303 -28.20 -36.53 2.95
CA MET C 303 -28.94 -37.07 4.09
C MET C 303 -28.30 -38.33 4.67
N GLY C 304 -27.56 -39.05 3.84
CA GLY C 304 -26.80 -40.18 4.33
C GLY C 304 -25.76 -39.67 5.31
N LYS C 305 -25.22 -38.50 5.00
CA LYS C 305 -24.18 -37.89 5.82
C LYS C 305 -24.73 -37.42 7.16
N VAL C 306 -25.96 -36.95 7.17
CA VAL C 306 -26.60 -36.47 8.39
C VAL C 306 -26.95 -37.62 9.31
N GLU C 307 -27.47 -38.69 8.73
CA GLU C 307 -27.78 -39.89 9.49
C GLU C 307 -26.54 -40.50 10.13
N ALA C 308 -25.36 -40.13 9.67
CA ALA C 308 -24.13 -40.70 10.22
C ALA C 308 -23.51 -39.81 11.29
N ILE C 309 -24.03 -38.60 11.47
CA ILE C 309 -23.55 -37.75 12.55
C ILE C 309 -23.90 -38.37 13.88
N LYS C 310 -22.88 -38.66 14.70
CA LYS C 310 -23.13 -39.16 16.04
C LYS C 310 -23.02 -38.07 17.08
N VAL C 311 -24.09 -37.88 17.85
CA VAL C 311 -24.11 -36.86 18.89
C VAL C 311 -23.74 -37.47 20.24
N GLY C 312 -22.79 -36.85 20.94
CA GLY C 312 -22.40 -37.35 22.24
C GLY C 312 -21.32 -36.57 22.96
N ASP C 313 -20.75 -37.18 23.98
CA ASP C 313 -19.69 -36.63 24.81
C ASP C 313 -18.57 -36.07 23.95
N PRO C 314 -18.34 -34.74 24.06
CA PRO C 314 -17.36 -34.11 23.16
C PRO C 314 -15.92 -34.47 23.51
N MET C 315 -15.70 -35.18 24.60
CA MET C 315 -14.37 -35.71 24.92
C MET C 315 -14.12 -37.05 24.23
N ASP C 316 -15.17 -37.64 23.68
CA ASP C 316 -15.09 -38.91 22.95
C ASP C 316 -14.79 -38.63 21.47
N PRO C 317 -13.69 -39.19 20.94
CA PRO C 317 -13.31 -38.97 19.54
C PRO C 317 -14.36 -39.46 18.54
N ALA C 318 -15.28 -40.29 19.02
CA ALA C 318 -16.33 -40.84 18.17
C ALA C 318 -17.49 -39.88 17.99
N SER C 319 -17.55 -38.84 18.82
CA SER C 319 -18.60 -37.83 18.72
C SER C 319 -18.34 -36.87 17.55
N ASP C 320 -19.37 -36.61 16.78
CA ASP C 320 -19.28 -35.70 15.65
C ASP C 320 -19.94 -34.37 15.99
N MET C 321 -20.70 -34.35 17.06
CA MET C 321 -21.38 -33.15 17.52
C MET C 321 -21.66 -33.22 19.02
N GLY C 322 -21.23 -32.21 19.75
CA GLY C 322 -21.50 -32.14 21.18
C GLY C 322 -22.81 -31.45 21.49
N PRO C 323 -22.93 -30.91 22.70
CA PRO C 323 -24.14 -30.23 23.19
C PRO C 323 -24.26 -28.76 22.82
N LYS C 324 -25.48 -28.23 22.86
CA LYS C 324 -25.73 -26.80 22.78
C LYS C 324 -25.19 -26.10 24.03
N VAL C 325 -25.04 -24.77 24.00
CA VAL C 325 -24.26 -24.09 25.02
C VAL C 325 -24.92 -23.94 26.41
N ASN C 326 -26.24 -23.85 26.44
CA ASN C 326 -26.99 -23.77 27.69
C ASN C 326 -28.46 -24.16 27.51
N ALA C 327 -29.23 -24.06 28.59
CA ALA C 327 -30.65 -24.40 28.57
C ALA C 327 -31.46 -23.58 27.59
N ASN C 328 -31.25 -22.27 27.59
CA ASN C 328 -32.04 -21.35 26.80
C ASN C 328 -31.88 -21.60 25.32
N GLU C 329 -30.64 -21.84 24.92
CA GLU C 329 -30.33 -22.09 23.54
C GLU C 329 -30.89 -23.42 23.09
N LEU C 330 -31.01 -24.35 24.02
CA LEU C 330 -31.63 -25.62 23.71
C LEU C 330 -33.14 -25.47 23.53
N ALA C 331 -33.75 -24.63 24.35
CA ALA C 331 -35.17 -24.35 24.25
C ALA C 331 -35.47 -23.60 22.97
N HIS C 332 -34.53 -22.75 22.58
CA HIS C 332 -34.68 -21.98 21.38
C HIS C 332 -34.73 -22.91 20.17
N MET C 333 -34.00 -24.03 20.24
CA MET C 333 -34.05 -25.01 19.17
C MET C 333 -35.45 -25.60 19.07
N GLU C 334 -36.01 -25.98 20.22
CA GLU C 334 -37.34 -26.54 20.28
C GLU C 334 -38.37 -25.59 19.73
N GLU C 335 -38.30 -24.33 20.14
CA GLU C 335 -39.24 -23.32 19.65
C GLU C 335 -39.20 -23.16 18.14
N LEU C 336 -38.00 -23.15 17.57
CA LEU C 336 -37.82 -22.99 16.13
C LEU C 336 -38.42 -24.12 15.32
N VAL C 337 -38.13 -25.35 15.72
CA VAL C 337 -38.70 -26.50 15.04
C VAL C 337 -40.21 -26.54 15.20
N ALA C 338 -40.69 -26.29 16.40
CA ALA C 338 -42.13 -26.20 16.60
C ALA C 338 -42.75 -25.13 15.70
N GLU C 339 -42.13 -23.97 15.67
CA GLU C 339 -42.64 -22.86 14.88
C GLU C 339 -42.62 -23.18 13.40
N ALA C 340 -41.57 -23.85 12.95
CA ALA C 340 -41.44 -24.19 11.55
C ALA C 340 -42.48 -25.23 11.13
N VAL C 341 -42.74 -26.20 12.01
CA VAL C 341 -43.73 -27.23 11.74
C VAL C 341 -45.11 -26.62 11.61
N ASP C 342 -45.42 -25.69 12.49
CA ASP C 342 -46.70 -25.01 12.50
C ASP C 342 -46.88 -24.09 11.29
N GLU C 343 -45.78 -23.70 10.65
CA GLU C 343 -45.86 -22.86 9.46
C GLU C 343 -45.93 -23.70 8.19
N GLY C 344 -45.94 -25.03 8.36
CA GLY C 344 -46.17 -25.93 7.25
C GLY C 344 -45.04 -26.88 6.90
N ALA C 345 -43.92 -26.75 7.59
CA ALA C 345 -42.70 -27.46 7.22
C ALA C 345 -42.68 -28.92 7.66
N THR C 346 -41.89 -29.73 6.96
CA THR C 346 -41.69 -31.13 7.28
C THR C 346 -40.36 -31.40 7.96
N VAL C 347 -40.41 -32.02 9.14
CA VAL C 347 -39.19 -32.51 9.78
C VAL C 347 -38.78 -33.82 9.12
N LEU C 348 -37.78 -33.73 8.26
CA LEU C 348 -37.32 -34.89 7.51
C LEU C 348 -36.46 -35.77 8.39
N PHE C 349 -35.77 -35.15 9.33
CA PHE C 349 -34.83 -35.86 10.19
C PHE C 349 -34.61 -35.03 11.44
N GLY C 350 -34.43 -35.69 12.58
CA GLY C 350 -34.16 -35.01 13.84
C GLY C 350 -35.35 -34.35 14.51
N GLY C 351 -35.14 -33.15 15.05
CA GLY C 351 -36.22 -32.33 15.57
C GLY C 351 -36.51 -32.38 17.06
N LYS C 352 -35.81 -33.25 17.80
CA LYS C 352 -36.10 -33.47 19.22
C LYS C 352 -34.85 -33.35 20.10
N LYS C 353 -35.02 -33.19 21.41
CA LYS C 353 -33.88 -33.39 22.30
C LYS C 353 -33.48 -34.85 22.23
N LEU C 354 -32.29 -35.13 22.69
CA LEU C 354 -31.82 -36.47 22.74
C LEU C 354 -32.44 -37.13 23.93
N GLU C 355 -32.88 -38.35 23.72
CA GLU C 355 -33.41 -39.22 24.76
C GLU C 355 -32.40 -40.37 24.68
N GLY C 356 -31.91 -40.95 25.77
CA GLY C 356 -32.24 -40.62 27.12
C GLY C 356 -31.15 -40.76 28.17
N PRO C 357 -30.99 -41.91 28.80
CA PRO C 357 -30.00 -41.99 29.90
C PRO C 357 -28.61 -41.46 29.75
N GLU C 358 -28.10 -41.43 28.54
CA GLU C 358 -26.77 -40.98 28.28
C GLU C 358 -26.91 -39.48 28.31
N PHE C 359 -28.16 -39.03 28.17
CA PHE C 359 -28.47 -37.63 28.07
C PHE C 359 -29.46 -37.06 29.06
N GLU C 360 -29.59 -37.62 30.23
CA GLU C 360 -30.55 -37.04 31.19
C GLU C 360 -30.07 -35.71 31.76
N LYS C 361 -28.76 -35.53 31.78
CA LYS C 361 -28.05 -34.30 32.14
C LYS C 361 -27.42 -33.74 30.88
N GLY C 362 -27.47 -32.42 30.73
CA GLY C 362 -26.90 -31.76 29.57
C GLY C 362 -27.94 -31.26 28.58
N PHE C 363 -27.49 -30.45 27.63
CA PHE C 363 -28.38 -29.83 26.65
C PHE C 363 -28.13 -30.37 25.26
N TRP C 364 -28.99 -31.28 24.81
CA TRP C 364 -28.72 -32.06 23.61
C TRP C 364 -29.82 -31.97 22.57
N PHE C 365 -29.44 -31.66 21.34
CA PHE C 365 -30.40 -31.59 20.25
C PHE C 365 -29.94 -32.41 19.04
N GLU C 366 -30.87 -33.06 18.37
CA GLU C 366 -30.58 -33.87 17.20
C GLU C 366 -30.23 -33.02 16.00
N PRO C 367 -29.36 -33.52 15.11
CA PRO C 367 -29.23 -32.87 13.82
C PRO C 367 -30.58 -32.84 13.13
N THR C 368 -31.01 -31.65 12.72
CA THR C 368 -32.36 -31.49 12.20
C THR C 368 -32.39 -30.92 10.80
N VAL C 369 -33.19 -31.53 9.92
CA VAL C 369 -33.36 -31.02 8.57
C VAL C 369 -34.84 -30.82 8.28
N LEU C 370 -35.18 -29.64 7.77
CA LEU C 370 -36.58 -29.32 7.45
C LEU C 370 -36.78 -29.25 5.94
N THR C 371 -37.80 -29.93 5.44
CA THR C 371 -38.12 -29.84 4.03
C THR C 371 -39.51 -29.24 3.84
N ASN C 372 -39.93 -29.14 2.59
CA ASN C 372 -41.16 -28.42 2.22
C ASN C 372 -41.21 -27.09 2.89
N VAL C 373 -40.11 -26.36 2.84
CA VAL C 373 -40.09 -25.03 3.43
C VAL C 373 -40.14 -24.00 2.30
N THR C 374 -40.82 -22.89 2.59
CA THR C 374 -40.91 -21.82 1.62
C THR C 374 -40.05 -20.67 2.12
N GLN C 375 -39.77 -19.72 1.25
CA GLN C 375 -38.83 -18.65 1.54
C GLN C 375 -39.33 -17.71 2.63
N ASP C 376 -40.64 -17.62 2.80
CA ASP C 376 -41.22 -16.71 3.77
C ASP C 376 -41.29 -17.27 5.20
N MET C 377 -40.93 -18.53 5.38
CA MET C 377 -40.95 -19.12 6.71
C MET C 377 -39.90 -18.51 7.64
N THR C 378 -40.17 -18.51 8.93
CA THR C 378 -39.31 -17.87 9.91
C THR C 378 -37.90 -18.45 9.94
N ILE C 379 -37.83 -19.77 9.95
CA ILE C 379 -36.56 -20.47 10.00
C ILE C 379 -35.61 -20.11 8.84
N VAL C 380 -36.15 -19.50 7.78
CA VAL C 380 -35.38 -19.07 6.64
C VAL C 380 -34.86 -17.65 6.84
N HIS C 381 -35.39 -16.96 7.84
CA HIS C 381 -34.95 -15.60 8.15
C HIS C 381 -34.36 -15.46 9.54
N GLU C 382 -34.96 -16.10 10.53
CA GLU C 382 -34.45 -15.96 11.88
C GLU C 382 -33.24 -16.86 12.05
N GLU C 383 -32.17 -16.33 12.61
CA GLU C 383 -30.98 -17.13 12.80
C GLU C 383 -31.17 -18.16 13.92
N SER C 384 -30.88 -19.43 13.62
CA SER C 384 -30.98 -20.49 14.62
C SER C 384 -29.73 -20.62 15.50
N PHE C 385 -28.55 -20.59 14.88
CA PHE C 385 -27.28 -20.70 15.59
C PHE C 385 -27.21 -22.04 16.30
N GLY C 386 -27.65 -23.08 15.60
CA GLY C 386 -27.70 -24.43 16.12
C GLY C 386 -28.01 -25.40 15.00
N PRO C 387 -28.11 -26.69 15.31
CA PRO C 387 -28.20 -27.77 14.32
C PRO C 387 -29.54 -27.94 13.62
N ILE C 388 -30.07 -26.85 13.08
CA ILE C 388 -31.34 -26.86 12.36
C ILE C 388 -31.13 -26.34 10.93
N LEU C 389 -31.47 -27.14 9.94
CA LEU C 389 -31.23 -26.77 8.56
C LEU C 389 -32.48 -26.82 7.69
N PRO C 390 -32.98 -25.65 7.27
CA PRO C 390 -34.06 -25.61 6.29
C PRO C 390 -33.55 -25.86 4.90
N VAL C 391 -34.29 -26.60 4.07
CA VAL C 391 -33.89 -26.85 2.68
C VAL C 391 -34.91 -26.27 1.69
N ILE C 392 -34.39 -25.53 0.72
CA ILE C 392 -35.24 -24.89 -0.27
C ILE C 392 -34.87 -25.24 -1.71
N LYS C 393 -35.86 -25.68 -2.49
CA LYS C 393 -35.67 -25.89 -3.93
C LYS C 393 -35.76 -24.59 -4.71
N PHE C 394 -34.91 -24.43 -5.71
CA PHE C 394 -34.97 -23.30 -6.62
C PHE C 394 -34.70 -23.77 -8.06
N ASP C 395 -34.99 -22.90 -9.04
CA ASP C 395 -34.94 -23.29 -10.44
C ASP C 395 -33.96 -22.46 -11.28
N SER C 396 -33.53 -21.32 -10.78
CA SER C 396 -32.58 -20.53 -11.55
C SER C 396 -31.64 -19.69 -10.69
N PHE C 397 -30.54 -19.25 -11.29
CA PHE C 397 -29.57 -18.42 -10.61
C PHE C 397 -30.21 -17.15 -10.12
N ASP C 398 -30.93 -16.48 -11.02
CA ASP C 398 -31.60 -15.24 -10.67
C ASP C 398 -32.54 -15.41 -9.49
N GLU C 399 -33.22 -16.55 -9.46
CA GLU C 399 -34.21 -16.82 -8.42
C GLU C 399 -33.55 -16.96 -7.06
N VAL C 400 -32.51 -17.80 -6.98
CA VAL C 400 -31.82 -18.08 -5.74
C VAL C 400 -31.00 -16.88 -5.23
N ILE C 401 -30.67 -15.95 -6.12
CA ILE C 401 -29.98 -14.72 -5.68
C ILE C 401 -30.96 -13.81 -4.96
N GLU C 402 -32.18 -13.73 -5.46
CA GLU C 402 -33.23 -13.01 -4.76
C GLU C 402 -33.48 -13.60 -3.40
N TYR C 403 -33.53 -14.93 -3.32
CA TYR C 403 -33.67 -15.61 -2.03
C TYR C 403 -32.56 -15.26 -1.05
N ALA C 404 -31.32 -15.35 -1.50
CA ALA C 404 -30.18 -15.14 -0.60
C ALA C 404 -30.18 -13.71 -0.08
N ASN C 405 -30.49 -12.77 -0.96
CA ASN C 405 -30.43 -11.37 -0.60
C ASN C 405 -31.61 -10.95 0.25
N ASP C 406 -32.57 -11.85 0.38
CA ASP C 406 -33.73 -11.63 1.20
C ASP C 406 -33.40 -11.88 2.68
N SER C 407 -32.74 -10.90 3.29
CA SER C 407 -32.18 -11.05 4.62
C SER C 407 -31.70 -9.73 5.19
N ASP C 408 -31.74 -9.61 6.50
CA ASP C 408 -31.19 -8.42 7.15
C ASP C 408 -29.77 -8.69 7.54
N TYR C 409 -29.27 -9.83 7.10
CA TYR C 409 -27.91 -10.24 7.37
C TYR C 409 -27.12 -10.35 6.09
N GLY C 410 -25.81 -10.20 6.19
CA GLY C 410 -24.95 -10.30 5.03
C GLY C 410 -23.51 -10.54 5.37
N LEU C 411 -23.25 -11.63 6.08
CA LEU C 411 -21.88 -11.97 6.38
C LEU C 411 -21.43 -13.05 5.41
N ALA C 412 -21.74 -14.31 5.69
CA ALA C 412 -21.21 -15.38 4.86
C ALA C 412 -22.21 -15.90 3.84
N ALA C 413 -21.68 -16.51 2.80
CA ALA C 413 -22.46 -17.19 1.77
C ALA C 413 -21.58 -18.22 1.13
N MET C 414 -22.17 -19.34 0.70
CA MET C 414 -21.41 -20.40 0.08
C MET C 414 -22.14 -20.88 -1.17
N ILE C 415 -21.39 -21.11 -2.24
CA ILE C 415 -22.00 -21.59 -3.46
C ILE C 415 -21.08 -22.59 -4.13
N CYS C 416 -21.69 -23.64 -4.67
CA CYS C 416 -20.95 -24.67 -5.38
C CYS C 416 -21.41 -24.68 -6.83
N THR C 417 -20.45 -24.55 -7.74
CA THR C 417 -20.74 -24.46 -9.16
C THR C 417 -19.45 -24.47 -9.98
N GLN C 418 -19.54 -24.86 -11.24
CA GLN C 418 -18.40 -24.84 -12.18
C GLN C 418 -18.47 -23.68 -13.17
N ASN C 419 -19.44 -22.80 -12.97
CA ASN C 419 -19.71 -21.71 -13.91
C ASN C 419 -18.99 -20.41 -13.55
N MET C 420 -17.97 -20.02 -14.32
CA MET C 420 -17.28 -18.76 -14.05
C MET C 420 -18.24 -17.58 -13.98
N HIS C 421 -19.28 -17.63 -14.81
CA HIS C 421 -20.11 -16.46 -15.00
C HIS C 421 -21.03 -16.28 -13.82
N TYR C 422 -21.53 -17.40 -13.28
CA TYR C 422 -22.27 -17.36 -12.04
C TYR C 422 -21.40 -16.74 -10.96
N ILE C 423 -20.17 -17.22 -10.85
CA ILE C 423 -19.27 -16.77 -9.80
C ILE C 423 -18.93 -15.28 -9.92
N ASN C 424 -18.77 -14.81 -11.14
CA ASN C 424 -18.41 -13.43 -11.35
C ASN C 424 -19.54 -12.46 -11.00
N ARG C 425 -20.78 -12.84 -11.31
CA ARG C 425 -21.92 -11.99 -11.03
C ARG C 425 -22.12 -11.79 -9.53
N LEU C 426 -21.61 -12.72 -8.73
CA LEU C 426 -21.74 -12.59 -7.28
C LEU C 426 -21.11 -11.29 -6.82
N LEU C 427 -20.08 -10.84 -7.54
CA LEU C 427 -19.43 -9.59 -7.17
C LEU C 427 -20.42 -8.44 -7.16
N THR C 428 -21.35 -8.42 -8.11
CA THR C 428 -22.30 -7.32 -8.20
C THR C 428 -23.72 -7.67 -7.76
N GLU C 429 -24.05 -8.96 -7.65
CA GLU C 429 -25.43 -9.33 -7.43
C GLU C 429 -25.77 -9.96 -6.07
N LEU C 430 -24.78 -10.53 -5.38
CA LEU C 430 -25.02 -11.19 -4.11
C LEU C 430 -24.55 -10.34 -2.95
N GLU C 431 -25.47 -10.01 -2.04
CA GLU C 431 -25.22 -9.04 -0.98
C GLU C 431 -24.72 -9.68 0.32
N SER C 432 -23.62 -10.42 0.20
CA SER C 432 -22.93 -11.00 1.33
C SER C 432 -21.45 -10.65 1.22
N GLY C 433 -20.81 -10.43 2.35
CA GLY C 433 -19.46 -9.90 2.35
C GLY C 433 -18.33 -10.91 2.41
N GLU C 434 -18.67 -12.16 2.68
CA GLU C 434 -17.69 -13.23 2.71
C GLU C 434 -18.22 -14.44 1.94
N ILE C 435 -17.65 -14.69 0.78
CA ILE C 435 -18.20 -15.66 -0.13
C ILE C 435 -17.30 -16.87 -0.34
N TYR C 436 -17.83 -18.05 -0.08
CA TYR C 436 -17.08 -19.28 -0.25
C TYR C 436 -17.55 -20.04 -1.48
N VAL C 437 -16.62 -20.38 -2.36
CA VAL C 437 -16.97 -21.06 -3.59
C VAL C 437 -16.35 -22.45 -3.66
N ASN C 438 -17.21 -23.46 -3.78
CA ASN C 438 -16.83 -24.88 -3.86
C ASN C 438 -16.11 -25.38 -2.62
N ARG C 439 -16.53 -24.87 -1.48
CA ARG C 439 -15.98 -25.24 -0.19
C ARG C 439 -16.91 -24.69 0.86
N GLY C 440 -16.78 -25.16 2.09
CA GLY C 440 -17.57 -24.64 3.19
C GLY C 440 -16.90 -23.46 3.86
N HIS C 441 -17.37 -23.06 5.04
CA HIS C 441 -16.84 -21.88 5.73
C HIS C 441 -15.51 -22.13 6.46
N GLY C 442 -14.94 -21.06 7.01
CA GLY C 442 -13.63 -21.13 7.63
C GLY C 442 -12.68 -20.09 7.09
N GLU C 443 -12.65 -18.93 7.72
CA GLU C 443 -11.83 -17.84 7.24
C GLU C 443 -10.38 -17.98 7.67
N GLN C 444 -9.50 -17.18 7.07
CA GLN C 444 -8.09 -17.21 7.39
C GLN C 444 -7.63 -15.88 7.93
N HIS C 445 -6.58 -15.92 8.74
CA HIS C 445 -6.08 -14.74 9.41
C HIS C 445 -5.76 -13.60 8.45
N GLN C 446 -5.48 -13.89 7.19
CA GLN C 446 -5.05 -12.86 6.24
C GLN C 446 -6.18 -12.32 5.36
N GLY C 447 -7.36 -12.91 5.49
CA GLY C 447 -8.51 -12.41 4.76
C GLY C 447 -9.18 -11.23 5.44
N PHE C 448 -10.44 -11.01 5.14
CA PHE C 448 -11.16 -9.92 5.76
C PHE C 448 -12.59 -10.35 6.06
N HIS C 449 -12.86 -10.49 7.35
CA HIS C 449 -14.12 -11.01 7.86
C HIS C 449 -15.08 -9.86 8.10
N ASN C 450 -16.01 -9.66 7.19
CA ASN C 450 -16.72 -8.39 7.09
C ASN C 450 -18.13 -8.59 6.58
N GLY C 451 -19.12 -8.12 7.34
CA GLY C 451 -20.51 -8.31 6.99
C GLY C 451 -21.29 -7.04 6.66
N TYR C 452 -22.22 -7.21 5.73
CA TYR C 452 -23.13 -6.17 5.30
C TYR C 452 -24.38 -6.19 6.16
N LYS C 453 -25.24 -5.18 5.95
CA LYS C 453 -26.52 -5.07 6.64
C LYS C 453 -26.34 -5.09 8.15
N LEU C 454 -27.10 -5.93 8.85
CA LEU C 454 -27.03 -5.90 10.31
C LEU C 454 -26.06 -6.95 10.84
N SER C 455 -25.12 -7.37 10.00
CA SER C 455 -24.13 -8.37 10.37
C SER C 455 -22.88 -7.78 11.02
N GLY C 456 -22.82 -6.46 11.15
CA GLY C 456 -21.70 -5.86 11.83
C GLY C 456 -21.13 -4.64 11.16
N THR C 457 -20.05 -4.15 11.74
CA THR C 457 -19.40 -2.92 11.31
C THR C 457 -17.91 -3.12 11.40
N GLY C 458 -17.14 -2.42 10.58
CA GLY C 458 -15.70 -2.50 10.68
C GLY C 458 -15.04 -3.66 9.97
N GLY C 459 -15.44 -4.88 10.28
CA GLY C 459 -14.82 -6.05 9.69
C GLY C 459 -13.56 -6.42 10.45
N GLU C 460 -13.21 -7.70 10.40
CA GLU C 460 -12.15 -8.24 11.24
C GLU C 460 -11.11 -9.05 10.43
N ASP C 461 -9.87 -9.03 10.90
CA ASP C 461 -8.72 -9.81 10.36
C ASP C 461 -7.98 -9.13 9.23
N GLY C 462 -6.80 -9.66 8.92
CA GLY C 462 -6.00 -9.23 7.80
C GLY C 462 -5.47 -7.82 7.93
N LYS C 463 -5.08 -7.26 6.80
CA LYS C 463 -4.60 -5.90 6.69
C LYS C 463 -5.61 -4.83 7.10
N TYR C 464 -6.87 -5.02 6.74
CA TYR C 464 -7.91 -4.05 7.11
C TYR C 464 -8.40 -4.23 8.55
N GLY C 465 -8.42 -5.48 9.02
CA GLY C 465 -8.70 -5.75 10.41
C GLY C 465 -7.66 -5.11 11.28
N PHE C 466 -6.39 -5.44 11.05
CA PHE C 466 -5.32 -4.90 11.87
C PHE C 466 -5.40 -3.38 11.96
N GLU C 467 -5.62 -2.76 10.81
CA GLU C 467 -5.60 -1.30 10.67
C GLU C 467 -6.46 -0.60 11.71
N GLN C 468 -7.60 -1.19 12.04
CA GLN C 468 -8.57 -0.55 12.92
C GLN C 468 -8.06 -0.39 14.34
N TYR C 469 -6.96 -1.07 14.66
CA TYR C 469 -6.37 -0.98 15.99
C TYR C 469 -5.37 0.16 16.04
N LEU C 470 -5.23 0.83 14.91
CA LEU C 470 -4.35 1.96 14.81
C LEU C 470 -5.09 3.27 14.67
N GLU C 471 -4.54 4.30 15.28
CA GLU C 471 -5.01 5.63 15.06
C GLU C 471 -3.95 6.33 14.23
N LYS C 472 -4.33 7.36 13.49
CA LYS C 472 -3.39 8.11 12.69
C LYS C 472 -3.11 9.48 13.29
N LYS C 473 -1.87 9.94 13.18
CA LYS C 473 -1.51 11.26 13.63
C LYS C 473 -0.83 12.02 12.49
N THR C 474 -1.43 13.12 12.06
CA THR C 474 -0.98 13.89 10.91
C THR C 474 -0.16 15.12 11.29
N PHE C 475 1.03 15.25 10.72
CA PHE C 475 1.88 16.43 10.95
C PHE C 475 2.02 17.31 9.69
N TYR C 476 1.84 18.62 9.84
CA TYR C 476 2.23 19.56 8.80
C TYR C 476 3.42 20.35 9.32
N ILE C 477 4.61 20.06 8.80
CA ILE C 477 5.81 20.69 9.32
C ILE C 477 6.41 21.63 8.30
N ASN C 478 6.63 22.87 8.72
CA ASN C 478 7.09 23.92 7.86
C ASN C 478 8.57 24.28 8.05
N TYR C 479 9.28 24.55 6.95
CA TYR C 479 10.71 24.89 6.99
C TYR C 479 11.09 26.14 6.15
N GLN D 3 -36.87 32.09 -3.94
CA GLN D 3 -37.55 30.85 -3.56
C GLN D 3 -36.94 29.57 -4.15
N TYR D 4 -35.98 28.97 -3.45
CA TYR D 4 -35.35 27.74 -3.93
C TYR D 4 -36.18 26.50 -3.67
N GLN D 5 -35.99 25.50 -4.51
CA GLN D 5 -36.59 24.21 -4.28
C GLN D 5 -35.50 23.23 -3.87
N MET D 6 -35.82 21.94 -3.79
CA MET D 6 -34.82 20.94 -3.48
C MET D 6 -34.51 20.16 -4.76
N TYR D 7 -33.26 19.70 -4.91
CA TYR D 7 -32.83 18.98 -6.11
C TYR D 7 -32.86 17.47 -5.89
N VAL D 8 -33.88 16.80 -6.40
CA VAL D 8 -34.08 15.37 -6.16
C VAL D 8 -34.43 14.63 -7.43
N GLY D 9 -33.66 13.60 -7.76
CA GLY D 9 -33.94 12.78 -8.92
C GLY D 9 -33.85 13.57 -10.21
N GLY D 10 -33.02 14.61 -10.19
CA GLY D 10 -32.84 15.42 -11.36
C GLY D 10 -33.90 16.48 -11.50
N GLU D 11 -34.77 16.57 -10.50
CA GLU D 11 -35.91 17.47 -10.57
C GLU D 11 -35.84 18.47 -9.44
N TRP D 12 -36.54 19.59 -9.59
CA TRP D 12 -36.67 20.56 -8.52
C TRP D 12 -38.03 20.48 -7.89
N ILE D 13 -38.06 20.17 -6.60
CA ILE D 13 -39.28 19.82 -5.91
C ILE D 13 -39.46 20.53 -4.58
N ASP D 14 -40.72 20.66 -4.16
CA ASP D 14 -41.10 21.32 -2.92
C ASP D 14 -41.06 20.35 -1.77
N ALA D 15 -40.80 20.87 -0.58
CA ALA D 15 -40.98 20.09 0.63
C ALA D 15 -42.42 19.64 0.68
N SER D 16 -42.69 18.40 1.05
CA SER D 16 -44.06 17.91 1.05
C SER D 16 -44.90 18.55 2.14
N ASN D 17 -44.24 19.06 3.19
CA ASN D 17 -44.98 19.70 4.28
C ASN D 17 -45.36 21.13 3.93
N GLY D 18 -44.86 21.61 2.80
CA GLY D 18 -45.22 22.92 2.30
C GLY D 18 -44.51 24.08 2.96
N GLN D 19 -43.56 23.78 3.84
CA GLN D 19 -42.91 24.82 4.64
C GLN D 19 -41.67 25.37 3.97
N THR D 20 -41.43 26.65 4.19
CA THR D 20 -40.28 27.33 3.64
C THR D 20 -39.72 28.22 4.71
N GLU D 21 -38.55 28.76 4.45
CA GLU D 21 -37.74 29.39 5.48
C GLU D 21 -36.85 30.38 4.80
N PRO D 22 -36.67 31.56 5.39
CA PRO D 22 -35.80 32.56 4.79
C PRO D 22 -34.31 32.31 5.02
N VAL D 23 -33.45 32.79 4.13
CA VAL D 23 -32.01 32.76 4.37
C VAL D 23 -31.50 34.18 4.55
N VAL D 24 -30.87 34.44 5.69
CA VAL D 24 -30.56 35.82 6.05
C VAL D 24 -29.07 36.10 6.05
N SER D 25 -28.67 37.17 5.37
CA SER D 25 -27.28 37.60 5.35
C SER D 25 -26.84 38.15 6.69
N PRO D 26 -25.67 37.71 7.18
CA PRO D 26 -25.16 38.18 8.46
C PRO D 26 -24.47 39.52 8.32
N ILE D 27 -24.32 39.98 7.09
CA ILE D 27 -23.71 41.28 6.83
C ILE D 27 -24.69 42.41 7.14
N ASN D 28 -25.92 42.29 6.64
CA ASN D 28 -26.91 43.36 6.79
C ASN D 28 -28.32 42.88 7.09
N GLU D 29 -28.47 41.62 7.48
CA GLU D 29 -29.77 41.03 7.84
C GLU D 29 -30.81 41.06 6.72
N GLU D 30 -30.34 41.23 5.50
CA GLU D 30 -31.19 41.19 4.31
C GLU D 30 -31.64 39.77 4.01
N VAL D 31 -32.91 39.60 3.66
CA VAL D 31 -33.40 38.28 3.27
C VAL D 31 -32.95 38.00 1.84
N LEU D 32 -32.18 36.94 1.68
CA LEU D 32 -31.57 36.66 0.39
C LEU D 32 -32.50 35.86 -0.51
N ALA D 33 -33.23 34.94 0.08
CA ALA D 33 -34.07 34.03 -0.66
C ALA D 33 -34.83 33.19 0.34
N TYR D 34 -35.67 32.30 -0.17
CA TYR D 34 -36.34 31.34 0.67
C TYR D 34 -35.97 29.93 0.23
N ILE D 35 -35.87 29.01 1.19
CA ILE D 35 -35.56 27.63 0.90
C ILE D 35 -36.68 26.73 1.39
N GLN D 36 -36.75 25.51 0.89
CA GLN D 36 -37.72 24.54 1.39
C GLN D 36 -37.29 24.15 2.79
N ASP D 37 -38.25 23.90 3.67
CA ASP D 37 -37.95 23.50 5.04
C ASP D 37 -38.65 22.18 5.37
N ALA D 38 -38.19 21.11 4.73
CA ALA D 38 -38.82 19.79 4.80
C ALA D 38 -38.62 19.05 6.12
N ASP D 39 -39.46 18.04 6.34
CA ASP D 39 -39.33 17.16 7.48
C ASP D 39 -39.20 15.71 7.02
N ALA D 40 -39.41 14.77 7.93
CA ALA D 40 -39.13 13.36 7.71
C ALA D 40 -39.98 12.71 6.63
N SER D 41 -41.03 13.39 6.20
CA SER D 41 -41.91 12.80 5.23
C SER D 41 -41.27 12.77 3.85
N ASP D 42 -40.13 13.45 3.72
CA ASP D 42 -39.44 13.51 2.45
C ASP D 42 -38.17 12.67 2.39
N ALA D 43 -37.84 11.99 3.49
CA ALA D 43 -36.58 11.25 3.58
C ALA D 43 -36.60 9.95 2.79
N GLU D 44 -37.66 9.18 2.98
CA GLU D 44 -37.84 7.92 2.28
C GLU D 44 -37.71 8.07 0.75
N ARG D 45 -38.39 9.05 0.16
CA ARG D 45 -38.37 9.17 -1.29
C ARG D 45 -37.01 9.58 -1.83
N VAL D 46 -36.41 10.62 -1.24
CA VAL D 46 -35.09 11.07 -1.67
C VAL D 46 -34.07 9.92 -1.68
N LEU D 47 -34.03 9.17 -0.58
CA LEU D 47 -33.15 8.02 -0.48
C LEU D 47 -33.55 6.93 -1.45
N ALA D 48 -34.83 6.88 -1.80
CA ALA D 48 -35.30 5.83 -2.69
C ALA D 48 -34.87 6.10 -4.12
N VAL D 49 -34.84 7.37 -4.53
CA VAL D 49 -34.35 7.70 -5.87
C VAL D 49 -32.84 7.60 -5.89
N ALA D 50 -32.18 7.93 -4.80
CA ALA D 50 -30.73 7.77 -4.70
C ALA D 50 -30.32 6.31 -4.84
N THR D 51 -30.99 5.44 -4.12
CA THR D 51 -30.79 4.01 -4.22
C THR D 51 -30.98 3.52 -5.65
N THR D 52 -31.98 4.04 -6.34
CA THR D 52 -32.24 3.61 -7.70
C THR D 52 -31.17 4.14 -8.65
N ALA D 53 -30.73 5.36 -8.42
CA ALA D 53 -29.78 5.97 -9.34
C ALA D 53 -28.40 5.35 -9.20
N GLN D 54 -28.07 4.89 -8.00
CA GLN D 54 -26.77 4.33 -7.70
C GLN D 54 -26.53 3.01 -8.41
N LYS D 55 -27.59 2.26 -8.66
CA LYS D 55 -27.45 0.94 -9.26
C LYS D 55 -26.92 1.05 -10.67
N GLU D 56 -27.32 2.11 -11.35
CA GLU D 56 -26.87 2.34 -12.71
C GLU D 56 -25.54 3.09 -12.77
N TRP D 57 -25.33 4.01 -11.83
CA TRP D 57 -24.09 4.77 -11.69
C TRP D 57 -22.90 3.85 -11.44
N ALA D 58 -23.12 2.81 -10.64
CA ALA D 58 -22.06 1.86 -10.30
C ALA D 58 -21.69 0.98 -11.50
N LYS D 59 -22.58 0.89 -12.46
CA LYS D 59 -22.35 0.09 -13.65
C LYS D 59 -21.47 0.83 -14.64
N GLN D 60 -21.33 2.14 -14.44
CA GLN D 60 -20.45 2.91 -15.29
C GLN D 60 -19.02 2.81 -14.79
N PRO D 61 -18.10 2.50 -15.70
CA PRO D 61 -16.68 2.32 -15.38
C PRO D 61 -16.11 3.54 -14.66
N ALA D 62 -15.19 3.30 -13.73
CA ALA D 62 -14.74 4.32 -12.81
C ALA D 62 -14.20 5.54 -13.51
N ARG D 63 -13.45 5.37 -14.59
CA ARG D 63 -12.89 6.54 -15.24
C ARG D 63 -13.97 7.38 -15.89
N GLN D 64 -15.08 6.77 -16.25
CA GLN D 64 -16.18 7.48 -16.85
C GLN D 64 -16.92 8.32 -15.83
N ARG D 65 -16.96 7.86 -14.59
CA ARG D 65 -17.56 8.64 -13.51
C ARG D 65 -16.64 9.80 -13.19
N ALA D 66 -15.35 9.57 -13.30
CA ALA D 66 -14.37 10.61 -13.06
C ALA D 66 -14.44 11.68 -14.14
N GLU D 67 -14.73 11.30 -15.37
CA GLU D 67 -14.86 12.28 -16.44
C GLU D 67 -16.05 13.19 -16.17
N VAL D 68 -17.18 12.62 -15.77
CA VAL D 68 -18.37 13.41 -15.48
C VAL D 68 -18.08 14.40 -14.37
N LEU D 69 -17.46 13.90 -13.30
CA LEU D 69 -17.17 14.74 -12.15
C LEU D 69 -16.08 15.79 -12.37
N ARG D 70 -15.16 15.56 -13.31
CA ARG D 70 -14.18 16.59 -13.64
C ARG D 70 -14.85 17.73 -14.37
N LYS D 71 -15.92 17.43 -15.10
CA LYS D 71 -16.66 18.43 -15.85
C LYS D 71 -17.51 19.26 -14.91
N PHE D 72 -18.11 18.59 -13.94
CA PHE D 72 -18.81 19.22 -12.85
C PHE D 72 -17.91 20.21 -12.11
N ALA D 73 -16.70 19.75 -11.82
CA ALA D 73 -15.78 20.53 -11.01
C ALA D 73 -15.34 21.77 -11.75
N GLN D 74 -15.18 21.65 -13.07
CA GLN D 74 -14.81 22.79 -13.88
C GLN D 74 -15.96 23.79 -13.98
N LEU D 75 -17.18 23.28 -14.16
CA LEU D 75 -18.37 24.11 -14.26
C LEU D 75 -18.52 25.00 -13.04
N ILE D 76 -18.29 24.42 -11.86
CA ILE D 76 -18.29 25.15 -10.61
C ILE D 76 -17.25 26.27 -10.68
N ARG D 77 -16.09 25.94 -11.19
CA ARG D 77 -14.99 26.89 -11.30
C ARG D 77 -15.32 28.01 -12.30
N ASP D 78 -16.00 27.65 -13.39
CA ASP D 78 -16.44 28.65 -14.36
C ASP D 78 -17.37 29.64 -13.69
N ASN D 79 -18.10 29.19 -12.68
CA ASN D 79 -19.10 30.02 -12.02
C ASN D 79 -18.64 30.59 -10.68
N LYS D 80 -17.33 30.65 -10.48
CA LYS D 80 -16.72 31.00 -9.20
C LYS D 80 -17.12 32.37 -8.67
N GLN D 81 -17.41 33.32 -9.54
CA GLN D 81 -17.69 34.68 -9.11
C GLN D 81 -19.07 34.77 -8.47
N TYR D 82 -20.07 34.19 -9.13
CA TYR D 82 -21.41 34.15 -8.60
C TYR D 82 -21.49 33.40 -7.29
N LEU D 83 -20.79 32.27 -7.22
CA LEU D 83 -20.85 31.38 -6.07
C LEU D 83 -20.09 31.96 -4.89
N ALA D 84 -19.00 32.66 -5.16
CA ALA D 84 -18.24 33.26 -4.06
C ALA D 84 -19.00 34.44 -3.50
N GLU D 85 -19.57 35.26 -4.36
CA GLU D 85 -20.33 36.41 -3.92
C GLU D 85 -21.58 35.98 -3.15
N LEU D 86 -22.11 34.81 -3.51
CA LEU D 86 -23.23 34.24 -2.80
C LEU D 86 -22.81 33.77 -1.42
N LEU D 87 -21.67 33.09 -1.33
CA LEU D 87 -21.14 32.65 -0.05
C LEU D 87 -20.85 33.83 0.85
N VAL D 88 -20.27 34.89 0.29
CA VAL D 88 -19.98 36.07 1.09
C VAL D 88 -21.27 36.58 1.72
N LYS D 89 -22.36 36.55 0.97
CA LYS D 89 -23.64 37.08 1.41
C LYS D 89 -24.38 36.19 2.42
N GLU D 90 -24.47 34.89 2.17
CA GLU D 90 -25.28 34.03 3.04
C GLU D 90 -24.54 33.60 4.30
N GLN D 91 -23.21 33.62 4.26
CA GLN D 91 -22.40 33.07 5.35
C GLN D 91 -21.54 34.14 6.01
N GLY D 92 -20.99 35.04 5.20
CA GLY D 92 -20.32 36.21 5.73
C GLY D 92 -18.81 36.20 5.71
N LYS D 93 -18.22 35.24 5.01
CA LYS D 93 -16.77 35.15 4.92
C LYS D 93 -16.24 36.19 3.98
N LEU D 94 -14.98 36.57 4.18
CA LEU D 94 -14.31 37.48 3.27
C LEU D 94 -14.36 36.96 1.83
N LEU D 95 -14.25 37.86 0.86
CA LEU D 95 -14.36 37.49 -0.55
C LEU D 95 -13.23 36.59 -1.02
N LYS D 96 -11.99 36.91 -0.69
CA LYS D 96 -10.89 36.09 -1.16
C LYS D 96 -10.92 34.71 -0.50
N VAL D 97 -11.50 34.65 0.68
CA VAL D 97 -11.73 33.38 1.34
C VAL D 97 -12.86 32.60 0.67
N ALA D 98 -13.89 33.31 0.24
CA ALA D 98 -14.98 32.70 -0.49
C ALA D 98 -14.48 32.11 -1.80
N LEU D 99 -13.62 32.85 -2.50
CA LEU D 99 -13.03 32.37 -3.75
C LEU D 99 -12.19 31.11 -3.57
N GLY D 100 -11.42 31.08 -2.49
CA GLY D 100 -10.71 29.88 -2.09
C GLY D 100 -11.65 28.72 -1.83
N GLU D 101 -12.77 29.00 -1.20
CA GLU D 101 -13.72 27.95 -0.89
C GLU D 101 -14.40 27.43 -2.15
N VAL D 102 -14.67 28.29 -3.10
CA VAL D 102 -15.27 27.82 -4.33
C VAL D 102 -14.22 27.00 -5.05
N GLU D 103 -13.00 27.50 -5.06
CA GLU D 103 -11.88 26.76 -5.64
C GLU D 103 -11.71 25.41 -4.96
N ALA D 104 -11.69 25.39 -3.64
CA ALA D 104 -11.54 24.13 -2.92
C ALA D 104 -12.67 23.15 -3.21
N THR D 105 -13.89 23.65 -3.38
CA THR D 105 -15.02 22.80 -3.76
C THR D 105 -14.66 22.03 -5.02
N SER D 106 -14.09 22.71 -6.00
CA SER D 106 -13.65 22.07 -7.24
C SER D 106 -12.50 21.08 -7.01
N THR D 107 -11.50 21.48 -6.22
CA THR D 107 -10.29 20.66 -6.12
C THR D 107 -10.52 19.43 -5.24
N PHE D 108 -11.47 19.51 -4.31
CA PHE D 108 -11.91 18.32 -3.58
C PHE D 108 -12.46 17.26 -4.54
N ILE D 109 -13.24 17.68 -5.51
CA ILE D 109 -13.77 16.75 -6.51
C ILE D 109 -12.68 16.22 -7.43
N GLU D 110 -11.75 17.08 -7.81
CA GLU D 110 -10.70 16.74 -8.74
C GLU D 110 -9.69 15.77 -8.12
N TYR D 111 -9.37 15.97 -6.84
CA TYR D 111 -8.53 15.02 -6.12
C TYR D 111 -9.17 13.64 -6.06
N ALA D 112 -10.44 13.59 -5.71
CA ALA D 112 -11.16 12.33 -5.63
C ALA D 112 -11.16 11.64 -6.98
N CYS D 113 -11.16 12.44 -8.04
CA CYS D 113 -11.11 11.91 -9.40
C CYS D 113 -9.78 11.27 -9.72
N ASP D 114 -8.71 11.77 -9.11
CA ASP D 114 -7.40 11.16 -9.25
C ASP D 114 -7.42 9.70 -8.80
N TRP D 115 -8.30 9.39 -7.85
CA TRP D 115 -8.39 8.06 -7.25
C TRP D 115 -9.22 7.08 -8.07
N ALA D 116 -9.81 7.54 -9.17
CA ALA D 116 -10.75 6.73 -9.94
C ALA D 116 -10.24 5.36 -10.36
N ARG D 117 -9.01 5.25 -10.83
CA ARG D 117 -8.49 3.99 -11.27
C ARG D 117 -7.51 3.38 -10.30
N GLN D 118 -7.50 3.89 -9.09
CA GLN D 118 -6.61 3.45 -8.07
C GLN D 118 -7.27 2.79 -6.88
N MET D 119 -8.53 2.43 -7.02
CA MET D 119 -9.37 1.74 -6.06
C MET D 119 -9.06 0.25 -6.08
N ASP D 120 -7.84 -0.11 -5.74
CA ASP D 120 -7.36 -1.51 -5.84
C ASP D 120 -7.82 -2.45 -4.74
N GLY D 121 -8.27 -3.63 -5.14
CA GLY D 121 -8.52 -4.70 -4.20
C GLY D 121 -7.32 -5.61 -4.04
N ASP D 122 -7.42 -6.60 -3.16
CA ASP D 122 -6.24 -7.40 -2.84
C ASP D 122 -6.34 -8.87 -3.23
N ILE D 123 -5.26 -9.41 -3.79
CA ILE D 123 -5.15 -10.83 -4.01
C ILE D 123 -4.30 -11.41 -2.90
N VAL D 124 -4.95 -12.14 -2.00
CA VAL D 124 -4.28 -12.62 -0.82
C VAL D 124 -3.84 -14.09 -0.93
N LYS D 125 -2.63 -14.39 -0.48
CA LYS D 125 -2.10 -15.74 -0.54
C LYS D 125 -2.79 -16.63 0.50
N SER D 126 -3.36 -17.72 0.02
CA SER D 126 -4.08 -18.67 0.86
C SER D 126 -3.18 -19.74 1.50
N ASP D 127 -3.62 -20.26 2.64
CA ASP D 127 -2.90 -21.33 3.32
C ASP D 127 -3.10 -22.66 2.63
N ASN D 128 -4.14 -22.73 1.81
CA ASN D 128 -4.47 -23.95 1.11
C ASN D 128 -4.05 -23.84 -0.34
N ALA D 129 -3.69 -24.97 -0.93
CA ALA D 129 -3.30 -24.94 -2.32
C ALA D 129 -4.54 -24.93 -3.19
N ASN D 130 -4.40 -24.33 -4.36
CA ASN D 130 -5.49 -24.16 -5.33
C ASN D 130 -6.69 -23.47 -4.73
N GLU D 131 -6.41 -22.39 -4.03
CA GLU D 131 -7.45 -21.53 -3.51
C GLU D 131 -7.03 -20.08 -3.69
N GLN D 132 -7.99 -19.23 -4.04
CA GLN D 132 -7.73 -17.80 -4.14
C GLN D 132 -8.54 -17.07 -3.11
N ILE D 133 -7.96 -16.02 -2.54
CA ILE D 133 -8.70 -15.14 -1.64
C ILE D 133 -8.70 -13.73 -2.25
N MET D 134 -9.87 -13.26 -2.59
CA MET D 134 -10.03 -11.97 -3.24
C MET D 134 -10.66 -10.98 -2.29
N ILE D 135 -10.07 -9.82 -2.12
CA ILE D 135 -10.77 -8.78 -1.40
C ILE D 135 -11.04 -7.67 -2.40
N HIS D 136 -12.26 -7.66 -2.94
CA HIS D 136 -12.69 -6.65 -3.89
C HIS D 136 -13.13 -5.38 -3.18
N LYS D 137 -13.05 -4.25 -3.86
CA LYS D 137 -13.57 -2.99 -3.31
C LYS D 137 -14.78 -2.57 -4.11
N ILE D 138 -15.91 -2.38 -3.44
CA ILE D 138 -17.16 -2.09 -4.12
C ILE D 138 -17.78 -0.82 -3.59
N PRO D 139 -18.83 -0.32 -4.26
CA PRO D 139 -19.51 0.82 -3.62
C PRO D 139 -20.32 0.41 -2.40
N ARG D 140 -20.47 1.34 -1.47
CA ARG D 140 -21.37 1.15 -0.35
C ARG D 140 -22.86 1.19 -0.70
N GLY D 141 -23.22 2.10 -1.60
CA GLY D 141 -24.62 2.37 -1.87
C GLY D 141 -24.95 3.85 -1.77
N VAL D 142 -25.68 4.27 -0.74
CA VAL D 142 -26.09 5.67 -0.60
C VAL D 142 -25.38 6.35 0.56
N VAL D 143 -24.83 7.52 0.29
CA VAL D 143 -24.16 8.32 1.30
C VAL D 143 -25.02 9.51 1.68
N VAL D 144 -25.26 9.71 2.97
CA VAL D 144 -25.88 10.92 3.44
C VAL D 144 -24.79 11.88 3.94
N ALA D 145 -24.71 13.04 3.31
CA ALA D 145 -23.74 14.06 3.68
C ALA D 145 -24.41 15.26 4.32
N ILE D 146 -24.03 15.57 5.56
CA ILE D 146 -24.48 16.73 6.32
C ILE D 146 -23.38 17.77 6.44
N THR D 147 -23.61 18.98 5.97
CA THR D 147 -22.55 19.97 5.95
C THR D 147 -22.86 21.13 6.89
N ALA D 148 -21.84 21.92 7.22
CA ALA D 148 -21.98 22.94 8.24
C ALA D 148 -21.91 24.33 7.63
N TRP D 149 -22.18 25.35 8.44
CA TRP D 149 -22.26 26.70 7.92
C TRP D 149 -20.97 27.49 7.95
N ASN D 150 -19.85 26.82 8.20
CA ASN D 150 -18.55 27.49 8.20
C ASN D 150 -17.93 27.47 6.79
N PHE D 151 -18.00 26.34 6.13
CA PHE D 151 -17.57 26.19 4.75
C PHE D 151 -18.53 25.30 3.99
N PRO D 152 -19.78 25.75 3.79
CA PRO D 152 -20.84 24.90 3.28
C PRO D 152 -20.58 24.35 1.87
N LEU D 153 -19.93 25.11 1.02
CA LEU D 153 -19.71 24.64 -0.33
C LEU D 153 -18.51 23.67 -0.35
N ALA D 154 -17.40 24.05 0.28
CA ALA D 154 -16.23 23.18 0.29
C ALA D 154 -16.53 21.85 0.95
N LEU D 155 -17.31 21.87 2.01
CA LEU D 155 -17.66 20.65 2.70
C LEU D 155 -18.50 19.75 1.80
N ALA D 156 -19.22 20.33 0.86
CA ALA D 156 -20.02 19.52 -0.04
C ALA D 156 -19.12 18.86 -1.08
N GLY D 157 -18.18 19.61 -1.62
CA GLY D 157 -17.24 19.05 -2.56
C GLY D 157 -16.40 17.97 -1.91
N ARG D 158 -16.06 18.18 -0.65
CA ARG D 158 -15.27 17.23 0.12
C ARG D 158 -15.95 15.90 0.24
N LYS D 159 -17.26 15.86 0.06
CA LYS D 159 -18.01 14.63 0.26
C LYS D 159 -18.58 14.13 -1.04
N ILE D 160 -19.03 15.06 -1.89
CA ILE D 160 -19.60 14.71 -3.17
C ILE D 160 -18.56 14.00 -3.99
N GLY D 161 -17.37 14.57 -3.98
CA GLY D 161 -16.22 14.06 -4.71
C GLY D 161 -16.00 12.58 -4.49
N PRO D 162 -15.47 12.22 -3.32
CA PRO D 162 -15.14 10.85 -2.96
C PRO D 162 -16.31 9.91 -3.13
N ALA D 163 -17.49 10.34 -2.70
CA ALA D 163 -18.64 9.45 -2.71
C ALA D 163 -18.97 9.01 -4.12
N LEU D 164 -19.09 9.97 -5.03
CA LEU D 164 -19.51 9.69 -6.38
C LEU D 164 -18.43 8.93 -7.21
N VAL D 165 -17.16 9.29 -7.08
CA VAL D 165 -16.10 8.56 -7.78
C VAL D 165 -16.05 7.08 -7.35
N ALA D 166 -16.22 6.82 -6.05
CA ALA D 166 -16.31 5.48 -5.50
C ALA D 166 -17.55 4.70 -5.92
N GLY D 167 -18.46 5.30 -6.66
CA GLY D 167 -19.60 4.57 -7.21
C GLY D 167 -20.87 4.64 -6.37
N ASN D 168 -20.91 5.55 -5.41
CA ASN D 168 -22.09 5.78 -4.60
C ASN D 168 -22.99 6.87 -5.20
N SER D 169 -24.23 6.95 -4.72
CA SER D 169 -25.03 8.13 -4.94
C SER D 169 -24.94 8.91 -3.66
N ILE D 170 -25.36 10.16 -3.65
CA ILE D 170 -25.24 10.95 -2.43
C ILE D 170 -26.49 11.80 -2.21
N VAL D 171 -26.85 12.01 -0.95
CA VAL D 171 -27.90 12.94 -0.61
C VAL D 171 -27.28 14.01 0.28
N VAL D 172 -27.26 15.25 -0.18
CA VAL D 172 -26.63 16.31 0.58
C VAL D 172 -27.67 17.17 1.29
N LYS D 173 -27.47 17.38 2.59
CA LYS D 173 -28.35 18.24 3.36
C LYS D 173 -27.53 19.35 3.94
N PRO D 174 -27.35 20.43 3.17
CA PRO D 174 -26.64 21.60 3.69
C PRO D 174 -27.42 22.23 4.81
N THR D 175 -26.75 22.77 5.81
CA THR D 175 -27.43 23.40 6.92
C THR D 175 -28.30 24.54 6.41
N SER D 176 -29.49 24.69 6.97
CA SER D 176 -30.43 25.69 6.49
C SER D 176 -29.88 27.11 6.62
N GLU D 177 -28.93 27.29 7.52
CA GLU D 177 -28.39 28.61 7.76
C GLU D 177 -27.66 29.20 6.54
N THR D 178 -27.02 28.37 5.77
CA THR D 178 -26.30 28.77 4.58
C THR D 178 -26.40 27.70 3.52
N PRO D 179 -27.58 27.64 2.80
CA PRO D 179 -27.63 26.58 1.81
C PRO D 179 -27.70 27.00 0.37
N LEU D 180 -27.59 28.28 0.05
CA LEU D 180 -27.79 28.73 -1.30
C LEU D 180 -26.82 28.40 -2.34
N ALA D 181 -25.57 28.52 -2.01
CA ALA D 181 -24.48 28.20 -2.91
C ALA D 181 -24.43 26.71 -3.15
N THR D 182 -24.84 25.93 -2.17
CA THR D 182 -24.85 24.50 -2.30
C THR D 182 -25.98 24.05 -3.23
N LEU D 183 -27.12 24.72 -3.12
CA LEU D 183 -28.25 24.36 -3.94
C LEU D 183 -28.01 24.70 -5.41
N GLU D 184 -27.18 25.72 -5.63
CA GLU D 184 -26.82 26.16 -6.96
C GLU D 184 -26.06 25.08 -7.72
N LEU D 185 -25.43 24.18 -6.99
CA LEU D 185 -24.71 23.07 -7.59
C LEU D 185 -25.63 22.13 -8.34
N GLY D 186 -26.90 22.11 -7.97
CA GLY D 186 -27.84 21.22 -8.61
C GLY D 186 -28.05 21.55 -10.07
N TYR D 187 -27.94 22.83 -10.40
CA TYR D 187 -28.04 23.25 -11.80
C TYR D 187 -26.80 22.82 -12.54
N LEU D 188 -25.66 22.94 -11.87
CA LEU D 188 -24.38 22.59 -12.48
C LEU D 188 -24.24 21.09 -12.70
N ALA D 189 -24.88 20.28 -11.87
CA ALA D 189 -24.83 18.85 -12.04
C ALA D 189 -25.58 18.44 -13.29
N GLU D 190 -26.68 19.14 -13.55
CA GLU D 190 -27.45 19.01 -14.79
C GLU D 190 -26.60 19.26 -16.03
N GLN D 191 -25.84 20.34 -16.01
CA GLN D 191 -24.97 20.70 -17.11
C GLN D 191 -23.80 19.74 -17.28
N ALA D 192 -23.34 19.14 -16.19
CA ALA D 192 -22.20 18.24 -16.24
C ALA D 192 -22.58 16.84 -16.70
N GLY D 193 -23.86 16.54 -16.64
CA GLY D 193 -24.33 15.24 -17.06
C GLY D 193 -24.33 14.21 -15.96
N ILE D 194 -24.26 14.66 -14.70
CA ILE D 194 -24.42 13.76 -13.58
C ILE D 194 -25.83 13.20 -13.62
N PRO D 195 -25.95 11.87 -13.72
CA PRO D 195 -27.30 11.33 -13.93
C PRO D 195 -28.29 11.67 -12.82
N ALA D 196 -29.55 11.79 -13.19
CA ALA D 196 -30.60 12.14 -12.26
C ALA D 196 -30.61 11.21 -11.06
N GLY D 197 -30.50 11.78 -9.87
CA GLY D 197 -30.61 11.01 -8.64
C GLY D 197 -29.31 10.55 -8.00
N VAL D 198 -28.18 10.78 -8.66
CA VAL D 198 -26.88 10.43 -8.09
C VAL D 198 -26.41 11.54 -7.15
N LEU D 199 -26.73 12.78 -7.48
CA LEU D 199 -26.52 13.88 -6.56
C LEU D 199 -27.85 14.57 -6.22
N ASN D 200 -28.29 14.43 -4.97
CA ASN D 200 -29.49 15.08 -4.49
C ASN D 200 -29.17 16.10 -3.40
N ILE D 201 -29.93 17.17 -3.33
CA ILE D 201 -29.68 18.24 -2.36
C ILE D 201 -30.97 18.67 -1.71
N VAL D 202 -31.11 18.42 -0.41
CA VAL D 202 -32.33 18.72 0.32
C VAL D 202 -32.05 19.64 1.49
N THR D 203 -33.05 20.40 1.93
CA THR D 203 -32.93 21.29 3.08
C THR D 203 -34.11 21.09 3.99
N GLY D 204 -33.93 21.37 5.28
CA GLY D 204 -34.99 21.11 6.22
C GLY D 204 -34.54 20.97 7.65
N GLY D 205 -35.31 20.21 8.41
CA GLY D 205 -35.15 20.15 9.85
C GLY D 205 -34.09 19.17 10.23
N GLY D 206 -33.18 19.61 11.09
CA GLY D 206 -32.15 18.74 11.61
C GLY D 206 -32.70 17.56 12.38
N ARG D 207 -33.65 17.82 13.26
CA ARG D 207 -34.21 16.78 14.10
C ARG D 207 -35.29 15.98 13.37
N THR D 208 -35.77 16.51 12.25
CA THR D 208 -36.81 15.83 11.48
C THR D 208 -36.27 15.20 10.21
N LEU D 209 -36.01 16.01 9.19
CA LEU D 209 -35.41 15.49 7.96
C LEU D 209 -34.07 14.84 8.19
N GLY D 210 -33.19 15.57 8.86
CA GLY D 210 -31.83 15.13 9.08
C GLY D 210 -31.79 13.78 9.74
N ASN D 211 -32.47 13.68 10.88
CA ASN D 211 -32.40 12.50 11.71
C ASN D 211 -32.95 11.29 10.99
N GLU D 212 -34.00 11.48 10.21
CA GLU D 212 -34.62 10.38 9.50
C GLU D 212 -33.65 9.78 8.48
N LEU D 213 -32.82 10.66 7.91
CA LEU D 213 -31.89 10.27 6.85
C LEU D 213 -30.72 9.48 7.40
N VAL D 214 -30.12 9.95 8.49
CA VAL D 214 -28.94 9.31 9.00
C VAL D 214 -29.24 7.93 9.59
N GLY D 215 -30.49 7.68 9.93
CA GLY D 215 -30.83 6.41 10.57
C GLY D 215 -31.52 5.42 9.67
N HIS D 216 -31.74 5.82 8.44
CA HIS D 216 -32.60 5.07 7.54
C HIS D 216 -31.94 3.76 7.10
N ARG D 217 -32.74 2.77 6.74
CA ARG D 217 -32.18 1.50 6.31
C ARG D 217 -31.54 1.65 4.95
N MET D 218 -31.86 2.71 4.22
CA MET D 218 -31.34 2.86 2.87
C MET D 218 -30.07 3.68 2.86
N THR D 219 -29.70 4.20 4.02
CA THR D 219 -28.46 4.94 4.13
C THR D 219 -27.33 4.00 4.52
N ASN D 220 -26.26 3.99 3.74
CA ASN D 220 -25.14 3.11 3.98
C ASN D 220 -23.98 3.83 4.64
N MET D 221 -23.96 5.14 4.52
CA MET D 221 -22.89 5.91 5.14
C MET D 221 -23.34 7.31 5.43
N VAL D 222 -22.92 7.85 6.55
CA VAL D 222 -23.15 9.25 6.82
C VAL D 222 -21.81 9.95 6.99
N SER D 223 -21.59 10.98 6.20
CA SER D 223 -20.42 11.83 6.41
C SER D 223 -20.92 13.18 6.84
N MET D 224 -20.50 13.64 8.02
CA MET D 224 -21.10 14.83 8.59
C MET D 224 -20.09 15.76 9.24
N THR D 225 -20.32 17.07 9.11
CA THR D 225 -19.52 18.07 9.80
C THR D 225 -20.43 18.95 10.65
N GLY D 226 -20.03 19.22 11.88
CA GLY D 226 -20.88 19.97 12.80
C GLY D 226 -20.48 19.90 14.26
N SER D 227 -21.45 19.99 15.15
CA SER D 227 -21.18 20.05 16.59
C SER D 227 -21.10 18.68 17.21
N THR D 228 -20.39 18.58 18.32
CA THR D 228 -20.23 17.29 18.99
C THR D 228 -21.57 16.65 19.37
N PRO D 229 -22.51 17.42 19.96
CA PRO D 229 -23.80 16.76 20.23
C PRO D 229 -24.51 16.27 18.98
N ALA D 230 -24.56 17.10 17.94
CA ALA D 230 -25.24 16.71 16.73
C ALA D 230 -24.64 15.43 16.15
N GLY D 231 -23.32 15.28 16.32
CA GLY D 231 -22.63 14.10 15.88
C GLY D 231 -23.01 12.89 16.72
N GLN D 232 -23.12 13.09 18.03
CA GLN D 232 -23.50 12.00 18.93
C GLN D 232 -24.88 11.43 18.55
N SER D 233 -25.78 12.31 18.15
CA SER D 233 -27.10 11.91 17.71
C SER D 233 -27.06 11.07 16.43
N ILE D 234 -26.05 11.31 15.61
CA ILE D 234 -25.93 10.55 14.36
C ILE D 234 -25.40 9.15 14.66
N ILE D 235 -24.43 9.05 15.55
CA ILE D 235 -23.93 7.74 15.95
C ILE D 235 -25.04 6.89 16.56
N ARG D 236 -25.82 7.46 17.48
CA ARG D 236 -26.95 6.73 18.07
C ARG D 236 -27.92 6.25 17.01
N ALA D 237 -28.19 7.11 16.02
CA ALA D 237 -29.05 6.74 14.93
C ALA D 237 -28.48 5.60 14.10
N SER D 238 -27.15 5.54 14.00
CA SER D 238 -26.50 4.55 13.13
C SER D 238 -26.68 3.13 13.62
N ALA D 239 -27.13 3.00 14.85
CA ALA D 239 -27.39 1.69 15.43
C ALA D 239 -28.52 1.00 14.69
N ASN D 240 -29.31 1.77 13.97
CA ASN D 240 -30.48 1.22 13.33
C ASN D 240 -30.16 0.65 11.94
N ASN D 241 -29.11 1.17 11.30
CA ASN D 241 -28.76 0.72 9.96
C ASN D 241 -27.29 0.32 9.81
N MET D 242 -26.51 0.54 10.85
CA MET D 242 -25.10 0.16 10.89
C MET D 242 -24.33 0.80 9.76
N ALA D 243 -24.79 1.98 9.38
CA ALA D 243 -24.08 2.81 8.43
C ALA D 243 -22.69 3.12 8.96
N HIS D 244 -21.72 3.23 8.04
CA HIS D 244 -20.42 3.77 8.39
C HIS D 244 -20.58 5.28 8.62
N VAL D 245 -19.90 5.79 9.62
CA VAL D 245 -20.12 7.14 10.10
C VAL D 245 -18.80 7.91 10.15
N GLN D 246 -18.79 9.09 9.57
CA GLN D 246 -17.57 9.87 9.43
C GLN D 246 -17.86 11.27 9.90
N LEU D 247 -17.39 11.64 11.08
CA LEU D 247 -17.78 12.90 11.70
C LEU D 247 -16.62 13.84 11.97
N GLU D 248 -16.78 15.11 11.59
CA GLU D 248 -15.87 16.14 12.02
C GLU D 248 -16.65 17.06 12.96
N LEU D 249 -16.26 17.09 14.22
CA LEU D 249 -17.07 17.74 15.24
C LEU D 249 -16.31 18.87 15.94
N GLY D 250 -16.51 19.00 17.24
CA GLY D 250 -15.90 20.08 17.99
C GLY D 250 -14.39 20.04 18.03
N GLY D 251 -13.79 21.15 18.40
CA GLY D 251 -12.35 21.22 18.54
C GLY D 251 -12.01 22.31 19.51
N LYS D 252 -10.83 22.25 20.09
CA LYS D 252 -10.38 23.25 21.03
C LYS D 252 -8.87 23.31 20.93
N ALA D 253 -8.38 23.54 19.71
CA ALA D 253 -6.97 23.42 19.37
C ALA D 253 -6.08 24.41 20.11
N PRO D 254 -5.08 23.89 20.82
CA PRO D 254 -4.07 24.72 21.48
C PRO D 254 -3.03 25.26 20.50
N PHE D 255 -2.61 26.50 20.69
CA PHE D 255 -1.49 27.05 19.95
C PHE D 255 -0.35 27.30 20.92
N ILE D 256 0.73 26.56 20.76
CA ILE D 256 1.80 26.56 21.74
C ILE D 256 3.04 27.31 21.27
N VAL D 257 3.51 28.24 22.09
CA VAL D 257 4.68 29.02 21.77
C VAL D 257 5.80 28.71 22.74
N MET D 258 6.75 27.88 22.30
CA MET D 258 7.84 27.47 23.17
C MET D 258 8.88 28.58 23.31
N GLU D 259 9.85 28.37 24.18
CA GLU D 259 10.83 29.39 24.53
C GLU D 259 11.70 29.77 23.33
N ASP D 260 11.85 28.84 22.39
CA ASP D 260 12.72 29.06 21.24
C ASP D 260 11.95 29.28 19.95
N ALA D 261 10.71 29.74 20.07
CA ALA D 261 9.94 30.02 18.87
C ALA D 261 10.44 31.25 18.16
N ASP D 262 10.30 31.28 16.83
CA ASP D 262 10.40 32.52 16.07
C ASP D 262 9.13 33.28 16.39
N LEU D 263 9.27 34.41 17.10
CA LEU D 263 8.13 35.10 17.65
C LEU D 263 7.28 35.81 16.60
N GLU D 264 7.93 36.48 15.66
CA GLU D 264 7.22 37.16 14.59
C GLU D 264 6.43 36.15 13.77
N GLN D 265 7.06 35.03 13.42
CA GLN D 265 6.39 33.98 12.66
C GLN D 265 5.27 33.35 13.48
N ALA D 266 5.52 33.13 14.77
CA ALA D 266 4.56 32.48 15.64
C ALA D 266 3.36 33.36 15.88
N ALA D 267 3.58 34.67 15.96
CA ALA D 267 2.47 35.58 16.22
C ALA D 267 1.58 35.65 14.99
N ALA D 268 2.19 35.61 13.81
CA ALA D 268 1.45 35.65 12.55
C ALA D 268 0.63 34.38 12.38
N ALA D 269 1.17 33.26 12.84
CA ALA D 269 0.49 32.01 12.70
C ALA D 269 -0.67 31.90 13.70
N ALA D 270 -0.49 32.47 14.88
CA ALA D 270 -1.53 32.42 15.90
C ALA D 270 -2.67 33.37 15.57
N LEU D 271 -2.31 34.52 15.02
CA LEU D 271 -3.27 35.52 14.60
C LEU D 271 -4.28 34.93 13.64
N HIS D 272 -3.80 34.45 12.50
CA HIS D 272 -4.71 34.02 11.47
C HIS D 272 -5.35 32.70 11.85
N SER D 273 -4.72 31.92 12.70
CA SER D 273 -5.33 30.64 13.06
C SER D 273 -6.51 30.82 14.01
N ARG D 274 -6.49 31.86 14.83
CA ARG D 274 -7.66 32.14 15.66
C ARG D 274 -8.73 32.91 14.90
N PHE D 275 -8.32 33.81 14.02
CA PHE D 275 -9.27 34.79 13.50
C PHE D 275 -9.67 34.57 12.03
N ASP D 276 -9.14 33.51 11.41
CA ASP D 276 -9.60 33.16 10.07
C ASP D 276 -11.05 32.88 10.13
N ASN D 277 -11.79 33.32 9.13
CA ASN D 277 -13.21 33.04 9.04
C ASN D 277 -13.99 33.41 10.30
N CYS D 278 -13.55 34.46 10.98
CA CYS D 278 -14.15 34.94 12.23
C CYS D 278 -14.10 33.88 13.32
N GLY D 279 -13.10 33.01 13.27
CA GLY D 279 -12.92 31.98 14.27
C GLY D 279 -13.77 30.77 14.01
N GLN D 280 -14.59 30.84 12.98
CA GLN D 280 -15.49 29.75 12.65
C GLN D 280 -14.80 28.69 11.81
N VAL D 281 -13.74 28.10 12.35
CA VAL D 281 -13.05 26.98 11.72
C VAL D 281 -12.82 25.87 12.73
N CYS D 282 -12.96 24.62 12.28
CA CYS D 282 -12.84 23.46 13.15
C CYS D 282 -11.45 23.28 13.72
N THR D 283 -10.47 23.95 13.12
CA THR D 283 -9.06 23.77 13.47
C THR D 283 -8.45 25.04 14.06
N CYS D 284 -9.29 25.98 14.46
CA CYS D 284 -8.85 27.28 14.92
C CYS D 284 -8.01 27.22 16.17
N ASN D 285 -7.12 28.17 16.31
CA ASN D 285 -6.44 28.40 17.57
C ASN D 285 -7.49 28.86 18.58
N GLU D 286 -7.82 27.99 19.54
CA GLU D 286 -8.90 28.24 20.49
C GLU D 286 -8.40 28.56 21.88
N ARG D 287 -7.11 28.40 22.08
CA ARG D 287 -6.47 28.65 23.36
C ARG D 287 -4.98 28.68 23.14
N MET D 288 -4.34 29.77 23.54
CA MET D 288 -2.94 29.98 23.23
C MET D 288 -2.11 29.88 24.48
N TYR D 289 -1.05 29.09 24.41
CA TYR D 289 -0.13 28.93 25.53
C TYR D 289 1.19 29.56 25.17
N VAL D 290 1.69 30.44 26.03
CA VAL D 290 2.89 31.18 25.71
C VAL D 290 3.93 31.03 26.80
N HIS D 291 5.13 30.60 26.43
CA HIS D 291 6.19 30.33 27.41
C HIS D 291 6.63 31.60 28.14
N GLY D 292 6.82 31.49 29.45
CA GLY D 292 7.08 32.64 30.29
C GLY D 292 8.28 33.48 29.91
N ALA D 293 9.26 32.87 29.27
CA ALA D 293 10.46 33.58 28.88
C ALA D 293 10.23 34.57 27.74
N VAL D 294 9.26 34.27 26.88
CA VAL D 294 9.04 35.12 25.72
C VAL D 294 7.68 35.82 25.74
N TYR D 295 6.92 35.63 26.80
CA TYR D 295 5.56 36.16 26.88
C TYR D 295 5.47 37.66 26.60
N ASP D 296 6.25 38.48 27.32
CA ASP D 296 6.16 39.92 27.16
C ASP D 296 6.45 40.35 25.72
N GLU D 297 7.55 39.87 25.16
CA GLU D 297 7.92 40.22 23.79
C GLU D 297 6.96 39.64 22.76
N PHE D 298 6.58 38.37 22.90
CA PHE D 298 5.62 37.76 21.99
C PHE D 298 4.31 38.54 21.95
N MET D 299 3.78 38.89 23.12
CA MET D 299 2.50 39.56 23.20
C MET D 299 2.58 40.97 22.65
N ARG D 300 3.74 41.59 22.71
CA ARG D 300 3.91 42.90 22.11
C ARG D 300 3.66 42.80 20.60
N ILE D 301 4.22 41.76 19.99
CA ILE D 301 4.03 41.52 18.57
C ILE D 301 2.59 41.11 18.25
N PHE D 302 2.07 40.17 19.02
CA PHE D 302 0.77 39.60 18.75
C PHE D 302 -0.34 40.64 18.93
N MET D 303 -0.29 41.40 20.01
CA MET D 303 -1.31 42.40 20.27
C MET D 303 -1.18 43.56 19.31
N GLY D 304 -0.01 43.73 18.72
CA GLY D 304 0.16 44.73 17.69
C GLY D 304 -0.60 44.29 16.47
N LYS D 305 -0.62 42.98 16.26
CA LYS D 305 -1.29 42.41 15.10
C LYS D 305 -2.80 42.37 15.27
N VAL D 306 -3.30 42.15 16.48
CA VAL D 306 -4.74 42.09 16.66
C VAL D 306 -5.35 43.50 16.64
N GLU D 307 -4.61 44.50 17.10
CA GLU D 307 -5.09 45.88 17.08
C GLU D 307 -5.23 46.39 15.66
N ALA D 308 -4.60 45.70 14.72
CA ALA D 308 -4.57 46.15 13.33
C ALA D 308 -5.58 45.39 12.48
N ILE D 309 -6.25 44.42 13.08
CA ILE D 309 -7.34 43.72 12.41
C ILE D 309 -8.52 44.66 12.19
N LYS D 310 -8.87 44.87 10.93
CA LYS D 310 -10.03 45.68 10.59
C LYS D 310 -11.24 44.80 10.35
N VAL D 311 -12.29 45.06 11.12
CA VAL D 311 -13.55 44.37 10.95
C VAL D 311 -14.46 45.20 10.08
N GLY D 312 -15.08 44.61 9.09
CA GLY D 312 -15.96 45.37 8.22
C GLY D 312 -16.57 44.52 7.15
N ASP D 313 -17.10 45.18 6.14
CA ASP D 313 -17.78 44.54 5.02
C ASP D 313 -16.84 43.52 4.38
N PRO D 314 -17.27 42.26 4.34
CA PRO D 314 -16.40 41.17 3.90
C PRO D 314 -16.06 41.23 2.41
N MET D 315 -16.77 42.03 1.64
CA MET D 315 -16.46 42.18 0.22
C MET D 315 -15.27 43.07 0.02
N ASP D 316 -15.01 43.92 0.99
CA ASP D 316 -13.96 44.94 0.95
C ASP D 316 -12.61 44.32 1.33
N PRO D 317 -11.61 44.44 0.44
CA PRO D 317 -10.29 43.88 0.70
C PRO D 317 -9.61 44.44 1.93
N ALA D 318 -10.09 45.58 2.43
CA ALA D 318 -9.51 46.19 3.60
C ALA D 318 -9.98 45.49 4.88
N SER D 319 -10.98 44.62 4.75
CA SER D 319 -11.48 43.87 5.88
C SER D 319 -10.63 42.65 6.19
N ASP D 320 -10.30 42.48 7.46
CA ASP D 320 -9.49 41.36 7.87
C ASP D 320 -10.36 40.29 8.49
N MET D 321 -11.62 40.63 8.74
CA MET D 321 -12.54 39.74 9.41
C MET D 321 -13.98 40.24 9.26
N GLY D 322 -14.87 39.32 8.91
CA GLY D 322 -16.27 39.64 8.71
C GLY D 322 -17.14 39.45 9.95
N PRO D 323 -18.43 39.22 9.76
CA PRO D 323 -19.39 39.04 10.84
C PRO D 323 -19.53 37.59 11.36
N LYS D 324 -20.02 37.41 12.59
CA LYS D 324 -20.44 36.10 13.07
C LYS D 324 -21.63 35.66 12.27
N VAL D 325 -22.00 34.39 12.34
CA VAL D 325 -22.85 33.85 11.30
C VAL D 325 -24.33 34.19 11.49
N ASN D 326 -24.75 34.35 12.73
CA ASN D 326 -26.12 34.73 13.01
C ASN D 326 -26.22 35.28 14.42
N ALA D 327 -27.41 35.69 14.82
CA ALA D 327 -27.62 36.34 16.11
C ALA D 327 -27.34 35.42 17.31
N ASN D 328 -27.59 34.14 17.16
CA ASN D 328 -27.38 33.20 18.25
C ASN D 328 -25.92 32.94 18.52
N GLU D 329 -25.13 32.97 17.46
CA GLU D 329 -23.71 32.79 17.56
C GLU D 329 -23.06 34.05 18.08
N LEU D 330 -23.67 35.19 17.75
CA LEU D 330 -23.20 36.46 18.27
C LEU D 330 -23.48 36.56 19.76
N ALA D 331 -24.66 36.11 20.19
CA ALA D 331 -25.01 36.15 21.60
C ALA D 331 -24.11 35.21 22.37
N HIS D 332 -23.77 34.08 21.76
CA HIS D 332 -22.86 33.13 22.36
C HIS D 332 -21.49 33.78 22.66
N MET D 333 -21.06 34.69 21.81
CA MET D 333 -19.81 35.37 22.05
C MET D 333 -19.95 36.24 23.29
N GLU D 334 -21.11 36.86 23.46
CA GLU D 334 -21.33 37.70 24.61
C GLU D 334 -21.37 36.89 25.89
N GLU D 335 -22.02 35.73 25.88
CA GLU D 335 -22.06 34.85 27.05
C GLU D 335 -20.69 34.32 27.44
N LEU D 336 -19.84 34.03 26.46
CA LEU D 336 -18.53 33.50 26.77
C LEU D 336 -17.64 34.55 27.42
N VAL D 337 -17.70 35.78 26.92
CA VAL D 337 -16.92 36.88 27.47
C VAL D 337 -17.40 37.24 28.86
N ALA D 338 -18.71 37.31 29.03
CA ALA D 338 -19.33 37.60 30.32
C ALA D 338 -18.89 36.59 31.37
N GLU D 339 -19.04 35.31 31.03
CA GLU D 339 -18.65 34.20 31.87
C GLU D 339 -17.15 34.21 32.21
N ALA D 340 -16.34 34.56 31.22
CA ALA D 340 -14.90 34.62 31.45
C ALA D 340 -14.59 35.68 32.49
N VAL D 341 -15.24 36.82 32.33
CA VAL D 341 -15.07 37.94 33.24
C VAL D 341 -15.54 37.58 34.66
N ASP D 342 -16.66 36.88 34.77
CA ASP D 342 -17.15 36.40 36.05
C ASP D 342 -16.21 35.37 36.70
N GLU D 343 -15.47 34.63 35.88
CA GLU D 343 -14.56 33.61 36.39
C GLU D 343 -13.17 34.16 36.74
N GLY D 344 -12.91 35.42 36.43
CA GLY D 344 -11.66 36.04 36.83
C GLY D 344 -10.83 36.64 35.72
N ALA D 345 -11.20 36.36 34.48
CA ALA D 345 -10.36 36.73 33.35
C ALA D 345 -10.33 38.23 33.06
N THR D 346 -9.26 38.65 32.41
CA THR D 346 -9.12 40.03 31.96
C THR D 346 -9.31 40.09 30.46
N VAL D 347 -10.21 40.96 30.01
CA VAL D 347 -10.26 41.29 28.59
C VAL D 347 -9.10 42.23 28.29
N LEU D 348 -8.06 41.73 27.63
CA LEU D 348 -6.92 42.56 27.30
C LEU D 348 -7.23 43.45 26.10
N PHE D 349 -8.05 42.93 25.20
CA PHE D 349 -8.45 43.65 24.02
C PHE D 349 -9.82 43.15 23.59
N GLY D 350 -10.61 44.01 22.98
CA GLY D 350 -11.86 43.61 22.38
C GLY D 350 -12.95 43.36 23.39
N GLY D 351 -13.68 42.28 23.17
CA GLY D 351 -14.66 41.80 24.13
C GLY D 351 -16.00 42.45 23.94
N LYS D 352 -16.12 43.25 22.88
CA LYS D 352 -17.31 44.07 22.67
C LYS D 352 -17.94 43.75 21.33
N LYS D 353 -19.24 44.02 21.19
CA LYS D 353 -19.84 44.08 19.88
C LYS D 353 -19.31 45.32 19.19
N LEU D 354 -19.39 45.35 17.87
CA LEU D 354 -19.06 46.57 17.17
C LEU D 354 -20.34 47.34 17.00
N GLU D 355 -20.25 48.64 17.17
CA GLU D 355 -21.42 49.49 17.13
C GLU D 355 -21.12 50.78 16.37
N GLY D 356 -22.17 51.43 15.91
CA GLY D 356 -22.00 52.67 15.23
C GLY D 356 -22.47 52.48 13.83
N PRO D 357 -22.25 53.52 12.95
CA PRO D 357 -22.68 53.24 11.58
C PRO D 357 -21.79 52.12 11.06
N GLU D 358 -21.99 51.64 9.87
CA GLU D 358 -21.16 50.56 9.36
C GLU D 358 -21.57 49.31 10.07
N PHE D 359 -22.24 49.42 11.20
CA PHE D 359 -22.62 48.23 11.94
C PHE D 359 -24.02 48.20 12.46
N GLU D 360 -24.87 49.00 11.88
CA GLU D 360 -26.28 49.13 12.26
C GLU D 360 -27.04 47.82 12.12
N LYS D 361 -26.76 47.09 11.06
CA LYS D 361 -27.35 45.78 10.86
C LYS D 361 -26.22 44.77 10.67
N GLY D 362 -26.50 43.49 10.90
CA GLY D 362 -25.47 42.49 10.85
C GLY D 362 -24.90 42.15 12.22
N PHE D 363 -24.19 41.04 12.30
CA PHE D 363 -23.74 40.52 13.59
C PHE D 363 -22.25 40.59 13.76
N TRP D 364 -21.78 41.60 14.47
CA TRP D 364 -20.37 41.97 14.51
C TRP D 364 -19.76 41.89 15.89
N PHE D 365 -18.57 41.32 15.97
CA PHE D 365 -17.86 41.15 17.23
C PHE D 365 -16.37 41.43 17.07
N GLU D 366 -15.77 42.11 18.04
CA GLU D 366 -14.35 42.47 17.99
C GLU D 366 -13.45 41.30 18.27
N PRO D 367 -12.27 41.32 17.67
CA PRO D 367 -11.23 40.36 18.04
C PRO D 367 -10.97 40.44 19.53
N THR D 368 -11.04 39.32 20.24
CA THR D 368 -11.00 39.36 21.68
C THR D 368 -9.91 38.48 22.25
N VAL D 369 -9.03 39.08 23.04
CA VAL D 369 -7.95 38.37 23.71
C VAL D 369 -8.14 38.45 25.20
N LEU D 370 -8.18 37.28 25.85
CA LEU D 370 -8.33 37.22 27.29
C LEU D 370 -7.03 36.84 27.94
N THR D 371 -6.58 37.64 28.91
CA THR D 371 -5.39 37.29 29.69
C THR D 371 -5.75 37.10 31.14
N ASN D 372 -4.76 36.84 31.98
CA ASN D 372 -5.03 36.52 33.38
C ASN D 372 -5.98 35.35 33.45
N VAL D 373 -5.67 34.31 32.66
CA VAL D 373 -6.53 33.15 32.51
C VAL D 373 -5.90 31.91 33.17
N THR D 374 -6.69 31.12 33.88
CA THR D 374 -6.19 29.87 34.44
C THR D 374 -6.81 28.69 33.70
N GLN D 375 -6.10 27.56 33.70
CA GLN D 375 -6.41 26.42 32.83
C GLN D 375 -7.80 25.84 33.09
N ASP D 376 -8.30 26.04 34.29
CA ASP D 376 -9.60 25.47 34.70
C ASP D 376 -10.83 26.30 34.28
N MET D 377 -10.64 27.49 33.70
CA MET D 377 -11.75 28.33 33.25
C MET D 377 -12.48 27.77 32.05
N THR D 378 -13.77 28.06 31.97
CA THR D 378 -14.61 27.49 30.94
C THR D 378 -14.14 27.79 29.52
N ILE D 379 -13.64 29.00 29.29
CA ILE D 379 -13.23 29.42 27.96
C ILE D 379 -12.02 28.63 27.44
N VAL D 380 -11.42 27.82 28.29
CA VAL D 380 -10.32 26.98 27.89
C VAL D 380 -10.79 25.57 27.54
N HIS D 381 -12.07 25.31 27.75
CA HIS D 381 -12.60 23.97 27.56
C HIS D 381 -13.77 23.94 26.60
N GLU D 382 -14.65 24.93 26.67
CA GLU D 382 -15.71 25.02 25.67
C GLU D 382 -15.21 25.68 24.39
N GLU D 383 -15.51 25.06 23.26
CA GLU D 383 -15.22 25.63 21.94
C GLU D 383 -16.02 26.92 21.72
N SER D 384 -15.32 27.98 21.35
CA SER D 384 -15.96 29.27 21.13
C SER D 384 -16.43 29.36 19.69
N PHE D 385 -15.66 28.81 18.77
CA PHE D 385 -15.97 28.92 17.36
C PHE D 385 -16.21 30.38 17.01
N GLY D 386 -15.40 31.26 17.56
CA GLY D 386 -15.52 32.66 17.28
C GLY D 386 -14.28 33.40 17.68
N PRO D 387 -14.27 34.73 17.49
CA PRO D 387 -13.05 35.51 17.71
C PRO D 387 -12.69 35.74 19.18
N ILE D 388 -12.71 34.70 20.00
CA ILE D 388 -12.25 34.82 21.37
C ILE D 388 -11.03 33.93 21.61
N LEU D 389 -9.98 34.51 22.17
CA LEU D 389 -8.71 33.85 22.43
C LEU D 389 -8.20 34.01 23.86
N PRO D 390 -8.35 32.97 24.70
CA PRO D 390 -7.68 33.00 26.01
C PRO D 390 -6.18 32.73 25.91
N VAL D 391 -5.37 33.43 26.70
CA VAL D 391 -3.92 33.25 26.71
C VAL D 391 -3.40 32.78 28.05
N ILE D 392 -2.75 31.62 28.07
CA ILE D 392 -2.17 31.03 29.28
C ILE D 392 -0.63 31.01 29.23
N LYS D 393 0.02 31.35 30.34
CA LYS D 393 1.46 31.20 30.46
C LYS D 393 1.82 29.81 30.93
N PHE D 394 3.02 29.34 30.56
CA PHE D 394 3.52 28.09 31.11
C PHE D 394 5.03 28.21 31.21
N ASP D 395 5.68 27.27 31.91
CA ASP D 395 7.12 27.34 32.15
C ASP D 395 7.90 26.12 31.66
N SER D 396 7.22 25.05 31.29
CA SER D 396 7.89 23.87 30.78
C SER D 396 7.07 23.11 29.76
N PHE D 397 7.76 22.40 28.88
CA PHE D 397 7.13 21.57 27.89
C PHE D 397 6.16 20.60 28.54
N ASP D 398 6.59 19.96 29.62
CA ASP D 398 5.74 18.94 30.24
C ASP D 398 4.45 19.58 30.78
N GLU D 399 4.57 20.79 31.29
CA GLU D 399 3.42 21.53 31.77
C GLU D 399 2.42 21.74 30.63
N VAL D 400 2.89 22.24 29.49
CA VAL D 400 1.97 22.62 28.42
C VAL D 400 1.36 21.41 27.71
N ILE D 401 2.05 20.27 27.68
CA ILE D 401 1.46 19.05 27.14
C ILE D 401 0.27 18.62 27.98
N GLU D 402 0.37 18.79 29.29
CA GLU D 402 -0.72 18.40 30.18
C GLU D 402 -1.92 19.33 30.00
N TYR D 403 -1.66 20.62 29.87
CA TYR D 403 -2.71 21.57 29.53
C TYR D 403 -3.38 21.17 28.23
N ALA D 404 -2.59 21.03 27.18
CA ALA D 404 -3.09 20.69 25.86
C ALA D 404 -3.97 19.44 25.84
N ASN D 405 -3.57 18.42 26.59
CA ASN D 405 -4.40 17.22 26.64
C ASN D 405 -5.58 17.33 27.57
N ASP D 406 -5.57 18.34 28.43
CA ASP D 406 -6.70 18.62 29.29
C ASP D 406 -7.84 19.12 28.43
N SER D 407 -8.55 18.20 27.77
CA SER D 407 -9.54 18.58 26.80
C SER D 407 -10.44 17.42 26.40
N ASP D 408 -11.68 17.71 26.01
CA ASP D 408 -12.56 16.68 25.45
C ASP D 408 -12.38 16.59 23.96
N TYR D 409 -11.45 17.36 23.42
CA TYR D 409 -11.26 17.40 21.99
C TYR D 409 -9.82 17.12 21.63
N GLY D 410 -9.61 16.75 20.37
CA GLY D 410 -8.30 16.41 19.89
C GLY D 410 -8.22 16.40 18.38
N LEU D 411 -8.70 17.47 17.76
CA LEU D 411 -8.53 17.62 16.33
C LEU D 411 -7.19 18.30 16.06
N ALA D 412 -7.17 19.62 16.04
CA ALA D 412 -5.96 20.30 15.62
C ALA D 412 -5.13 20.72 16.79
N ALA D 413 -3.89 21.06 16.52
CA ALA D 413 -3.01 21.68 17.49
C ALA D 413 -1.88 22.32 16.74
N MET D 414 -1.31 23.36 17.32
CA MET D 414 -0.22 24.07 16.69
C MET D 414 0.91 24.22 17.69
N ILE D 415 2.14 24.18 17.22
CA ILE D 415 3.27 24.43 18.11
C ILE D 415 4.35 25.15 17.33
N CYS D 416 4.98 26.14 17.96
CA CYS D 416 6.10 26.85 17.35
C CYS D 416 7.36 26.67 18.17
N THR D 417 8.34 26.03 17.55
CA THR D 417 9.54 25.63 18.24
C THR D 417 10.58 25.23 17.22
N GLN D 418 11.85 25.30 17.59
CA GLN D 418 12.92 24.97 16.70
C GLN D 418 13.64 23.75 17.17
N ASN D 419 13.18 23.22 18.26
CA ASN D 419 13.72 22.08 18.95
C ASN D 419 13.08 20.79 18.45
N MET D 420 13.80 20.04 17.61
CA MET D 420 13.33 18.77 17.06
C MET D 420 12.83 17.78 18.10
N HIS D 421 13.43 17.81 19.29
CA HIS D 421 13.11 16.83 20.32
C HIS D 421 11.71 17.05 20.86
N TYR D 422 11.32 18.31 21.04
CA TYR D 422 9.94 18.62 21.39
C TYR D 422 9.00 18.04 20.35
N ILE D 423 9.22 18.39 19.11
CA ILE D 423 8.38 17.94 18.00
C ILE D 423 8.24 16.41 17.98
N ASN D 424 9.31 15.69 18.25
CA ASN D 424 9.24 14.24 18.20
C ASN D 424 8.39 13.71 19.33
N ARG D 425 8.52 14.32 20.49
CA ARG D 425 7.79 13.85 21.66
C ARG D 425 6.28 14.01 21.49
N LEU D 426 5.88 14.93 20.61
CA LEU D 426 4.47 15.15 20.30
C LEU D 426 3.82 13.88 19.80
N LEU D 427 4.62 13.06 19.13
CA LEU D 427 4.12 11.86 18.50
C LEU D 427 3.42 10.93 19.51
N THR D 428 4.00 10.82 20.70
CA THR D 428 3.49 9.91 21.70
C THR D 428 2.86 10.66 22.87
N GLU D 429 3.09 11.96 22.97
CA GLU D 429 2.61 12.68 24.14
C GLU D 429 1.45 13.64 23.91
N LEU D 430 1.30 14.18 22.70
CA LEU D 430 0.22 15.14 22.43
C LEU D 430 -1.00 14.49 21.80
N GLU D 431 -2.15 14.60 22.48
CA GLU D 431 -3.34 13.87 22.06
C GLU D 431 -4.20 14.64 21.07
N SER D 432 -3.58 15.04 19.97
CA SER D 432 -4.27 15.72 18.88
C SER D 432 -3.98 15.00 17.55
N GLY D 433 -4.96 14.96 16.66
CA GLY D 433 -4.80 14.25 15.41
C GLY D 433 -4.20 14.99 14.23
N GLU D 434 -4.15 16.31 14.33
CA GLU D 434 -3.65 17.14 13.26
C GLU D 434 -2.77 18.24 13.86
N ILE D 435 -1.47 18.12 13.64
CA ILE D 435 -0.50 18.98 14.30
C ILE D 435 0.28 19.82 13.31
N TYR D 436 0.32 21.13 13.54
CA TYR D 436 1.06 22.03 12.68
C TYR D 436 2.27 22.60 13.41
N VAL D 437 3.43 22.56 12.77
CA VAL D 437 4.65 23.01 13.39
C VAL D 437 5.21 24.23 12.66
N ASN D 438 5.42 25.33 13.37
CA ASN D 438 5.89 26.58 12.78
C ASN D 438 5.05 27.05 11.59
N ARG D 439 3.75 26.78 11.67
CA ARG D 439 2.76 27.37 10.77
C ARG D 439 1.40 27.30 11.44
N GLY D 440 0.40 27.94 10.86
CA GLY D 440 -0.94 27.87 11.39
C GLY D 440 -1.75 26.80 10.71
N HIS D 441 -3.06 26.77 10.95
CA HIS D 441 -3.90 25.72 10.39
C HIS D 441 -4.15 25.86 8.90
N GLY D 442 -4.85 24.88 8.36
CA GLY D 442 -5.11 24.77 6.95
C GLY D 442 -4.59 23.46 6.39
N GLU D 443 -5.49 22.52 6.19
CA GLU D 443 -5.13 21.18 5.74
C GLU D 443 -5.16 21.05 4.22
N GLN D 444 -4.59 19.95 3.70
CA GLN D 444 -4.53 19.71 2.27
C GLN D 444 -5.30 18.45 1.89
N HIS D 445 -5.82 18.41 0.67
CA HIS D 445 -6.66 17.29 0.24
C HIS D 445 -5.98 15.94 0.41
N GLN D 446 -4.67 15.89 0.27
CA GLN D 446 -3.93 14.61 0.27
C GLN D 446 -3.52 14.17 1.66
N GLY D 447 -3.88 14.92 2.69
CA GLY D 447 -3.57 14.53 4.05
C GLY D 447 -4.65 13.67 4.67
N PHE D 448 -4.63 13.56 6.00
CA PHE D 448 -5.69 12.86 6.70
C PHE D 448 -6.19 13.67 7.88
N HIS D 449 -7.40 14.19 7.74
CA HIS D 449 -8.07 15.07 8.70
C HIS D 449 -8.82 14.26 9.76
N ASN D 450 -8.24 14.13 10.94
CA ASN D 450 -8.66 13.09 11.86
C ASN D 450 -8.51 13.52 13.31
N GLY D 451 -9.62 13.64 14.02
CA GLY D 451 -9.57 14.08 15.40
C GLY D 451 -9.88 13.03 16.45
N TYR D 452 -9.18 13.11 17.57
CA TYR D 452 -9.39 12.20 18.69
C TYR D 452 -10.51 12.65 19.63
N LYS D 453 -10.80 11.82 20.63
CA LYS D 453 -11.81 12.13 21.64
C LYS D 453 -13.14 12.47 21.00
N LEU D 454 -13.73 13.61 21.38
CA LEU D 454 -15.06 13.94 20.91
C LEU D 454 -15.05 14.82 19.65
N SER D 455 -13.91 14.86 18.98
CA SER D 455 -13.82 15.62 17.74
C SER D 455 -14.31 14.82 16.54
N GLY D 456 -14.57 13.53 16.74
CA GLY D 456 -15.22 12.76 15.69
C GLY D 456 -14.81 11.32 15.50
N THR D 457 -15.18 10.79 14.35
CA THR D 457 -14.98 9.40 14.01
C THR D 457 -14.66 9.33 12.53
N GLY D 458 -13.92 8.31 12.12
CA GLY D 458 -13.64 8.10 10.71
C GLY D 458 -12.45 8.86 10.18
N GLY D 459 -12.50 10.19 10.21
CA GLY D 459 -11.47 11.01 9.61
C GLY D 459 -11.72 11.23 8.14
N GLU D 460 -11.12 12.26 7.56
CA GLU D 460 -11.50 12.66 6.22
C GLU D 460 -10.31 13.04 5.34
N ASP D 461 -10.52 12.98 4.02
CA ASP D 461 -9.53 13.35 2.99
C ASP D 461 -8.46 12.28 2.76
N GLY D 462 -7.75 12.37 1.64
CA GLY D 462 -6.61 11.53 1.38
C GLY D 462 -6.95 10.08 1.15
N LYS D 463 -5.95 9.22 1.24
CA LYS D 463 -6.11 7.78 1.02
C LYS D 463 -7.09 7.16 1.99
N TYR D 464 -6.98 7.50 3.27
CA TYR D 464 -7.77 6.84 4.30
C TYR D 464 -9.15 7.44 4.41
N GLY D 465 -9.30 8.66 3.91
CA GLY D 465 -10.61 9.27 3.80
C GLY D 465 -11.37 8.66 2.65
N PHE D 466 -10.71 8.57 1.49
CA PHE D 466 -11.35 7.99 0.32
C PHE D 466 -11.78 6.54 0.58
N GLU D 467 -10.90 5.79 1.23
CA GLU D 467 -11.18 4.39 1.56
C GLU D 467 -12.54 4.15 2.19
N GLN D 468 -12.96 5.06 3.07
CA GLN D 468 -14.20 4.89 3.83
C GLN D 468 -15.45 4.92 2.97
N TYR D 469 -15.32 5.36 1.73
CA TYR D 469 -16.44 5.40 0.82
C TYR D 469 -16.57 4.09 0.08
N LEU D 470 -15.73 3.14 0.43
CA LEU D 470 -15.75 1.83 -0.21
C LEU D 470 -16.08 0.73 0.77
N GLU D 471 -16.77 -0.28 0.26
CA GLU D 471 -17.03 -1.48 1.02
C GLU D 471 -16.21 -2.61 0.41
N LYS D 472 -15.80 -3.56 1.22
CA LYS D 472 -15.01 -4.67 0.75
C LYS D 472 -15.88 -5.91 0.61
N LYS D 473 -15.53 -6.78 -0.33
CA LYS D 473 -16.19 -8.07 -0.46
C LYS D 473 -15.12 -9.13 -0.59
N THR D 474 -15.18 -10.13 0.26
CA THR D 474 -14.17 -11.18 0.32
C THR D 474 -14.65 -12.47 -0.30
N PHE D 475 -13.79 -13.08 -1.12
CA PHE D 475 -14.05 -14.37 -1.72
C PHE D 475 -13.01 -15.38 -1.33
N TYR D 476 -13.45 -16.58 -0.98
CA TYR D 476 -12.57 -17.74 -0.89
C TYR D 476 -12.96 -18.69 -2.01
N ILE D 477 -12.06 -18.93 -2.96
CA ILE D 477 -12.39 -19.80 -4.09
C ILE D 477 -11.48 -20.99 -4.20
N ASN D 478 -12.07 -22.19 -4.18
CA ASN D 478 -11.33 -23.44 -4.14
C ASN D 478 -11.32 -24.18 -5.49
N TYR D 479 -10.19 -24.82 -5.81
CA TYR D 479 -10.03 -25.59 -7.06
C TYR D 479 -9.53 -27.04 -6.89
#